data_7MY9
#
_entry.id   7MY9
#
_cell.length_a   101.932
_cell.length_b   103.094
_cell.length_c   126.906
_cell.angle_alpha   90.000
_cell.angle_beta   106.500
_cell.angle_gamma   90.000
#
_symmetry.space_group_name_H-M   'P 1 21 1'
#
loop_
_entity.id
_entity.type
_entity.pdbx_description
1 polymer 'Bifunctional protein PutA'
2 non-polymer '1,3-dithiolane-2-carboxylic acid'
3 non-polymer 'FLAVIN-ADENINE DINUCLEOTIDE'
4 non-polymer NICOTINAMIDE-ADENINE-DINUCLEOTIDE
5 non-polymer 'SULFATE ION'
6 non-polymer 'MAGNESIUM ION'
7 non-polymer 'TRIETHYLENE GLYCOL'
8 non-polymer DI(HYDROXYETHYL)ETHER
9 non-polymer 'TETRAETHYLENE GLYCOL'
10 water water
#
_entity_poly.entity_id   1
_entity_poly.type   'polypeptide(L)'
_entity_poly.pdbx_seq_one_letter_code
;SMMSPNPLQKPAIDAAPAPFADFAPPVRPQSTLRRAITAAYRRPETECLPPLVEAATQSKEIRDAAASTARKLIEALRGK
HSGSGVEGLVQEYSLSSQEGVALMCLAEALLRIPDTATRDALIRDKIADGNWKSHLGGSRSLFVNAATWGLVVTGKLTST
VNDRSLAAALTRLISRCGEPVIRRGVDMAMRMMGEQFVTGETIREALKRSKELEEKGFSYSYDMLGEAATTAADAERYYR
DYESAIHAIGKASAGRGIYEGPGISIKLSALHPRYSRAQAARVMGELLPRVKALALLAKNYDIGLNIDAEEADRLELSLD
LLEVLCLDGDLSGWNGMGFVVQAYGKRCPFVLDFIIDLARRSGRRIMVRLVKGAYWDAEIKRAQLDGLADFPVFTRKIHT
DVSYIACAAKLLAATDVVFPQFATHNAQTLAAIYHMAGKDFHVGKYEFQCLHGMGEPLYEEVVGRGKLDRPCRIYAPVGT
HETLLAYLVRRLLENGANSSFVHRINDPKVSIDELIADPVEVVRAMPVVGAKHDRIALPAELFGDARTNSAGLDLSNEET
LASLTEALRESAAMKWTALPQLATGPAAGETRTVLNPGDHRDVVGSVTETSEEDARRAVRLAADAAPDWAAVPPSERAAC
LDRAAELMQARMPTLLGLIIREAGKSALNAIAEVREAIDFLRYYAEQTRRTLGPGHGPLGPIVCISPWNFPLAIFTGQIA
AALVAGNPVLAKPAEETPLIAAEGVRILREAGIPASALQLLPGDGRVGAALVAAAETAGVMFTGSTEVARLIQAQLADRL
SPAGRPIPLIAETGGQNAMIVDSSALAEQVVGDVITSAFDSAGQRCSALRVLCLQEDVADRILTMLKGALHELHIGRTDR
LSVDVGPVITSEAKDNIEKHIERMRGLGRKVEQIGLASETGVGTFVPPTIIELEKLSDLQREVFGPVLHVIRYRRDDLDR
LVDDVNATGYGLTFGLHTRLDETIAHVTSRIKAGNLYINRNIIGAVVGVQPFGGRGLSGTGPKAGGPLYLGRLVTTAPVP
PQHSSVHTDPVLLDFAKWLDGKGARAEAEAARNAGSSSALGLDLELPGPVGERNLYTLHARGRILLVPATESGLYHQLAA
ALATGNSVAIDAASGLQASLKNLPQTVGLRVSWSKDWAADGPFAGALVEGDAERIRAVNKAIAALPGPLLLVQAASSGEI
ARNPDAYCLNWLVEEVSASINTAAAGGNASLMAIG
;
_entity_poly.pdbx_strand_id   A,B
#
# COMPACT_ATOMS: atom_id res chain seq x y z
N ALA A 16 58.58 11.14 -14.75
CA ALA A 16 57.24 11.09 -14.15
C ALA A 16 56.28 12.00 -14.91
N PRO A 17 55.14 11.46 -15.33
CA PRO A 17 54.18 12.25 -16.09
C PRO A 17 53.54 13.34 -15.23
N ALA A 18 53.27 14.49 -15.86
CA ALA A 18 52.65 15.59 -15.15
C ALA A 18 51.23 15.21 -14.74
N PRO A 19 50.79 15.60 -13.54
CA PRO A 19 49.44 15.22 -13.07
C PRO A 19 48.37 15.77 -13.99
N PHE A 20 47.44 14.90 -14.38
CA PHE A 20 46.26 15.25 -15.18
C PHE A 20 46.62 15.76 -16.57
N ALA A 21 47.86 15.57 -17.01
CA ALA A 21 48.24 16.01 -18.35
C ALA A 21 47.57 15.20 -19.44
N ASP A 22 47.06 14.01 -19.13
CA ASP A 22 46.37 13.17 -20.10
C ASP A 22 45.03 12.70 -19.56
N PHE A 23 44.33 13.58 -18.83
CA PHE A 23 43.16 13.14 -18.06
C PHE A 23 42.06 12.60 -18.96
N ALA A 24 41.61 13.40 -19.93
CA ALA A 24 40.49 12.95 -20.77
C ALA A 24 40.50 13.67 -22.11
N PRO A 25 41.59 13.61 -22.87
CA PRO A 25 41.63 14.32 -24.15
C PRO A 25 40.57 13.79 -25.09
N PRO A 26 39.90 14.66 -25.84
CA PRO A 26 38.87 14.19 -26.77
C PRO A 26 39.47 13.42 -27.94
N VAL A 27 38.64 12.56 -28.52
CA VAL A 27 39.05 11.77 -29.68
C VAL A 27 39.55 12.68 -30.80
N ARG A 28 38.89 13.81 -31.00
CA ARG A 28 39.28 14.76 -32.03
C ARG A 28 38.90 16.16 -31.56
N PRO A 29 39.53 17.20 -32.12
CA PRO A 29 39.07 18.56 -31.81
C PRO A 29 37.61 18.71 -32.18
N GLN A 30 36.88 19.42 -31.31
CA GLN A 30 35.42 19.52 -31.44
C GLN A 30 35.09 20.66 -32.39
N SER A 31 34.46 20.33 -33.52
CA SER A 31 34.02 21.31 -34.51
C SER A 31 32.90 22.18 -33.95
N THR A 32 32.62 23.28 -34.66
CA THR A 32 31.48 24.12 -34.32
C THR A 32 30.20 23.30 -34.20
N LEU A 33 29.99 22.39 -35.15
CA LEU A 33 28.78 21.57 -35.15
C LEU A 33 28.77 20.60 -33.98
N ARG A 34 29.92 19.99 -33.67
CA ARG A 34 29.97 19.08 -32.50
C ARG A 34 29.74 19.85 -31.20
N ARG A 35 30.31 21.05 -31.08
CA ARG A 35 30.11 21.81 -29.84
C ARG A 35 28.66 22.22 -29.66
N ALA A 36 27.93 22.44 -30.75
CA ALA A 36 26.52 22.78 -30.63
C ALA A 36 25.71 21.59 -30.12
N ILE A 37 26.13 20.37 -30.45
CA ILE A 37 25.52 19.17 -29.89
C ILE A 37 25.74 19.15 -28.37
N THR A 38 27.00 19.29 -27.96
CA THR A 38 27.31 19.21 -26.53
C THR A 38 26.59 20.30 -25.75
N ALA A 39 26.44 21.48 -26.35
CA ALA A 39 25.79 22.58 -25.63
C ALA A 39 24.34 22.27 -25.27
N ALA A 40 23.69 21.38 -26.03
CA ALA A 40 22.28 21.07 -25.82
C ALA A 40 22.03 19.89 -24.90
N TYR A 41 23.08 19.22 -24.45
CA TYR A 41 22.96 17.94 -23.74
C TYR A 41 21.87 17.95 -22.68
N ARG A 42 21.88 18.94 -21.78
CA ARG A 42 20.91 19.03 -20.69
C ARG A 42 20.23 20.39 -20.67
N ARG A 43 20.00 20.94 -21.85
CA ARG A 43 19.35 22.24 -21.96
C ARG A 43 17.97 22.20 -21.31
N PRO A 44 17.59 23.23 -20.57
CA PRO A 44 16.24 23.25 -19.96
C PRO A 44 15.16 23.02 -21.00
N GLU A 45 14.14 22.25 -20.62
CA GLU A 45 13.08 21.89 -21.53
C GLU A 45 12.34 23.10 -22.08
N THR A 46 12.18 24.17 -21.29
CA THR A 46 11.51 25.36 -21.79
C THR A 46 12.30 26.09 -22.86
N GLU A 47 13.61 25.84 -22.96
CA GLU A 47 14.41 26.41 -24.04
C GLU A 47 14.45 25.53 -25.27
N CYS A 48 14.27 24.22 -25.12
CA CYS A 48 14.34 23.33 -26.29
C CYS A 48 13.11 23.46 -27.16
N LEU A 49 11.92 23.62 -26.56
CA LEU A 49 10.68 23.45 -27.32
C LEU A 49 10.37 24.58 -28.31
N PRO A 50 10.53 25.86 -27.95
CA PRO A 50 10.13 26.94 -28.88
C PRO A 50 10.70 26.77 -30.27
N PRO A 51 12.02 26.52 -30.46
CA PRO A 51 12.50 26.31 -31.83
C PRO A 51 11.95 25.05 -32.47
N LEU A 52 11.65 24.00 -31.71
CA LEU A 52 11.05 22.81 -32.30
C LEU A 52 9.62 23.08 -32.75
N VAL A 53 8.84 23.79 -31.94
CA VAL A 53 7.49 24.17 -32.36
C VAL A 53 7.55 24.96 -33.66
N GLU A 54 8.49 25.90 -33.76
CA GLU A 54 8.58 26.69 -34.98
C GLU A 54 8.92 25.82 -36.18
N ALA A 55 9.84 24.85 -36.00
CA ALA A 55 10.27 24.02 -37.11
C ALA A 55 9.18 23.04 -37.56
N ALA A 56 8.32 22.61 -36.64
CA ALA A 56 7.30 21.61 -36.92
C ALA A 56 5.97 22.20 -37.40
N THR A 57 5.87 23.53 -37.47
CA THR A 57 4.63 24.17 -37.87
C THR A 57 4.30 23.86 -39.33
N GLN A 58 3.06 23.46 -39.58
CA GLN A 58 2.58 23.25 -40.94
C GLN A 58 1.33 24.08 -41.18
N SER A 59 1.00 24.29 -42.45
CA SER A 59 -0.12 25.14 -42.82
C SER A 59 -1.44 24.50 -42.42
N LYS A 60 -2.47 25.34 -42.31
CA LYS A 60 -3.80 24.85 -41.93
C LYS A 60 -4.27 23.76 -42.88
N GLU A 61 -4.09 23.96 -44.19
CA GLU A 61 -4.52 22.97 -45.18
C GLU A 61 -3.82 21.63 -44.96
N ILE A 62 -2.52 21.65 -44.69
CA ILE A 62 -1.80 20.40 -44.46
C ILE A 62 -2.26 19.74 -43.17
N ARG A 63 -2.42 20.53 -42.10
CA ARG A 63 -2.87 19.96 -40.82
C ARG A 63 -4.24 19.30 -40.96
N ASP A 64 -5.15 19.92 -41.71
CA ASP A 64 -6.45 19.30 -41.95
C ASP A 64 -6.33 18.01 -42.76
N ALA A 65 -5.50 18.02 -43.82
CA ALA A 65 -5.34 16.81 -44.62
C ALA A 65 -4.66 15.71 -43.83
N ALA A 66 -3.70 16.06 -42.96
CA ALA A 66 -3.03 15.06 -42.16
C ALA A 66 -3.98 14.43 -41.14
N ALA A 67 -4.83 15.24 -40.51
CA ALA A 67 -5.80 14.70 -39.58
C ALA A 67 -6.77 13.77 -40.29
N SER A 68 -7.16 14.10 -41.52
CA SER A 68 -8.05 13.25 -42.28
C SER A 68 -7.37 11.93 -42.65
N THR A 69 -6.09 11.98 -43.05
CA THR A 69 -5.36 10.75 -43.33
C THR A 69 -5.18 9.92 -42.07
N ALA A 70 -4.86 10.57 -40.94
CA ALA A 70 -4.66 9.83 -39.70
C ALA A 70 -5.96 9.18 -39.24
N ARG A 71 -7.08 9.89 -39.35
CA ARG A 71 -8.37 9.31 -39.00
C ARG A 71 -8.66 8.07 -39.84
N LYS A 72 -8.45 8.17 -41.15
CA LYS A 72 -8.67 7.02 -42.04
C LYS A 72 -7.78 5.84 -41.64
N LEU A 73 -6.53 6.10 -41.28
CA LEU A 73 -5.64 5.02 -40.84
C LEU A 73 -6.12 4.38 -39.54
N ILE A 74 -6.59 5.20 -38.61
CA ILE A 74 -7.00 4.70 -37.29
C ILE A 74 -8.32 3.95 -37.39
N GLU A 75 -9.23 4.42 -38.25
CA GLU A 75 -10.48 3.69 -38.47
C GLU A 75 -10.22 2.32 -39.07
N ALA A 76 -9.25 2.22 -39.98
CA ALA A 76 -8.85 0.91 -40.50
C ALA A 76 -8.26 0.03 -39.41
N LEU A 77 -7.37 0.58 -38.59
CA LEU A 77 -6.73 -0.22 -37.55
C LEU A 77 -7.75 -0.78 -36.57
N ARG A 78 -8.69 0.06 -36.13
CA ARG A 78 -9.70 -0.41 -35.18
C ARG A 78 -10.72 -1.32 -35.83
N GLY A 79 -10.89 -1.21 -37.15
CA GLY A 79 -11.87 -2.03 -37.86
C GLY A 79 -11.43 -3.44 -38.15
N LYS A 80 -10.12 -3.71 -38.13
CA LYS A 80 -9.62 -5.06 -38.26
C LYS A 80 -9.06 -5.60 -36.94
N HIS A 81 -9.14 -4.82 -35.87
CA HIS A 81 -8.61 -5.25 -34.59
C HIS A 81 -9.34 -6.49 -34.11
N SER A 82 -8.58 -7.54 -33.80
CA SER A 82 -9.13 -8.76 -33.21
C SER A 82 -8.42 -9.03 -31.89
N GLY A 83 -9.07 -9.83 -31.05
CA GLY A 83 -8.48 -10.18 -29.77
C GLY A 83 -7.24 -11.05 -29.93
N SER A 84 -6.30 -10.86 -29.01
CA SER A 84 -5.05 -11.60 -29.06
C SER A 84 -5.29 -13.08 -28.73
N GLY A 85 -4.32 -13.90 -29.11
CA GLY A 85 -4.41 -15.33 -28.80
C GLY A 85 -4.35 -15.59 -27.31
N VAL A 86 -3.54 -14.83 -26.58
CA VAL A 86 -3.46 -15.00 -25.14
C VAL A 86 -4.78 -14.62 -24.49
N GLU A 87 -5.36 -13.49 -24.92
CA GLU A 87 -6.66 -13.08 -24.38
C GLU A 87 -7.73 -14.11 -24.70
N GLY A 88 -7.64 -14.73 -25.89
CA GLY A 88 -8.60 -15.76 -26.24
C GLY A 88 -8.42 -17.02 -25.42
N LEU A 89 -7.18 -17.36 -25.08
CA LEU A 89 -6.92 -18.53 -24.23
C LEU A 89 -7.41 -18.27 -22.81
N VAL A 90 -7.10 -17.10 -22.26
CA VAL A 90 -7.60 -16.73 -20.94
C VAL A 90 -9.12 -16.77 -20.90
N GLN A 91 -9.77 -16.30 -21.98
CA GLN A 91 -11.23 -16.33 -22.03
C GLN A 91 -11.76 -17.75 -22.11
N GLU A 92 -11.17 -18.58 -22.97
CA GLU A 92 -11.71 -19.91 -23.24
C GLU A 92 -11.74 -20.77 -21.98
N TYR A 93 -10.69 -20.70 -21.16
CA TYR A 93 -10.59 -21.53 -19.96
C TYR A 93 -10.85 -20.75 -18.68
N SER A 94 -11.38 -19.53 -18.79
CA SER A 94 -11.75 -18.71 -17.62
C SER A 94 -10.58 -18.56 -16.64
N LEU A 95 -9.40 -18.28 -17.20
CA LEU A 95 -8.20 -18.15 -16.40
C LEU A 95 -8.15 -16.81 -15.69
N SER A 96 -7.68 -16.82 -14.44
CA SER A 96 -7.25 -15.59 -13.80
C SER A 96 -5.95 -15.11 -14.43
N SER A 97 -5.54 -13.89 -14.08
CA SER A 97 -4.28 -13.36 -14.59
C SER A 97 -3.09 -14.21 -14.14
N GLN A 98 -3.06 -14.57 -12.85
CA GLN A 98 -1.94 -15.39 -12.39
C GLN A 98 -1.95 -16.76 -13.05
N GLU A 99 -3.14 -17.32 -13.30
CA GLU A 99 -3.20 -18.60 -14.01
C GLU A 99 -2.67 -18.48 -15.42
N GLY A 100 -3.03 -17.40 -16.13
CA GLY A 100 -2.50 -17.20 -17.47
C GLY A 100 -1.00 -17.08 -17.48
N VAL A 101 -0.45 -16.31 -16.53
CA VAL A 101 1.00 -16.13 -16.44
C VAL A 101 1.68 -17.45 -16.12
N ALA A 102 1.15 -18.19 -15.13
CA ALA A 102 1.76 -19.47 -14.77
C ALA A 102 1.69 -20.46 -15.92
N LEU A 103 0.57 -20.48 -16.65
CA LEU A 103 0.45 -21.36 -17.82
C LEU A 103 1.52 -21.05 -18.85
N MET A 104 1.81 -19.77 -19.10
CA MET A 104 2.80 -19.45 -20.12
C MET A 104 4.21 -19.74 -19.65
N CYS A 105 4.48 -19.61 -18.35
CA CYS A 105 5.76 -20.05 -17.80
C CYS A 105 5.94 -21.55 -17.96
N LEU A 106 4.89 -22.34 -17.66
CA LEU A 106 4.96 -23.78 -17.90
C LEU A 106 5.20 -24.09 -19.37
N ALA A 107 4.48 -23.40 -20.27
CA ALA A 107 4.65 -23.66 -21.69
C ALA A 107 6.08 -23.35 -22.13
N GLU A 108 6.63 -22.24 -21.66
CA GLU A 108 8.02 -21.90 -21.92
C GLU A 108 8.95 -23.03 -21.52
N ALA A 109 8.76 -23.56 -20.32
CA ALA A 109 9.64 -24.62 -19.81
C ALA A 109 9.46 -25.91 -20.61
N LEU A 110 8.22 -26.25 -21.00
CA LEU A 110 7.99 -27.45 -21.79
C LEU A 110 8.69 -27.36 -23.15
N LEU A 111 8.66 -26.18 -23.77
CA LEU A 111 9.30 -25.99 -25.08
C LEU A 111 10.83 -26.02 -25.00
N ARG A 112 11.41 -25.95 -23.80
CA ARG A 112 12.85 -26.18 -23.67
C ARG A 112 13.21 -27.65 -23.80
N ILE A 113 12.23 -28.54 -23.89
CA ILE A 113 12.46 -29.95 -24.22
C ILE A 113 12.44 -30.07 -25.74
N PRO A 114 13.58 -30.37 -26.38
CA PRO A 114 13.62 -30.35 -27.86
C PRO A 114 12.77 -31.41 -28.53
N ASP A 115 12.86 -32.66 -28.07
CA ASP A 115 12.18 -33.77 -28.73
C ASP A 115 10.67 -33.63 -28.57
N THR A 116 9.98 -33.30 -29.66
CA THR A 116 8.55 -33.03 -29.61
C THR A 116 7.76 -34.20 -29.01
N ALA A 117 8.15 -35.43 -29.36
CA ALA A 117 7.44 -36.58 -28.80
C ALA A 117 7.78 -36.77 -27.32
N THR A 118 9.00 -36.42 -26.90
CA THR A 118 9.33 -36.52 -25.49
C THR A 118 8.55 -35.50 -24.66
N ARG A 119 8.36 -34.30 -25.20
CA ARG A 119 7.57 -33.29 -24.52
C ARG A 119 6.12 -33.72 -24.37
N ASP A 120 5.54 -34.29 -25.44
CA ASP A 120 4.14 -34.71 -25.40
C ASP A 120 3.92 -35.83 -24.41
N ALA A 121 4.92 -36.70 -24.21
CA ALA A 121 4.79 -37.76 -23.22
C ALA A 121 4.84 -37.21 -21.80
N LEU A 122 5.75 -36.26 -21.56
CA LEU A 122 5.81 -35.62 -20.24
C LEU A 122 4.49 -34.92 -19.91
N ILE A 123 3.92 -34.23 -20.89
CA ILE A 123 2.64 -33.55 -20.68
C ILE A 123 1.56 -34.57 -20.37
N ARG A 124 1.51 -35.66 -21.15
CA ARG A 124 0.40 -36.60 -21.04
C ARG A 124 0.45 -37.41 -19.75
N ASP A 125 1.63 -37.89 -19.37
CA ASP A 125 1.75 -38.83 -18.27
C ASP A 125 2.26 -38.23 -16.97
N LYS A 126 2.76 -36.98 -16.99
CA LYS A 126 3.36 -36.43 -15.78
C LYS A 126 2.81 -35.05 -15.44
N ILE A 127 2.80 -34.13 -16.40
CA ILE A 127 2.34 -32.76 -16.12
C ILE A 127 0.84 -32.76 -15.88
N ALA A 128 0.07 -33.35 -16.81
CA ALA A 128 -1.38 -33.36 -16.64
C ALA A 128 -1.80 -34.18 -15.43
N ASP A 129 -0.97 -35.13 -15.00
CA ASP A 129 -1.29 -36.00 -13.87
C ASP A 129 -0.94 -35.33 -12.55
N GLY A 130 -0.96 -34.00 -12.53
CA GLY A 130 -0.82 -33.26 -11.29
C GLY A 130 0.58 -32.75 -10.98
N ASN A 131 1.45 -33.64 -10.50
CA ASN A 131 2.75 -33.25 -9.98
C ASN A 131 3.65 -32.64 -11.06
N TRP A 132 3.45 -31.36 -11.36
CA TRP A 132 4.35 -30.65 -12.27
C TRP A 132 5.65 -30.25 -11.61
N LYS A 133 5.65 -30.09 -10.28
CA LYS A 133 6.86 -29.65 -9.58
C LYS A 133 7.97 -30.69 -9.70
N SER A 134 7.62 -31.97 -9.61
CA SER A 134 8.63 -33.03 -9.68
C SER A 134 9.44 -32.94 -10.97
N HIS A 135 8.79 -32.61 -12.07
CA HIS A 135 9.44 -32.58 -13.37
C HIS A 135 9.75 -31.16 -13.81
N ARG A 140 16.11 -24.42 -11.04
CA ARG A 140 15.61 -23.23 -11.71
C ARG A 140 14.08 -23.12 -11.64
N SER A 141 13.60 -22.04 -11.04
CA SER A 141 12.16 -21.84 -10.91
C SER A 141 11.49 -21.86 -12.26
N LEU A 142 10.31 -22.49 -12.32
CA LEU A 142 9.50 -22.40 -13.53
C LEU A 142 9.18 -20.97 -13.90
N PHE A 143 9.21 -20.07 -12.92
CA PHE A 143 8.67 -18.73 -13.07
C PHE A 143 9.74 -17.66 -13.19
N VAL A 144 10.96 -18.02 -13.62
CA VAL A 144 12.05 -17.04 -13.68
C VAL A 144 11.70 -15.88 -14.60
N ASN A 145 10.95 -16.14 -15.68
CA ASN A 145 10.60 -15.12 -16.66
C ASN A 145 9.16 -14.65 -16.51
N ALA A 146 8.57 -14.79 -15.33
CA ALA A 146 7.15 -14.46 -15.19
C ALA A 146 6.89 -12.96 -15.32
N ALA A 147 7.90 -12.11 -15.06
CA ALA A 147 7.68 -10.68 -15.23
C ALA A 147 7.36 -10.36 -16.69
N THR A 148 8.06 -11.02 -17.61
CA THR A 148 7.79 -10.83 -19.03
C THR A 148 6.40 -11.34 -19.40
N TRP A 149 6.07 -12.58 -18.99
CA TRP A 149 4.75 -13.13 -19.29
C TRP A 149 3.65 -12.33 -18.60
N GLY A 150 3.95 -11.72 -17.46
CA GLY A 150 2.98 -10.83 -16.83
C GLY A 150 2.63 -9.65 -17.73
N LEU A 151 3.64 -9.05 -18.36
CA LEU A 151 3.38 -8.00 -19.34
C LEU A 151 2.50 -8.53 -20.47
N VAL A 152 2.80 -9.73 -20.97
CA VAL A 152 2.02 -10.29 -22.08
C VAL A 152 0.56 -10.50 -21.69
N VAL A 153 0.33 -11.01 -20.47
CA VAL A 153 -1.02 -11.35 -20.05
C VAL A 153 -1.77 -10.12 -19.56
N THR A 154 -1.13 -9.29 -18.73
CA THR A 154 -1.79 -8.21 -18.01
C THR A 154 -1.48 -6.82 -18.53
N GLY A 155 -0.46 -6.66 -19.37
CA GLY A 155 -0.02 -5.33 -19.76
C GLY A 155 0.69 -4.54 -18.69
N LYS A 156 0.87 -5.09 -17.49
CA LYS A 156 1.56 -4.42 -16.40
C LYS A 156 2.87 -5.15 -16.08
N LEU A 157 3.87 -4.38 -15.66
CA LEU A 157 5.17 -4.90 -15.31
C LEU A 157 5.30 -4.97 -13.80
N THR A 158 5.56 -6.17 -13.27
CA THR A 158 5.96 -6.36 -11.88
C THR A 158 7.46 -6.67 -11.84
N SER A 159 8.19 -5.99 -10.96
CA SER A 159 9.64 -6.13 -10.95
C SER A 159 10.08 -7.52 -10.48
N THR A 160 9.42 -8.06 -9.47
CA THR A 160 9.72 -9.40 -8.97
C THR A 160 8.49 -10.30 -9.12
N VAL A 161 8.73 -11.60 -9.01
CA VAL A 161 7.74 -12.64 -9.31
C VAL A 161 7.19 -13.19 -8.01
N ASN A 162 5.86 -13.24 -7.86
CA ASN A 162 5.30 -13.92 -6.70
C ASN A 162 5.21 -15.40 -7.07
N ASP A 163 6.30 -16.12 -6.81
CA ASP A 163 6.38 -17.50 -7.27
C ASP A 163 5.48 -18.44 -6.47
N ARG A 164 5.08 -18.08 -5.24
CA ARG A 164 4.14 -18.93 -4.51
C ARG A 164 2.72 -18.77 -5.05
N SER A 165 2.35 -17.54 -5.42
CA SER A 165 1.06 -17.32 -6.08
C SER A 165 1.00 -18.03 -7.42
N LEU A 166 2.09 -17.96 -8.20
CA LEU A 166 2.11 -18.64 -9.49
C LEU A 166 2.08 -20.14 -9.35
N ALA A 167 2.78 -20.70 -8.35
CA ALA A 167 2.74 -22.14 -8.19
C ALA A 167 1.33 -22.60 -7.79
N ALA A 168 0.66 -21.84 -6.92
CA ALA A 168 -0.72 -22.17 -6.58
C ALA A 168 -1.63 -22.09 -7.80
N ALA A 169 -1.46 -21.05 -8.62
CA ALA A 169 -2.32 -20.90 -9.79
C ALA A 169 -2.11 -22.03 -10.79
N LEU A 170 -0.88 -22.46 -10.98
CA LEU A 170 -0.60 -23.54 -11.93
C LEU A 170 -1.19 -24.86 -11.45
N THR A 171 -1.01 -25.18 -10.17
CA THR A 171 -1.65 -26.37 -9.62
C THR A 171 -3.16 -26.32 -9.80
N ARG A 172 -3.76 -25.16 -9.49
CA ARG A 172 -5.21 -25.02 -9.62
C ARG A 172 -5.67 -25.23 -11.07
N LEU A 173 -5.00 -24.58 -12.03
CA LEU A 173 -5.48 -24.64 -13.40
C LEU A 173 -5.30 -26.04 -13.99
N ILE A 174 -4.19 -26.71 -13.66
CA ILE A 174 -3.99 -28.07 -14.17
C ILE A 174 -4.99 -29.02 -13.55
N SER A 175 -5.23 -28.90 -12.24
CA SER A 175 -6.18 -29.78 -11.57
C SER A 175 -7.60 -29.53 -12.04
N ARG A 176 -7.90 -28.33 -12.53
CA ARG A 176 -9.23 -28.02 -13.04
C ARG A 176 -9.40 -28.43 -14.49
N CYS A 177 -8.39 -28.19 -15.33
CA CYS A 177 -8.55 -28.28 -16.77
C CYS A 177 -7.67 -29.32 -17.46
N GLY A 178 -6.60 -29.80 -16.81
CA GLY A 178 -5.85 -30.93 -17.31
C GLY A 178 -5.10 -30.68 -18.62
N GLU A 179 -4.85 -31.78 -19.34
CA GLU A 179 -4.01 -31.70 -20.53
C GLU A 179 -4.47 -30.69 -21.58
N PRO A 180 -5.78 -30.54 -21.88
CA PRO A 180 -6.16 -29.58 -22.94
C PRO A 180 -5.65 -28.17 -22.73
N VAL A 181 -5.70 -27.65 -21.50
CA VAL A 181 -5.21 -26.29 -21.30
C VAL A 181 -3.69 -26.24 -21.47
N ILE A 182 -2.98 -27.30 -21.06
CA ILE A 182 -1.53 -27.32 -21.23
C ILE A 182 -1.17 -27.32 -22.71
N ARG A 183 -1.88 -28.14 -23.49
CA ARG A 183 -1.68 -28.19 -24.94
C ARG A 183 -1.88 -26.82 -25.57
N ARG A 184 -2.97 -26.14 -25.21
CA ARG A 184 -3.22 -24.81 -25.76
C ARG A 184 -2.14 -23.82 -25.34
N GLY A 185 -1.66 -23.93 -24.09
CA GLY A 185 -0.59 -23.05 -23.65
C GLY A 185 0.69 -23.27 -24.43
N VAL A 186 1.05 -24.53 -24.65
CA VAL A 186 2.27 -24.85 -25.41
C VAL A 186 2.17 -24.29 -26.82
N ASP A 187 1.04 -24.52 -27.49
CA ASP A 187 0.90 -24.08 -28.88
C ASP A 187 0.89 -22.56 -28.98
N MET A 188 0.27 -21.88 -28.00
CA MET A 188 0.29 -20.43 -27.96
C MET A 188 1.71 -19.90 -27.77
N ALA A 189 2.43 -20.43 -26.77
CA ALA A 189 3.78 -19.96 -26.52
C ALA A 189 4.69 -20.23 -27.71
N MET A 190 4.51 -21.38 -28.36
CA MET A 190 5.32 -21.74 -29.52
C MET A 190 5.16 -20.72 -30.64
N ARG A 191 3.93 -20.23 -30.84
CA ARG A 191 3.70 -19.23 -31.89
C ARG A 191 4.33 -17.90 -31.53
N MET A 192 4.12 -17.42 -30.30
CA MET A 192 4.62 -16.11 -29.92
C MET A 192 6.15 -16.07 -29.93
N MET A 193 6.79 -17.10 -29.36
CA MET A 193 8.24 -17.07 -29.25
C MET A 193 8.91 -17.32 -30.59
N GLY A 194 8.25 -18.04 -31.48
CA GLY A 194 8.85 -18.39 -32.75
C GLY A 194 8.46 -17.49 -33.91
N GLU A 195 7.33 -16.78 -33.79
CA GLU A 195 6.81 -16.04 -34.94
C GLU A 195 6.50 -14.58 -34.62
N GLN A 196 6.22 -14.28 -33.36
CA GLN A 196 5.77 -12.94 -32.94
C GLN A 196 6.88 -12.14 -32.26
N PHE A 197 7.56 -12.73 -31.28
CA PHE A 197 8.64 -12.03 -30.59
C PHE A 197 9.82 -11.81 -31.53
N VAL A 198 10.09 -12.78 -32.40
CA VAL A 198 11.19 -12.71 -33.34
C VAL A 198 10.66 -13.03 -34.72
N THR A 199 11.39 -12.58 -35.74
CA THR A 199 11.04 -12.95 -37.10
C THR A 199 11.50 -14.38 -37.39
N GLY A 200 12.58 -14.80 -36.76
CA GLY A 200 13.05 -16.16 -36.88
C GLY A 200 14.10 -16.44 -35.82
N GLU A 201 14.32 -17.73 -35.58
CA GLU A 201 15.31 -18.13 -34.58
C GLU A 201 16.72 -17.97 -35.09
N THR A 202 16.92 -18.14 -36.41
CA THR A 202 18.19 -18.00 -37.09
C THR A 202 17.99 -17.06 -38.27
N ILE A 203 19.10 -16.52 -38.81
CA ILE A 203 18.95 -15.59 -39.92
C ILE A 203 18.34 -16.29 -41.14
N ARG A 204 18.65 -17.56 -41.36
CA ARG A 204 18.07 -18.24 -42.52
C ARG A 204 16.56 -18.40 -42.36
N GLU A 205 16.11 -18.71 -41.16
CA GLU A 205 14.68 -18.82 -40.90
C GLU A 205 13.98 -17.48 -41.06
N ALA A 206 14.59 -16.41 -40.54
CA ALA A 206 14.00 -15.08 -40.70
C ALA A 206 13.93 -14.68 -42.17
N LEU A 207 14.97 -14.99 -42.95
CA LEU A 207 14.95 -14.66 -44.37
C LEU A 207 13.84 -15.41 -45.10
N LYS A 208 13.64 -16.68 -44.75
CA LYS A 208 12.57 -17.46 -45.39
C LYS A 208 11.20 -16.87 -45.07
N ARG A 209 11.02 -16.36 -43.85
CA ARG A 209 9.72 -15.82 -43.46
C ARG A 209 9.48 -14.41 -43.98
N SER A 210 10.48 -13.77 -44.55
CA SER A 210 10.35 -12.40 -45.05
C SER A 210 9.78 -12.33 -46.46
N LYS A 211 9.68 -13.46 -47.18
CA LYS A 211 9.29 -13.42 -48.58
C LYS A 211 7.88 -12.87 -48.75
N GLU A 212 6.96 -13.27 -47.88
CA GLU A 212 5.56 -12.90 -48.05
C GLU A 212 5.39 -11.39 -48.07
N LEU A 213 5.94 -10.69 -47.08
CA LEU A 213 5.77 -9.24 -47.02
C LEU A 213 6.66 -8.48 -47.99
N GLU A 214 7.79 -9.05 -48.41
CA GLU A 214 8.58 -8.38 -49.43
C GLU A 214 7.83 -8.32 -50.76
N GLU A 215 7.00 -9.33 -51.05
CA GLU A 215 6.19 -9.29 -52.26
C GLU A 215 5.13 -8.19 -52.18
N LYS A 216 4.68 -7.86 -50.97
CA LYS A 216 3.70 -6.79 -50.78
C LYS A 216 4.33 -5.40 -50.81
N GLY A 217 5.65 -5.29 -50.91
CA GLY A 217 6.33 -4.01 -50.95
C GLY A 217 7.10 -3.63 -49.70
N PHE A 218 7.15 -4.50 -48.69
CA PHE A 218 7.98 -4.21 -47.53
C PHE A 218 9.43 -4.58 -47.81
N SER A 219 10.32 -3.99 -47.02
CA SER A 219 11.71 -4.43 -46.94
C SER A 219 12.01 -4.77 -45.48
N TYR A 220 13.25 -5.19 -45.23
CA TYR A 220 13.63 -5.67 -43.90
C TYR A 220 15.00 -5.14 -43.46
N SER A 221 15.15 -4.97 -42.16
CA SER A 221 16.44 -4.80 -41.51
C SER A 221 16.54 -5.79 -40.36
N TYR A 222 17.51 -6.68 -40.40
CA TYR A 222 17.62 -7.75 -39.41
C TYR A 222 18.55 -7.36 -38.28
N ASP A 223 18.12 -7.68 -37.06
CA ASP A 223 18.89 -7.44 -35.84
C ASP A 223 19.21 -8.78 -35.19
N MET A 224 20.47 -9.18 -35.24
CA MET A 224 20.94 -10.32 -34.46
C MET A 224 20.95 -9.91 -33.00
N LEU A 225 19.98 -10.40 -32.23
CA LEU A 225 19.74 -9.88 -30.90
C LEU A 225 21.00 -9.99 -30.04
N GLY A 226 21.34 -8.89 -29.39
CA GLY A 226 22.60 -8.82 -28.68
C GLY A 226 23.02 -7.40 -28.40
N GLU A 227 23.53 -7.17 -27.19
CA GLU A 227 23.95 -5.85 -26.78
C GLU A 227 24.72 -6.00 -25.49
N ALA A 228 25.46 -4.95 -25.14
CA ALA A 228 26.11 -4.83 -23.84
C ALA A 228 27.01 -6.04 -23.56
N ALA A 229 27.98 -6.26 -24.44
CA ALA A 229 29.00 -7.27 -24.21
C ALA A 229 29.66 -7.05 -22.85
N THR A 230 29.80 -8.14 -22.10
CA THR A 230 30.45 -8.10 -20.79
C THR A 230 31.92 -8.53 -20.85
N THR A 231 32.27 -9.36 -21.82
CA THR A 231 33.62 -9.92 -21.94
C THR A 231 34.10 -9.79 -23.38
N ALA A 232 35.41 -9.95 -23.56
CA ALA A 232 35.95 -10.03 -24.91
C ALA A 232 35.33 -11.17 -25.68
N ALA A 233 35.12 -12.33 -25.03
CA ALA A 233 34.52 -13.46 -25.75
C ALA A 233 33.10 -13.14 -26.21
N ASP A 234 32.33 -12.40 -25.40
CA ASP A 234 31.00 -11.98 -25.81
C ASP A 234 31.08 -11.09 -27.05
N ALA A 235 32.00 -10.12 -27.03
CA ALA A 235 32.10 -9.21 -28.17
C ALA A 235 32.50 -9.96 -29.43
N GLU A 236 33.41 -10.93 -29.31
CA GLU A 236 33.79 -11.76 -30.45
C GLU A 236 32.59 -12.56 -30.98
N ARG A 237 31.78 -13.09 -30.07
CA ARG A 237 30.59 -13.85 -30.47
C ARG A 237 29.61 -12.97 -31.22
N TYR A 238 29.34 -11.77 -30.72
CA TYR A 238 28.41 -10.90 -31.42
C TYR A 238 28.98 -10.50 -32.77
N TYR A 239 30.30 -10.28 -32.85
CA TYR A 239 30.90 -9.97 -34.12
C TYR A 239 30.68 -11.10 -35.13
N ARG A 240 30.97 -12.34 -34.74
CA ARG A 240 30.81 -13.39 -35.75
C ARG A 240 29.34 -13.63 -36.08
N ASP A 241 28.41 -13.34 -35.15
CA ASP A 241 26.98 -13.38 -35.48
C ASP A 241 26.63 -12.34 -36.54
N TYR A 242 27.11 -11.10 -36.37
CA TYR A 242 26.85 -10.07 -37.36
C TYR A 242 27.46 -10.43 -38.70
N GLU A 243 28.70 -10.92 -38.69
CA GLU A 243 29.38 -11.27 -39.93
C GLU A 243 28.62 -12.34 -40.67
N SER A 244 28.22 -13.40 -39.96
CA SER A 244 27.49 -14.48 -40.62
C SER A 244 26.11 -14.03 -41.10
N ALA A 245 25.47 -13.11 -40.38
CA ALA A 245 24.20 -12.56 -40.88
C ALA A 245 24.39 -11.69 -42.12
N ILE A 246 25.45 -10.89 -42.16
CA ILE A 246 25.69 -10.08 -43.36
C ILE A 246 25.81 -10.99 -44.58
N HIS A 247 26.53 -12.11 -44.46
CA HIS A 247 26.66 -13.03 -45.59
C HIS A 247 25.30 -13.57 -46.02
N ALA A 248 24.49 -14.01 -45.06
CA ALA A 248 23.19 -14.59 -45.42
C ALA A 248 22.27 -13.54 -46.05
N ILE A 249 22.22 -12.35 -45.47
CA ILE A 249 21.40 -11.26 -46.00
C ILE A 249 21.90 -10.82 -47.36
N GLY A 250 23.22 -10.69 -47.51
CA GLY A 250 23.76 -10.29 -48.80
C GLY A 250 23.51 -11.33 -49.89
N LYS A 251 23.65 -12.61 -49.56
CA LYS A 251 23.34 -13.65 -50.53
C LYS A 251 21.88 -13.59 -50.96
N ALA A 252 20.98 -13.34 -49.99
CA ALA A 252 19.57 -13.24 -50.30
C ALA A 252 19.23 -11.96 -51.03
N SER A 253 19.92 -10.86 -50.70
CA SER A 253 19.65 -9.60 -51.39
C SER A 253 19.87 -9.74 -52.88
N ALA A 254 20.92 -10.47 -53.27
CA ALA A 254 21.21 -10.79 -54.67
C ALA A 254 21.11 -9.56 -55.57
N GLY A 255 21.75 -8.48 -55.13
CA GLY A 255 21.87 -7.31 -55.97
C GLY A 255 20.69 -6.35 -55.96
N ARG A 256 19.72 -6.52 -55.05
CA ARG A 256 18.60 -5.57 -55.01
C ARG A 256 19.01 -4.18 -54.54
N GLY A 257 20.16 -4.03 -53.89
CA GLY A 257 20.62 -2.73 -53.46
C GLY A 257 20.12 -2.32 -52.09
N ILE A 258 20.55 -1.13 -51.66
CA ILE A 258 20.33 -0.73 -50.28
C ILE A 258 18.91 -0.24 -49.99
N TYR A 259 18.13 0.14 -50.99
CA TYR A 259 16.78 0.65 -50.75
C TYR A 259 15.71 -0.41 -50.90
N GLU A 260 15.77 -1.20 -51.97
CA GLU A 260 14.78 -2.26 -52.16
C GLU A 260 15.15 -3.55 -51.46
N GLY A 261 16.43 -3.79 -51.18
CA GLY A 261 16.85 -5.02 -50.57
C GLY A 261 17.04 -4.91 -49.06
N PRO A 262 17.25 -6.05 -48.41
CA PRO A 262 17.35 -6.08 -46.95
C PRO A 262 18.68 -5.51 -46.46
N GLY A 263 18.67 -5.10 -45.19
CA GLY A 263 19.89 -4.67 -44.54
C GLY A 263 20.06 -5.27 -43.16
N ILE A 264 21.07 -4.81 -42.40
CA ILE A 264 21.32 -5.27 -41.06
C ILE A 264 21.41 -4.06 -40.12
N SER A 265 21.07 -4.29 -38.85
CA SER A 265 21.26 -3.30 -37.80
C SER A 265 22.19 -3.87 -36.74
N ILE A 266 23.08 -3.03 -36.21
CA ILE A 266 24.06 -3.46 -35.21
C ILE A 266 24.05 -2.49 -34.03
N LYS A 267 24.49 -2.98 -32.87
CA LYS A 267 24.67 -2.13 -31.70
C LYS A 267 26.14 -2.10 -31.34
N LEU A 268 26.70 -0.89 -31.19
CA LEU A 268 28.13 -0.81 -30.90
C LEU A 268 28.46 -1.44 -29.55
N SER A 269 27.54 -1.40 -28.58
CA SER A 269 27.82 -2.00 -27.28
C SER A 269 27.97 -3.51 -27.35
N ALA A 270 27.45 -4.15 -28.42
CA ALA A 270 27.66 -5.59 -28.60
C ALA A 270 29.08 -5.92 -29.00
N LEU A 271 29.83 -4.95 -29.52
CA LEU A 271 31.08 -5.25 -30.20
C LEU A 271 32.32 -4.91 -29.39
N HIS A 272 32.15 -4.39 -28.17
CA HIS A 272 33.28 -4.11 -27.30
C HIS A 272 32.76 -4.12 -25.87
N PRO A 273 33.44 -4.78 -24.94
CA PRO A 273 32.95 -4.81 -23.56
C PRO A 273 33.14 -3.51 -22.79
N ARG A 274 33.92 -2.56 -23.30
CA ARG A 274 34.10 -1.27 -22.63
C ARG A 274 33.75 -0.12 -23.55
N TYR A 275 32.55 -0.14 -24.10
CA TYR A 275 32.09 0.89 -25.01
C TYR A 275 31.58 2.05 -24.15
N SER A 276 32.44 3.04 -23.94
CA SER A 276 32.11 4.18 -23.10
C SER A 276 33.08 5.31 -23.38
N ARG A 277 32.65 6.54 -23.07
CA ARG A 277 33.52 7.70 -23.22
C ARG A 277 34.78 7.56 -22.38
N ALA A 278 34.69 6.92 -21.20
CA ALA A 278 35.87 6.78 -20.37
C ALA A 278 36.94 5.92 -21.01
N GLN A 279 36.53 5.02 -21.91
CA GLN A 279 37.45 4.14 -22.63
C GLN A 279 37.52 4.52 -24.11
N ALA A 280 37.43 5.82 -24.41
CA ALA A 280 37.33 6.25 -25.82
C ALA A 280 38.52 5.78 -26.65
N ALA A 281 39.72 5.79 -26.07
CA ALA A 281 40.88 5.38 -26.82
C ALA A 281 40.79 3.90 -27.22
N ARG A 282 40.33 3.05 -26.29
CA ARG A 282 40.14 1.65 -26.63
C ARG A 282 39.04 1.49 -27.67
N VAL A 283 38.01 2.32 -27.59
CA VAL A 283 36.91 2.22 -28.55
C VAL A 283 37.41 2.53 -29.95
N MET A 284 38.16 3.63 -30.12
CA MET A 284 38.63 3.97 -31.45
C MET A 284 39.70 3.00 -31.93
N GLY A 285 40.48 2.41 -31.03
CA GLY A 285 41.52 1.49 -31.46
C GLY A 285 41.07 0.07 -31.72
N GLU A 286 40.02 -0.38 -31.04
CA GLU A 286 39.61 -1.77 -31.05
C GLU A 286 38.23 -1.99 -31.63
N LEU A 287 37.27 -1.12 -31.30
CA LEU A 287 35.92 -1.27 -31.80
C LEU A 287 35.81 -0.80 -33.25
N LEU A 288 36.34 0.39 -33.56
CA LEU A 288 36.25 0.93 -34.92
C LEU A 288 36.71 -0.03 -36.01
N PRO A 289 37.87 -0.69 -35.91
CA PRO A 289 38.25 -1.64 -36.98
C PRO A 289 37.26 -2.78 -37.16
N ARG A 290 36.58 -3.20 -36.08
CA ARG A 290 35.58 -4.25 -36.22
C ARG A 290 34.36 -3.76 -36.99
N VAL A 291 33.90 -2.54 -36.68
CA VAL A 291 32.78 -1.98 -37.44
C VAL A 291 33.19 -1.79 -38.90
N LYS A 292 34.43 -1.33 -39.14
CA LYS A 292 34.88 -1.17 -40.51
C LYS A 292 34.87 -2.49 -41.27
N ALA A 293 35.30 -3.57 -40.61
CA ALA A 293 35.32 -4.85 -41.30
C ALA A 293 33.90 -5.30 -41.66
N LEU A 294 32.94 -5.09 -40.76
CA LEU A 294 31.55 -5.42 -41.08
C LEU A 294 31.02 -4.55 -42.21
N ALA A 295 31.37 -3.26 -42.18
CA ALA A 295 30.88 -2.35 -43.22
C ALA A 295 31.49 -2.70 -44.59
N LEU A 296 32.75 -3.12 -44.61
CA LEU A 296 33.36 -3.57 -45.88
C LEU A 296 32.58 -4.74 -46.47
N LEU A 297 32.13 -5.68 -45.62
CA LEU A 297 31.37 -6.80 -46.14
C LEU A 297 29.99 -6.35 -46.62
N ALA A 298 29.34 -5.45 -45.88
CA ALA A 298 28.06 -4.92 -46.34
C ALA A 298 28.22 -4.17 -47.66
N LYS A 299 29.30 -3.42 -47.82
CA LYS A 299 29.59 -2.75 -49.08
C LYS A 299 29.72 -3.75 -50.23
N ASN A 300 30.39 -4.88 -50.00
CA ASN A 300 30.59 -5.81 -51.12
C ASN A 300 29.27 -6.42 -51.58
N TYR A 301 28.36 -6.70 -50.63
CA TYR A 301 27.03 -7.18 -50.99
C TYR A 301 26.06 -6.05 -51.36
N ASP A 302 26.44 -4.79 -51.14
CA ASP A 302 25.57 -3.62 -51.34
C ASP A 302 24.26 -3.72 -50.56
N ILE A 303 24.39 -3.88 -49.25
CA ILE A 303 23.25 -3.88 -48.33
C ILE A 303 23.44 -2.76 -47.32
N GLY A 304 22.34 -2.39 -46.67
CA GLY A 304 22.42 -1.37 -45.63
C GLY A 304 23.02 -1.95 -44.34
N LEU A 305 23.78 -1.11 -43.64
CA LEU A 305 24.28 -1.44 -42.31
C LEU A 305 24.00 -0.25 -41.39
N ASN A 306 23.08 -0.43 -40.42
CA ASN A 306 22.62 0.65 -39.57
C ASN A 306 23.22 0.51 -38.17
N ILE A 307 23.71 1.63 -37.63
CA ILE A 307 24.19 1.67 -36.24
C ILE A 307 23.03 2.13 -35.37
N ASP A 308 22.51 1.22 -34.53
CA ASP A 308 21.42 1.55 -33.61
C ASP A 308 21.90 2.55 -32.54
N ALA A 309 20.97 3.35 -32.00
CA ALA A 309 21.30 4.30 -30.94
C ALA A 309 20.96 3.71 -29.57
N GLU A 310 21.82 4.00 -28.59
CA GLU A 310 21.69 3.40 -27.26
C GLU A 310 21.56 4.48 -26.20
N GLU A 311 22.25 4.36 -25.06
CA GLU A 311 22.07 5.32 -23.97
C GLU A 311 22.59 6.71 -24.35
N ALA A 312 22.08 7.72 -23.66
CA ALA A 312 22.44 9.10 -23.98
C ALA A 312 23.93 9.36 -23.85
N ASP A 313 24.61 8.69 -22.91
CA ASP A 313 26.04 8.94 -22.73
C ASP A 313 26.91 8.21 -23.76
N ARG A 314 26.29 7.56 -24.75
CA ARG A 314 27.01 6.95 -25.86
C ARG A 314 26.80 7.70 -27.17
N LEU A 315 25.89 8.67 -27.21
CA LEU A 315 25.56 9.36 -28.46
C LEU A 315 26.81 10.01 -29.08
N GLU A 316 27.44 10.90 -28.34
CA GLU A 316 28.52 11.68 -28.96
C GLU A 316 29.74 10.80 -29.28
N LEU A 317 30.02 9.79 -28.44
CA LEU A 317 31.06 8.84 -28.78
C LEU A 317 30.79 8.14 -30.12
N SER A 318 29.53 7.75 -30.36
CA SER A 318 29.21 7.04 -31.60
C SER A 318 29.44 7.93 -32.82
N LEU A 319 29.27 9.26 -32.66
CA LEU A 319 29.54 10.20 -33.76
C LEU A 319 30.99 10.14 -34.21
N ASP A 320 31.92 9.88 -33.29
CA ASP A 320 33.31 9.79 -33.70
C ASP A 320 33.57 8.57 -34.57
N LEU A 321 32.88 7.47 -34.31
CA LEU A 321 33.00 6.31 -35.20
C LEU A 321 32.36 6.59 -36.54
N LEU A 322 31.16 7.20 -36.52
CA LEU A 322 30.48 7.54 -37.77
C LEU A 322 31.34 8.42 -38.66
N GLU A 323 32.01 9.42 -38.07
CA GLU A 323 32.84 10.34 -38.84
C GLU A 323 33.99 9.61 -39.51
N VAL A 324 34.74 8.80 -38.74
CA VAL A 324 35.87 8.08 -39.31
C VAL A 324 35.42 7.16 -40.44
N LEU A 325 34.30 6.44 -40.24
CA LEU A 325 33.86 5.50 -41.27
C LEU A 325 33.44 6.22 -42.55
N CYS A 326 32.74 7.35 -42.42
CA CYS A 326 32.28 8.06 -43.62
C CYS A 326 33.42 8.73 -44.39
N LEU A 327 34.55 9.00 -43.73
CA LEU A 327 35.73 9.57 -44.38
C LEU A 327 36.71 8.51 -44.85
N ASP A 328 36.47 7.23 -44.56
CA ASP A 328 37.41 6.17 -44.90
C ASP A 328 37.25 5.78 -46.37
N GLY A 329 38.31 6.00 -47.15
CA GLY A 329 38.23 5.73 -48.58
C GLY A 329 37.91 4.29 -48.93
N ASP A 330 38.28 3.35 -48.05
CA ASP A 330 38.02 1.94 -48.36
C ASP A 330 36.53 1.63 -48.44
N LEU A 331 35.67 2.49 -47.89
CA LEU A 331 34.22 2.29 -47.94
C LEU A 331 33.54 3.12 -49.01
N SER A 332 34.30 3.87 -49.81
CA SER A 332 33.69 4.73 -50.81
C SER A 332 32.96 3.91 -51.87
N GLY A 333 31.95 4.53 -52.48
CA GLY A 333 31.15 3.86 -53.47
C GLY A 333 29.89 3.20 -52.93
N TRP A 334 29.74 3.17 -51.60
CA TRP A 334 28.63 2.49 -50.95
C TRP A 334 27.87 3.50 -50.09
N ASN A 335 26.54 3.52 -50.24
CA ASN A 335 25.68 4.44 -49.52
C ASN A 335 24.85 3.74 -48.45
N GLY A 336 25.28 2.54 -48.05
CA GLY A 336 24.50 1.77 -47.10
C GLY A 336 24.74 2.05 -45.63
N MET A 337 25.71 2.89 -45.27
CA MET A 337 25.91 3.19 -43.85
CA MET A 337 25.91 3.19 -43.85
C MET A 337 24.72 3.97 -43.30
N GLY A 338 24.17 3.48 -42.17
CA GLY A 338 23.01 4.11 -41.56
C GLY A 338 23.26 4.41 -40.09
N PHE A 339 22.44 5.30 -39.55
CA PHE A 339 22.66 5.82 -38.19
C PHE A 339 21.34 6.30 -37.60
N VAL A 340 21.05 5.88 -36.36
CA VAL A 340 19.81 6.23 -35.69
C VAL A 340 20.02 7.52 -34.91
N VAL A 341 19.00 8.39 -34.93
CA VAL A 341 18.97 9.55 -34.03
C VAL A 341 17.64 9.54 -33.28
N GLN A 342 17.70 9.83 -31.99
CA GLN A 342 16.57 9.68 -31.08
C GLN A 342 15.91 11.04 -30.84
N ALA A 343 14.66 11.20 -31.32
CA ALA A 343 13.95 12.46 -31.16
C ALA A 343 13.54 12.73 -29.72
N TYR A 344 13.54 11.73 -28.83
CA TYR A 344 13.29 12.10 -27.44
C TYR A 344 14.48 12.80 -26.80
N GLY A 345 15.60 12.94 -27.51
CA GLY A 345 16.79 13.57 -26.97
C GLY A 345 16.90 15.04 -27.36
N LYS A 346 17.36 15.84 -26.40
CA LYS A 346 17.47 17.29 -26.58
C LYS A 346 18.49 17.68 -27.64
N ARG A 347 19.44 16.81 -27.95
CA ARG A 347 20.48 17.11 -28.94
C ARG A 347 20.06 16.78 -30.36
N CYS A 348 18.90 16.16 -30.55
CA CYS A 348 18.55 15.57 -31.86
C CYS A 348 18.70 16.51 -33.06
N PRO A 349 18.14 17.73 -33.08
CA PRO A 349 18.33 18.58 -34.27
C PRO A 349 19.77 18.96 -34.51
N PHE A 350 20.58 19.11 -33.45
CA PHE A 350 21.98 19.43 -33.63
C PHE A 350 22.78 18.23 -34.10
N VAL A 351 22.39 17.03 -33.65
CA VAL A 351 22.99 15.82 -34.19
C VAL A 351 22.69 15.70 -35.67
N LEU A 352 21.45 16.03 -36.07
CA LEU A 352 21.11 15.95 -37.49
C LEU A 352 21.88 16.97 -38.30
N ASP A 353 22.04 18.20 -37.78
CA ASP A 353 22.89 19.19 -38.45
C ASP A 353 24.28 18.63 -38.70
N PHE A 354 24.85 17.97 -37.68
CA PHE A 354 26.18 17.37 -37.83
C PHE A 354 26.18 16.27 -38.91
N ILE A 355 25.18 15.39 -38.88
CA ILE A 355 25.17 14.26 -39.81
C ILE A 355 24.97 14.73 -41.23
N ILE A 356 24.05 15.69 -41.44
CA ILE A 356 23.81 16.20 -42.79
C ILE A 356 25.07 16.84 -43.35
N ASP A 357 25.79 17.60 -42.52
CA ASP A 357 27.06 18.19 -42.95
C ASP A 357 28.11 17.11 -43.25
N LEU A 358 28.18 16.08 -42.41
CA LEU A 358 29.11 14.98 -42.67
C LEU A 358 28.78 14.30 -43.98
N ALA A 359 27.50 14.12 -44.27
CA ALA A 359 27.09 13.52 -45.53
C ALA A 359 27.51 14.38 -46.71
N ARG A 360 27.41 15.70 -46.58
CA ARG A 360 27.87 16.61 -47.64
C ARG A 360 29.39 16.53 -47.82
N ARG A 361 30.13 16.56 -46.70
CA ARG A 361 31.59 16.50 -46.77
C ARG A 361 32.07 15.19 -47.39
N SER A 362 31.48 14.07 -46.96
CA SER A 362 31.96 12.77 -47.38
C SER A 362 31.40 12.35 -48.72
N GLY A 363 30.31 12.97 -49.17
CA GLY A 363 29.61 12.47 -50.34
C GLY A 363 28.86 11.18 -50.13
N ARG A 364 28.72 10.71 -48.88
CA ARG A 364 27.96 9.50 -48.58
C ARG A 364 26.53 9.89 -48.25
N ARG A 365 25.57 9.23 -48.89
CA ARG A 365 24.16 9.53 -48.62
C ARG A 365 23.75 8.72 -47.39
N ILE A 366 24.01 9.29 -46.20
CA ILE A 366 23.86 8.54 -44.97
C ILE A 366 22.39 8.21 -44.76
N MET A 367 22.09 6.95 -44.43
CA MET A 367 20.73 6.55 -44.09
C MET A 367 20.47 6.95 -42.65
N VAL A 368 19.48 7.80 -42.42
CA VAL A 368 19.27 8.36 -41.09
C VAL A 368 17.92 7.84 -40.59
N ARG A 369 17.94 6.98 -39.56
CA ARG A 369 16.72 6.46 -38.98
C ARG A 369 16.30 7.36 -37.82
N LEU A 370 15.20 8.06 -38.00
CA LEU A 370 14.64 8.92 -36.96
C LEU A 370 13.68 8.11 -36.11
N VAL A 371 13.99 7.97 -34.83
CA VAL A 371 13.16 7.25 -33.88
C VAL A 371 12.80 8.22 -32.77
N LYS A 372 11.87 7.79 -31.91
CA LYS A 372 11.67 8.57 -30.69
C LYS A 372 12.70 8.16 -29.63
N GLY A 373 12.67 6.93 -29.16
CA GLY A 373 13.74 6.45 -28.28
C GLY A 373 13.28 5.37 -27.32
N ALA A 374 14.21 4.49 -26.96
CA ALA A 374 13.86 3.24 -26.30
C ALA A 374 14.27 3.17 -24.83
N TYR A 375 14.99 4.15 -24.30
CA TYR A 375 15.59 4.03 -22.98
C TYR A 375 15.07 5.08 -22.00
N TRP A 376 13.84 5.56 -22.19
CA TRP A 376 13.39 6.75 -21.48
C TRP A 376 13.44 6.56 -19.96
N ASP A 377 12.79 5.50 -19.44
CA ASP A 377 12.79 5.23 -17.99
C ASP A 377 14.19 5.26 -17.43
N ALA A 378 15.14 4.63 -18.13
CA ALA A 378 16.48 4.49 -17.60
C ALA A 378 17.21 5.82 -17.59
N GLU A 379 16.91 6.68 -18.57
CA GLU A 379 17.58 7.98 -18.59
C GLU A 379 17.11 8.86 -17.44
N ILE A 380 15.83 8.77 -17.06
CA ILE A 380 15.34 9.55 -15.92
C ILE A 380 16.06 9.11 -14.65
N LYS A 381 16.09 7.80 -14.40
CA LYS A 381 16.74 7.29 -13.20
C LYS A 381 18.22 7.68 -13.16
N ARG A 382 18.92 7.50 -14.28
CA ARG A 382 20.37 7.76 -14.31
CA ARG A 382 20.37 7.76 -14.30
C ARG A 382 20.68 9.20 -13.95
N ALA A 383 19.95 10.16 -14.53
CA ALA A 383 20.22 11.55 -14.24
C ALA A 383 19.94 11.87 -12.77
N GLN A 384 18.89 11.27 -12.20
CA GLN A 384 18.62 11.49 -10.79
C GLN A 384 19.74 10.91 -9.90
N LEU A 385 20.14 9.67 -10.17
CA LEU A 385 21.23 9.08 -9.39
C LEU A 385 22.49 9.92 -9.47
N ASP A 386 22.78 10.48 -10.64
CA ASP A 386 24.06 11.17 -10.81
C ASP A 386 24.00 12.63 -10.39
N GLY A 387 22.84 13.12 -9.96
CA GLY A 387 22.72 14.50 -9.52
C GLY A 387 23.06 15.52 -10.58
N LEU A 388 22.64 15.29 -11.82
CA LEU A 388 23.05 16.16 -12.91
C LEU A 388 22.05 17.29 -13.08
N ALA A 389 22.41 18.26 -13.92
CA ALA A 389 21.65 19.51 -13.97
C ALA A 389 20.23 19.29 -14.47
N ASP A 390 20.04 18.38 -15.42
CA ASP A 390 18.74 18.17 -16.05
C ASP A 390 18.80 16.83 -16.75
N PHE A 391 17.73 16.51 -17.47
CA PHE A 391 17.71 15.24 -18.19
C PHE A 391 18.22 15.43 -19.61
N PRO A 392 18.76 14.38 -20.22
CA PRO A 392 19.13 14.45 -21.64
C PRO A 392 18.00 14.10 -22.60
N VAL A 393 16.82 13.84 -22.05
CA VAL A 393 15.61 13.53 -22.81
C VAL A 393 14.50 14.43 -22.32
N PHE A 394 13.46 14.57 -23.15
CA PHE A 394 12.27 15.27 -22.72
C PHE A 394 11.55 14.48 -21.64
N THR A 395 10.72 15.18 -20.86
CA THR A 395 9.96 14.54 -19.79
C THR A 395 8.46 14.51 -20.04
N ARG A 396 7.97 15.20 -21.07
CA ARG A 396 6.60 15.08 -21.52
C ARG A 396 6.58 14.41 -22.89
N LYS A 397 5.73 13.40 -23.03
CA LYS A 397 5.70 12.61 -24.26
C LYS A 397 5.39 13.49 -25.46
N ILE A 398 4.52 14.49 -25.29
CA ILE A 398 4.15 15.34 -26.40
C ILE A 398 5.34 16.17 -26.88
N HIS A 399 6.31 16.42 -26.00
CA HIS A 399 7.52 17.13 -26.43
C HIS A 399 8.32 16.28 -27.41
N THR A 400 8.43 14.98 -27.14
CA THR A 400 9.10 14.07 -28.07
C THR A 400 8.38 14.04 -29.41
N ASP A 401 7.04 14.09 -29.41
CA ASP A 401 6.31 14.13 -30.66
C ASP A 401 6.64 15.38 -31.46
N VAL A 402 6.68 16.54 -30.80
CA VAL A 402 7.02 17.77 -31.51
C VAL A 402 8.45 17.71 -32.01
N SER A 403 9.37 17.21 -31.17
CA SER A 403 10.76 17.04 -31.58
C SER A 403 10.85 16.17 -32.83
N TYR A 404 10.12 15.05 -32.83
CA TYR A 404 10.15 14.16 -33.99
C TYR A 404 9.72 14.89 -35.26
N ILE A 405 8.62 15.63 -35.20
CA ILE A 405 8.09 16.27 -36.40
C ILE A 405 9.02 17.38 -36.88
N ALA A 406 9.60 18.13 -35.94
CA ALA A 406 10.57 19.17 -36.31
C ALA A 406 11.80 18.57 -36.98
N CYS A 407 12.32 17.47 -36.42
CA CYS A 407 13.47 16.85 -37.03
C CYS A 407 13.13 16.24 -38.38
N ALA A 408 11.89 15.77 -38.55
CA ALA A 408 11.48 15.23 -39.84
C ALA A 408 11.45 16.31 -40.92
N ALA A 409 11.04 17.54 -40.55
CA ALA A 409 11.10 18.66 -41.48
C ALA A 409 12.53 18.92 -41.93
N LYS A 410 13.49 18.86 -40.99
CA LYS A 410 14.89 19.06 -41.34
C LYS A 410 15.38 17.99 -42.31
N LEU A 411 15.00 16.73 -42.07
CA LEU A 411 15.44 15.64 -42.94
C LEU A 411 14.82 15.73 -44.33
N LEU A 412 13.54 16.12 -44.41
CA LEU A 412 12.86 16.17 -45.69
C LEU A 412 13.42 17.28 -46.58
N ALA A 413 14.07 18.29 -45.99
CA ALA A 413 14.73 19.32 -46.77
C ALA A 413 16.10 18.89 -47.30
N ALA A 414 16.58 17.71 -46.91
CA ALA A 414 17.94 17.26 -47.20
C ALA A 414 17.97 15.90 -47.89
N THR A 415 16.89 15.53 -48.60
CA THR A 415 16.86 14.19 -49.19
C THR A 415 17.87 14.00 -50.31
N ASP A 416 18.46 15.07 -50.84
CA ASP A 416 19.56 14.93 -51.81
CA ASP A 416 19.53 14.86 -51.81
C ASP A 416 20.81 14.38 -51.14
N VAL A 417 21.00 14.64 -49.85
CA VAL A 417 22.25 14.30 -49.19
C VAL A 417 22.12 13.16 -48.18
N VAL A 418 20.93 12.92 -47.62
CA VAL A 418 20.69 11.81 -46.71
C VAL A 418 19.42 11.08 -47.13
N PHE A 419 19.28 9.85 -46.64
CA PHE A 419 18.10 9.04 -46.89
C PHE A 419 17.31 8.96 -45.59
N PRO A 420 16.21 9.72 -45.44
CA PRO A 420 15.47 9.68 -44.18
C PRO A 420 14.65 8.41 -44.04
N GLN A 421 14.64 7.87 -42.81
CA GLN A 421 13.90 6.64 -42.52
C GLN A 421 13.07 6.92 -41.28
N PHE A 422 11.76 7.03 -41.46
CA PHE A 422 10.88 7.51 -40.38
C PHE A 422 10.27 6.31 -39.67
N ALA A 423 10.88 5.94 -38.53
CA ALA A 423 10.46 4.78 -37.77
C ALA A 423 9.40 5.23 -36.78
N THR A 424 8.17 4.76 -36.97
CA THR A 424 7.09 5.10 -36.05
C THR A 424 5.91 4.17 -36.25
N HIS A 425 5.18 3.90 -35.15
CA HIS A 425 3.91 3.22 -35.18
C HIS A 425 2.73 4.15 -34.96
N ASN A 426 2.99 5.45 -34.84
CA ASN A 426 1.97 6.44 -34.50
C ASN A 426 1.35 6.98 -35.79
N ALA A 427 0.05 6.71 -35.99
CA ALA A 427 -0.58 7.10 -37.24
C ALA A 427 -0.68 8.61 -37.40
N GLN A 428 -0.72 9.36 -36.29
CA GLN A 428 -0.73 10.80 -36.38
C GLN A 428 0.62 11.32 -36.86
N THR A 429 1.71 10.81 -36.25
CA THR A 429 3.06 11.12 -36.70
C THR A 429 3.22 10.78 -38.18
N LEU A 430 2.82 9.57 -38.57
CA LEU A 430 2.96 9.12 -39.94
C LEU A 430 2.25 10.07 -40.89
N ALA A 431 0.99 10.40 -40.58
CA ALA A 431 0.21 11.22 -41.50
C ALA A 431 0.82 12.60 -41.66
N ALA A 432 1.32 13.16 -40.56
CA ALA A 432 1.94 14.48 -40.60
C ALA A 432 3.16 14.50 -41.52
N ILE A 433 3.96 13.44 -41.48
CA ILE A 433 5.16 13.35 -42.32
C ILE A 433 4.77 13.07 -43.76
N TYR A 434 3.79 12.19 -43.97
CA TYR A 434 3.34 11.86 -45.31
C TYR A 434 2.89 13.11 -46.07
N HIS A 435 2.14 13.99 -45.41
CA HIS A 435 1.73 15.22 -46.07
C HIS A 435 2.85 16.25 -46.12
N MET A 436 3.71 16.27 -45.10
CA MET A 436 4.87 17.17 -45.15
C MET A 436 5.76 16.87 -46.33
N ALA A 437 5.89 15.60 -46.72
CA ALA A 437 6.79 15.21 -47.79
C ALA A 437 6.25 15.54 -49.17
N GLY A 438 4.93 15.71 -49.30
CA GLY A 438 4.38 16.17 -50.56
C GLY A 438 4.21 15.08 -51.60
N LYS A 439 3.88 15.53 -52.82
CA LYS A 439 3.38 14.65 -53.87
C LYS A 439 4.49 13.92 -54.62
N ASP A 440 5.68 14.48 -54.73
CA ASP A 440 6.75 13.87 -55.51
C ASP A 440 7.40 12.77 -54.67
N PHE A 441 7.38 11.54 -55.16
CA PHE A 441 8.04 10.45 -54.45
C PHE A 441 8.68 9.49 -55.44
N HIS A 442 9.81 8.92 -55.03
CA HIS A 442 10.42 7.83 -55.77
C HIS A 442 11.10 6.96 -54.73
N VAL A 443 11.18 5.66 -55.03
CA VAL A 443 11.87 4.76 -54.09
C VAL A 443 13.31 5.21 -53.99
N GLY A 444 13.80 5.35 -52.76
CA GLY A 444 15.08 5.95 -52.49
C GLY A 444 15.02 7.37 -51.97
N LYS A 445 13.86 8.04 -52.07
CA LYS A 445 13.78 9.39 -51.54
C LYS A 445 13.70 9.37 -50.02
N TYR A 446 12.77 8.61 -49.47
CA TYR A 446 12.73 8.32 -48.04
C TYR A 446 11.89 7.05 -47.85
N GLU A 447 11.85 6.54 -46.63
CA GLU A 447 10.97 5.42 -46.35
C GLU A 447 10.44 5.57 -44.93
N PHE A 448 9.41 4.78 -44.61
CA PHE A 448 9.00 4.56 -43.23
C PHE A 448 9.60 3.27 -42.70
N GLN A 449 9.52 3.08 -41.38
CA GLN A 449 10.00 1.86 -40.75
C GLN A 449 9.09 1.48 -39.59
N CYS A 450 9.05 0.18 -39.30
CA CYS A 450 8.26 -0.31 -38.17
C CYS A 450 8.97 -1.52 -37.57
N LEU A 451 8.50 -1.94 -36.40
CA LEU A 451 9.06 -3.10 -35.71
C LEU A 451 8.26 -4.35 -36.06
N HIS A 452 8.95 -5.46 -36.22
CA HIS A 452 8.29 -6.74 -36.42
C HIS A 452 7.28 -7.00 -35.31
N GLY A 453 6.10 -7.46 -35.69
CA GLY A 453 5.06 -7.81 -34.73
C GLY A 453 4.36 -6.64 -34.07
N MET A 454 4.65 -5.42 -34.47
CA MET A 454 3.99 -4.23 -33.95
C MET A 454 3.39 -3.36 -35.04
N GLY A 455 4.09 -3.17 -36.15
CA GLY A 455 3.68 -2.16 -37.12
C GLY A 455 3.01 -2.63 -38.39
N GLU A 456 2.97 -3.94 -38.64
CA GLU A 456 2.41 -4.43 -39.90
C GLU A 456 0.95 -4.04 -40.12
N PRO A 457 0.07 -4.07 -39.12
CA PRO A 457 -1.32 -3.63 -39.38
C PRO A 457 -1.40 -2.20 -39.89
N LEU A 458 -0.66 -1.27 -39.27
CA LEU A 458 -0.67 0.12 -39.72
C LEU A 458 -0.10 0.24 -41.14
N TYR A 459 1.03 -0.40 -41.39
CA TYR A 459 1.69 -0.18 -42.68
C TYR A 459 1.08 -1.02 -43.80
N GLU A 460 0.24 -2.00 -43.49
CA GLU A 460 -0.59 -2.58 -44.54
C GLU A 460 -1.65 -1.61 -45.04
N GLU A 461 -1.84 -0.50 -44.34
CA GLU A 461 -2.66 0.61 -44.84
C GLU A 461 -1.85 1.69 -45.54
N VAL A 462 -0.54 1.48 -45.69
CA VAL A 462 0.37 2.49 -46.21
C VAL A 462 1.10 2.00 -47.46
N VAL A 463 1.69 0.80 -47.39
CA VAL A 463 2.50 0.27 -48.48
C VAL A 463 1.59 -0.13 -49.64
N GLY A 464 2.03 0.15 -50.85
CA GLY A 464 1.33 -0.38 -52.00
C GLY A 464 0.55 0.69 -52.74
N ARG A 465 0.35 0.46 -54.04
CA ARG A 465 -0.31 1.42 -54.91
C ARG A 465 -1.76 1.65 -54.51
N GLY A 466 -2.39 0.66 -53.87
CA GLY A 466 -3.76 0.84 -53.43
C GLY A 466 -3.93 1.62 -52.15
N LYS A 467 -2.83 1.93 -51.47
CA LYS A 467 -2.91 2.66 -50.21
C LYS A 467 -2.26 4.03 -50.35
N LEU A 468 -1.15 4.27 -49.64
CA LEU A 468 -0.43 5.52 -49.77
C LEU A 468 0.79 5.43 -50.67
N ASP A 469 1.15 4.22 -51.10
CA ASP A 469 2.27 3.97 -52.02
C ASP A 469 3.58 4.54 -51.47
N ARG A 470 3.84 4.26 -50.20
CA ARG A 470 5.09 4.62 -49.54
C ARG A 470 5.68 3.35 -48.94
N PRO A 471 6.97 3.12 -49.11
CA PRO A 471 7.57 1.87 -48.60
C PRO A 471 7.79 1.90 -47.10
N CYS A 472 7.90 0.70 -46.53
CA CYS A 472 8.18 0.52 -45.11
C CYS A 472 9.18 -0.62 -44.93
N ARG A 473 10.19 -0.39 -44.09
CA ARG A 473 11.18 -1.39 -43.75
C ARG A 473 10.87 -1.93 -42.35
N ILE A 474 10.78 -3.26 -42.24
CA ILE A 474 10.48 -3.92 -40.98
C ILE A 474 11.77 -4.25 -40.25
N TYR A 475 11.89 -3.79 -39.00
CA TYR A 475 13.01 -4.16 -38.13
C TYR A 475 12.72 -5.54 -37.54
N ALA A 476 13.55 -6.51 -37.88
CA ALA A 476 13.24 -7.93 -37.64
C ALA A 476 14.25 -8.52 -36.66
N PRO A 477 13.87 -8.75 -35.40
CA PRO A 477 14.79 -9.39 -34.46
C PRO A 477 14.97 -10.87 -34.79
N VAL A 478 16.19 -11.36 -34.58
CA VAL A 478 16.56 -12.73 -34.90
C VAL A 478 17.30 -13.31 -33.71
N GLY A 479 16.83 -14.45 -33.21
CA GLY A 479 17.48 -15.02 -32.05
C GLY A 479 16.62 -16.09 -31.41
N THR A 480 17.27 -16.86 -30.54
CA THR A 480 16.62 -17.90 -29.76
C THR A 480 15.87 -17.28 -28.58
N HIS A 481 15.04 -18.11 -27.94
CA HIS A 481 14.28 -17.66 -26.78
C HIS A 481 15.18 -16.98 -25.75
N GLU A 482 16.42 -17.45 -25.63
CA GLU A 482 17.33 -16.95 -24.60
C GLU A 482 17.70 -15.49 -24.86
N THR A 483 18.33 -15.22 -26.00
CA THR A 483 18.98 -13.94 -26.30
C THR A 483 18.00 -12.77 -26.40
N LEU A 484 16.74 -13.02 -26.08
CA LEU A 484 15.64 -12.14 -26.44
C LEU A 484 15.26 -11.15 -25.35
N LEU A 485 15.64 -11.40 -24.09
CA LEU A 485 14.97 -10.81 -22.94
C LEU A 485 14.95 -9.29 -22.98
N ALA A 486 16.13 -8.66 -23.03
CA ALA A 486 16.21 -7.21 -22.87
C ALA A 486 15.38 -6.50 -23.93
N TYR A 487 15.57 -6.87 -25.20
CA TYR A 487 14.77 -6.29 -26.28
C TYR A 487 13.27 -6.51 -26.04
N LEU A 488 12.90 -7.71 -25.60
CA LEU A 488 11.47 -8.05 -25.51
C LEU A 488 10.78 -7.24 -24.42
N VAL A 489 11.44 -7.03 -23.28
CA VAL A 489 10.82 -6.24 -22.23
C VAL A 489 10.63 -4.80 -22.68
N ARG A 490 11.60 -4.24 -23.41
CA ARG A 490 11.46 -2.87 -23.91
C ARG A 490 10.26 -2.74 -24.83
N ARG A 491 9.98 -3.77 -25.65
CA ARG A 491 8.82 -3.72 -26.53
C ARG A 491 7.52 -3.81 -25.73
N LEU A 492 7.48 -4.70 -24.74
CA LEU A 492 6.25 -4.88 -23.99
C LEU A 492 5.95 -3.68 -23.12
N LEU A 493 7.00 -3.07 -22.55
CA LEU A 493 6.83 -1.78 -21.88
C LEU A 493 6.25 -0.74 -22.83
N GLU A 494 6.90 -0.57 -23.98
CA GLU A 494 6.38 0.31 -25.02
C GLU A 494 4.93 0.00 -25.33
N ASN A 495 4.58 -1.30 -25.42
CA ASN A 495 3.23 -1.70 -25.78
C ASN A 495 2.22 -1.42 -24.67
N GLY A 496 2.67 -1.37 -23.43
CA GLY A 496 1.76 -1.22 -22.31
C GLY A 496 1.71 0.17 -21.70
N ALA A 497 2.67 1.03 -22.08
CA ALA A 497 2.74 2.36 -21.49
C ALA A 497 1.49 3.16 -21.82
N ASN A 498 0.95 3.83 -20.80
CA ASN A 498 -0.26 4.64 -20.98
C ASN A 498 -0.10 5.67 -22.09
N SER A 499 1.10 6.20 -22.28
CA SER A 499 1.32 7.25 -23.28
C SER A 499 1.55 6.73 -24.69
N SER A 500 1.72 5.41 -24.88
CA SER A 500 2.05 4.87 -26.19
C SER A 500 0.84 4.81 -27.12
N PHE A 501 1.06 5.21 -28.38
CA PHE A 501 0.02 5.10 -29.39
C PHE A 501 -0.53 3.67 -29.51
N VAL A 502 0.36 2.68 -29.55
CA VAL A 502 -0.11 1.31 -29.76
C VAL A 502 -0.93 0.81 -28.58
N HIS A 503 -0.80 1.44 -27.41
CA HIS A 503 -1.65 1.12 -26.28
C HIS A 503 -2.96 1.88 -26.36
N ARG A 504 -2.91 3.16 -26.72
CA ARG A 504 -4.11 3.98 -26.75
C ARG A 504 -5.05 3.58 -27.89
N ILE A 505 -4.50 3.11 -29.02
CA ILE A 505 -5.34 2.71 -30.15
C ILE A 505 -6.31 1.62 -29.73
N ASN A 506 -5.93 0.77 -28.78
CA ASN A 506 -6.77 -0.30 -28.27
C ASN A 506 -7.58 0.11 -27.05
N ASP A 507 -7.45 1.34 -26.58
CA ASP A 507 -8.20 1.80 -25.42
C ASP A 507 -9.54 2.33 -25.89
N PRO A 508 -10.66 1.72 -25.48
CA PRO A 508 -11.97 2.25 -25.93
C PRO A 508 -12.28 3.61 -25.36
N LYS A 509 -11.73 3.96 -24.20
CA LYS A 509 -11.91 5.29 -23.62
C LYS A 509 -11.17 6.37 -24.39
N VAL A 510 -10.40 6.02 -25.42
CA VAL A 510 -9.64 6.98 -26.20
C VAL A 510 -10.31 7.11 -27.57
N SER A 511 -10.79 8.32 -27.87
CA SER A 511 -11.47 8.57 -29.13
C SER A 511 -10.47 8.82 -30.26
N ILE A 512 -10.97 8.74 -31.49
CA ILE A 512 -10.14 9.02 -32.66
C ILE A 512 -9.73 10.50 -32.68
N ASP A 513 -10.63 11.39 -32.24
CA ASP A 513 -10.27 12.80 -32.12
C ASP A 513 -9.08 13.00 -31.20
N GLU A 514 -9.05 12.29 -30.07
CA GLU A 514 -7.88 12.34 -29.20
C GLU A 514 -6.64 11.80 -29.89
N LEU A 515 -6.80 10.79 -30.74
CA LEU A 515 -5.65 10.14 -31.36
C LEU A 515 -5.07 10.97 -32.50
N ILE A 516 -5.87 11.83 -33.12
CA ILE A 516 -5.40 12.63 -34.23
C ILE A 516 -5.10 14.06 -33.81
N ALA A 517 -5.14 14.35 -32.51
CA ALA A 517 -4.78 15.67 -32.02
C ALA A 517 -3.34 16.00 -32.39
N ASP A 518 -3.12 17.22 -32.84
CA ASP A 518 -1.84 17.70 -33.34
C ASP A 518 -0.94 18.12 -32.19
N PRO A 519 0.11 17.38 -31.88
CA PRO A 519 0.95 17.74 -30.72
C PRO A 519 1.62 19.11 -30.86
N VAL A 520 1.89 19.56 -32.08
CA VAL A 520 2.53 20.85 -32.28
C VAL A 520 1.64 21.97 -31.75
N GLU A 521 0.36 21.94 -32.14
CA GLU A 521 -0.55 22.99 -31.72
C GLU A 521 -0.94 22.87 -30.24
N VAL A 522 -1.00 21.65 -29.70
CA VAL A 522 -1.26 21.49 -28.27
C VAL A 522 -0.12 22.09 -27.45
N VAL A 523 1.12 21.86 -27.87
CA VAL A 523 2.25 22.40 -27.13
C VAL A 523 2.29 23.92 -27.23
N ARG A 524 2.00 24.46 -28.42
CA ARG A 524 2.05 25.91 -28.59
C ARG A 524 1.06 26.60 -27.65
N ALA A 525 -0.10 25.99 -27.44
CA ALA A 525 -1.16 26.60 -26.66
C ALA A 525 -1.00 26.42 -25.15
N MET A 526 -0.02 25.63 -24.69
CA MET A 526 0.16 25.50 -23.26
C MET A 526 0.63 26.82 -22.67
N PRO A 527 0.30 27.10 -21.40
CA PRO A 527 0.65 28.42 -20.84
C PRO A 527 2.14 28.64 -20.73
N VAL A 528 2.90 27.62 -20.34
CA VAL A 528 4.36 27.67 -20.33
C VAL A 528 4.85 26.61 -21.33
N VAL A 529 5.31 27.08 -22.49
CA VAL A 529 5.75 26.16 -23.54
C VAL A 529 6.98 25.38 -23.06
N GLY A 530 6.89 24.06 -23.15
CA GLY A 530 8.02 23.21 -22.80
C GLY A 530 8.27 22.96 -21.33
N ALA A 531 7.28 23.21 -20.47
CA ALA A 531 7.49 22.96 -19.04
C ALA A 531 7.80 21.49 -18.78
N LYS A 532 8.73 21.25 -17.86
CA LYS A 532 9.02 19.91 -17.35
C LYS A 532 7.74 19.23 -16.86
N HIS A 533 7.71 17.90 -16.95
CA HIS A 533 6.61 17.13 -16.38
C HIS A 533 6.44 17.47 -14.89
N ASP A 534 5.19 17.67 -14.48
CA ASP A 534 4.92 18.04 -13.09
C ASP A 534 5.36 16.97 -12.10
N ARG A 535 5.33 15.70 -12.49
CA ARG A 535 5.52 14.61 -11.54
C ARG A 535 6.89 13.98 -11.61
N ILE A 536 7.84 14.56 -12.34
CA ILE A 536 9.21 14.07 -12.40
C ILE A 536 10.12 15.14 -11.81
N ALA A 537 10.85 14.78 -10.76
CA ALA A 537 11.70 15.75 -10.09
C ALA A 537 13.03 15.88 -10.79
N LEU A 538 13.48 17.14 -10.96
CA LEU A 538 14.85 17.36 -11.37
C LEU A 538 15.77 16.72 -10.32
N PRO A 539 16.97 16.29 -10.70
CA PRO A 539 17.85 15.67 -9.71
C PRO A 539 18.09 16.53 -8.47
N ALA A 540 18.21 17.85 -8.63
CA ALA A 540 18.39 18.73 -7.47
C ALA A 540 17.22 18.69 -6.50
N GLU A 541 16.04 18.29 -6.95
CA GLU A 541 14.83 18.43 -6.14
C GLU A 541 14.31 17.10 -5.62
N LEU A 542 15.15 16.05 -5.60
CA LEU A 542 14.70 14.73 -5.15
C LEU A 542 14.11 14.76 -3.76
N PHE A 543 14.61 15.63 -2.89
CA PHE A 543 14.14 15.66 -1.51
C PHE A 543 13.19 16.83 -1.25
N GLY A 544 12.76 17.52 -2.29
CA GLY A 544 11.74 18.55 -2.11
C GLY A 544 12.19 19.65 -1.17
N ASP A 545 11.30 20.02 -0.24
CA ASP A 545 11.58 21.15 0.64
C ASP A 545 12.51 20.80 1.79
N ALA A 546 12.83 19.53 1.98
CA ALA A 546 13.69 19.14 3.09
C ALA A 546 15.10 19.70 2.92
N ARG A 547 15.67 19.58 1.72
CA ARG A 547 17.03 20.02 1.47
C ARG A 547 17.30 19.88 -0.02
N THR A 548 18.38 20.51 -0.45
CA THR A 548 18.79 20.46 -1.85
C THR A 548 19.76 19.29 -2.05
N ASN A 549 19.47 18.47 -3.05
CA ASN A 549 20.37 17.36 -3.39
C ASN A 549 21.72 17.90 -3.85
N SER A 550 22.79 17.21 -3.48
CA SER A 550 24.09 17.57 -4.04
C SER A 550 24.11 17.35 -5.55
N ALA A 551 24.97 18.11 -6.23
CA ALA A 551 25.10 18.01 -7.68
C ALA A 551 26.40 17.28 -8.04
N GLY A 552 26.32 16.41 -9.05
CA GLY A 552 27.49 15.76 -9.59
C GLY A 552 28.00 16.44 -10.84
N LEU A 553 28.80 15.69 -11.61
CA LEU A 553 29.38 16.16 -12.86
C LEU A 553 29.27 15.08 -13.91
N ASP A 554 29.00 15.47 -15.16
CA ASP A 554 28.77 14.53 -16.26
C ASP A 554 30.11 14.28 -16.93
N LEU A 555 30.71 13.11 -16.67
CA LEU A 555 31.99 12.77 -17.27
C LEU A 555 31.88 12.28 -18.70
N SER A 556 30.68 12.36 -19.30
CA SER A 556 30.49 12.12 -20.72
C SER A 556 30.34 13.43 -21.50
N ASN A 557 30.35 14.57 -20.82
CA ASN A 557 30.15 15.87 -21.44
C ASN A 557 31.53 16.47 -21.75
N GLU A 558 31.81 16.74 -23.03
CA GLU A 558 33.14 17.23 -23.39
C GLU A 558 33.43 18.61 -22.81
N GLU A 559 32.41 19.47 -22.66
CA GLU A 559 32.66 20.74 -21.98
C GLU A 559 33.06 20.51 -20.53
N THR A 560 32.35 19.60 -19.85
CA THR A 560 32.70 19.28 -18.47
C THR A 560 34.10 18.70 -18.38
N LEU A 561 34.45 17.79 -19.30
CA LEU A 561 35.77 17.18 -19.25
C LEU A 561 36.86 18.22 -19.50
N ALA A 562 36.60 19.18 -20.38
CA ALA A 562 37.59 20.20 -20.67
C ALA A 562 37.80 21.13 -19.48
N SER A 563 36.71 21.58 -18.85
CA SER A 563 36.87 22.47 -17.70
C SER A 563 37.43 21.71 -16.51
N LEU A 564 37.04 20.44 -16.34
CA LEU A 564 37.56 19.66 -15.23
C LEU A 564 39.06 19.41 -15.39
N THR A 565 39.51 19.15 -16.62
CA THR A 565 40.94 18.98 -16.87
C THR A 565 41.73 20.19 -16.39
N GLU A 566 41.26 21.40 -16.72
CA GLU A 566 41.96 22.60 -16.29
C GLU A 566 41.96 22.70 -14.76
N ALA A 567 40.80 22.49 -14.14
CA ALA A 567 40.69 22.62 -12.69
C ALA A 567 41.55 21.58 -11.99
N LEU A 568 41.60 20.35 -12.53
CA LEU A 568 42.39 19.30 -11.90
C LEU A 568 43.87 19.61 -11.99
N ARG A 569 44.34 20.06 -13.16
CA ARG A 569 45.73 20.46 -13.32
C ARG A 569 46.10 21.59 -12.36
N GLU A 570 45.20 22.56 -12.19
CA GLU A 570 45.48 23.66 -11.27
C GLU A 570 45.53 23.17 -9.82
N SER A 571 44.66 22.23 -9.46
CA SER A 571 44.71 21.66 -8.11
C SER A 571 46.05 20.99 -7.84
N ALA A 572 46.69 20.44 -8.86
CA ALA A 572 47.96 19.75 -8.68
C ALA A 572 49.13 20.70 -8.53
N ALA A 573 48.96 21.96 -8.91
CA ALA A 573 50.00 22.95 -8.73
C ALA A 573 49.96 23.61 -7.35
N MET A 574 48.94 23.33 -6.56
CA MET A 574 48.77 23.98 -5.27
C MET A 574 49.65 23.34 -4.21
N LYS A 575 50.07 24.16 -3.24
CA LYS A 575 50.91 23.72 -2.14
C LYS A 575 50.01 23.38 -0.95
N TRP A 576 49.34 22.23 -1.07
CA TRP A 576 48.46 21.75 -0.01
C TRP A 576 49.24 21.49 1.27
N THR A 577 48.70 21.95 2.39
CA THR A 577 49.28 21.63 3.69
C THR A 577 48.19 21.25 4.69
N ALA A 578 48.62 20.61 5.77
CA ALA A 578 47.77 20.27 6.90
C ALA A 578 48.57 20.53 8.16
N LEU A 579 48.02 21.31 9.08
CA LEU A 579 48.72 21.75 10.28
C LEU A 579 47.86 21.47 11.50
N PRO A 580 48.47 21.32 12.67
CA PRO A 580 47.66 21.33 13.90
C PRO A 580 47.04 22.70 14.06
N GLN A 581 45.73 22.78 13.91
CA GLN A 581 45.00 24.05 13.94
C GLN A 581 44.29 24.11 15.28
N LEU A 582 44.98 24.66 16.28
CA LEU A 582 44.38 24.81 17.59
C LEU A 582 43.53 26.09 17.64
N ALA A 583 42.79 26.25 18.74
CA ALA A 583 41.91 27.41 18.87
C ALA A 583 42.71 28.70 18.88
N THR A 584 43.94 28.63 19.36
CA THR A 584 44.84 29.78 19.44
C THR A 584 45.61 30.03 18.16
N GLY A 585 45.52 29.15 17.17
CA GLY A 585 46.28 29.26 15.94
C GLY A 585 47.07 28.00 15.63
N PRO A 586 47.76 28.00 14.49
CA PRO A 586 48.53 26.82 14.09
C PRO A 586 49.66 26.54 15.08
N ALA A 587 49.93 25.26 15.32
CA ALA A 587 51.01 24.85 16.21
C ALA A 587 52.14 24.22 15.40
N ALA A 588 53.35 24.31 15.94
CA ALA A 588 54.50 23.66 15.33
C ALA A 588 54.51 22.17 15.62
N GLY A 589 55.22 21.43 14.79
CA GLY A 589 55.32 19.99 14.99
C GLY A 589 56.20 19.37 13.93
N GLU A 590 56.24 18.04 13.92
CA GLU A 590 57.04 17.32 12.95
C GLU A 590 56.35 17.33 11.59
N THR A 591 57.12 17.64 10.53
CA THR A 591 56.57 17.85 9.20
C THR A 591 57.11 16.81 8.22
N ARG A 592 56.23 16.26 7.38
CA ARG A 592 56.65 15.33 6.35
C ARG A 592 55.80 15.53 5.10
N THR A 593 56.27 15.00 3.98
CA THR A 593 55.50 15.09 2.75
C THR A 593 54.40 14.04 2.71
N VAL A 594 53.39 14.31 1.88
CA VAL A 594 52.31 13.38 1.57
C VAL A 594 52.49 12.99 0.11
N LEU A 595 52.61 11.68 -0.15
CA LEU A 595 52.92 11.17 -1.49
C LEU A 595 51.68 10.52 -2.10
N ASN A 596 51.56 10.64 -3.41
CA ASN A 596 50.49 9.97 -4.17
C ASN A 596 50.64 8.45 -4.05
N PRO A 597 49.64 7.73 -3.55
CA PRO A 597 49.79 6.27 -3.43
C PRO A 597 49.98 5.57 -4.77
N GLY A 598 49.54 6.18 -5.88
CA GLY A 598 49.73 5.59 -7.19
C GLY A 598 51.06 5.88 -7.84
N ASP A 599 51.86 6.75 -7.23
CA ASP A 599 53.16 7.13 -7.76
C ASP A 599 53.86 8.00 -6.73
N HIS A 600 54.75 7.39 -5.93
CA HIS A 600 55.35 8.10 -4.82
C HIS A 600 56.24 9.25 -5.26
N ARG A 601 56.54 9.38 -6.55
CA ARG A 601 57.28 10.52 -7.06
C ARG A 601 56.45 11.80 -7.05
N ASP A 602 55.12 11.68 -6.97
CA ASP A 602 54.18 12.79 -7.04
C ASP A 602 53.92 13.26 -5.61
N VAL A 603 54.59 14.34 -5.19
CA VAL A 603 54.39 14.90 -3.86
C VAL A 603 53.12 15.75 -3.89
N VAL A 604 52.15 15.41 -3.04
CA VAL A 604 50.87 16.11 -3.03
C VAL A 604 50.89 17.30 -2.08
N GLY A 605 51.57 17.18 -0.95
CA GLY A 605 51.60 18.28 0.00
C GLY A 605 52.43 17.93 1.20
N SER A 606 52.25 18.71 2.27
CA SER A 606 53.01 18.54 3.48
C SER A 606 52.07 18.56 4.67
N VAL A 607 52.36 17.73 5.67
CA VAL A 607 51.55 17.67 6.89
C VAL A 607 52.46 17.90 8.09
N THR A 608 52.01 18.74 9.00
CA THR A 608 52.66 18.92 10.29
C THR A 608 51.83 18.19 11.34
N GLU A 609 52.42 17.20 11.99
CA GLU A 609 51.62 16.38 12.89
C GLU A 609 51.65 16.92 14.31
N THR A 610 50.63 16.54 15.07
CA THR A 610 50.37 17.10 16.40
C THR A 610 51.13 16.34 17.48
N SER A 611 51.76 17.10 18.37
CA SER A 611 52.37 16.47 19.54
C SER A 611 51.29 16.03 20.52
N GLU A 612 51.62 15.03 21.34
CA GLU A 612 50.66 14.57 22.32
C GLU A 612 50.33 15.67 23.33
N GLU A 613 51.31 16.53 23.64
CA GLU A 613 51.04 17.67 24.52
C GLU A 613 50.02 18.62 23.91
N ASP A 614 50.17 18.93 22.62
CA ASP A 614 49.24 19.86 21.97
C ASP A 614 47.86 19.24 21.79
N ALA A 615 47.78 17.93 21.62
CA ALA A 615 46.48 17.29 21.56
C ALA A 615 45.75 17.43 22.89
N ARG A 616 46.47 17.25 24.00
CA ARG A 616 45.85 17.48 25.30
C ARG A 616 45.48 18.94 25.49
N ARG A 617 46.33 19.85 25.03
CA ARG A 617 46.01 21.28 25.07
C ARG A 617 44.75 21.59 24.28
N ALA A 618 44.60 20.99 23.10
CA ALA A 618 43.43 21.26 22.26
C ALA A 618 42.14 20.87 22.96
N VAL A 619 42.12 19.74 23.68
CA VAL A 619 40.90 19.34 24.38
C VAL A 619 40.57 20.35 25.48
N ARG A 620 41.58 20.87 26.17
CA ARG A 620 41.30 21.86 27.21
C ARG A 620 40.76 23.15 26.61
N LEU A 621 41.29 23.56 25.44
CA LEU A 621 40.76 24.73 24.76
C LEU A 621 39.33 24.48 24.29
N ALA A 622 39.04 23.26 23.81
CA ALA A 622 37.68 22.90 23.44
C ALA A 622 36.74 22.99 24.64
N ALA A 623 37.17 22.48 25.80
CA ALA A 623 36.33 22.55 26.99
C ALA A 623 36.05 24.00 27.38
N ASP A 624 37.07 24.86 27.32
CA ASP A 624 36.90 26.26 27.67
C ASP A 624 35.96 26.97 26.70
N ALA A 625 36.00 26.57 25.43
CA ALA A 625 35.15 27.19 24.41
C ALA A 625 33.76 26.59 24.34
N ALA A 626 33.52 25.46 25.02
CA ALA A 626 32.26 24.75 24.83
C ALA A 626 31.04 25.60 25.14
N PRO A 627 30.98 26.37 26.23
CA PRO A 627 29.77 27.17 26.48
C PRO A 627 29.45 28.14 25.37
N ASP A 628 30.46 28.77 24.77
CA ASP A 628 30.22 29.77 23.74
C ASP A 628 29.64 29.15 22.48
N TRP A 629 30.01 27.92 22.16
CA TRP A 629 29.48 27.29 20.96
C TRP A 629 28.10 26.73 21.22
N ALA A 630 27.87 26.16 22.41
CA ALA A 630 26.54 25.69 22.76
C ALA A 630 25.51 26.83 22.72
N ALA A 631 25.96 28.06 22.99
CA ALA A 631 25.07 29.21 23.03
C ALA A 631 24.66 29.70 21.63
N VAL A 632 25.34 29.27 20.58
CA VAL A 632 24.91 29.60 19.22
C VAL A 632 23.64 28.80 18.94
N PRO A 633 22.53 29.44 18.60
CA PRO A 633 21.27 28.72 18.47
C PRO A 633 21.34 27.68 17.37
N PRO A 634 20.60 26.57 17.53
CA PRO A 634 20.70 25.47 16.55
C PRO A 634 20.49 25.89 15.11
N SER A 635 19.55 26.80 14.84
CA SER A 635 19.30 27.25 13.47
C SER A 635 20.56 27.89 12.88
N GLU A 636 21.31 28.61 13.70
CA GLU A 636 22.52 29.27 13.21
C GLU A 636 23.67 28.28 13.03
N ARG A 637 23.79 27.29 13.93
CA ARG A 637 24.74 26.21 13.69
C ARG A 637 24.43 25.48 12.40
N ALA A 638 23.14 25.19 12.17
CA ALA A 638 22.75 24.54 10.92
C ALA A 638 23.02 25.43 9.70
N ALA A 639 22.91 26.76 9.85
CA ALA A 639 23.23 27.64 8.74
C ALA A 639 24.72 27.57 8.37
N CYS A 640 25.59 27.37 9.36
CA CYS A 640 27.01 27.15 9.05
C CYS A 640 27.18 25.91 8.19
N LEU A 641 26.51 24.81 8.56
CA LEU A 641 26.62 23.58 7.78
C LEU A 641 26.13 23.80 6.36
N ASP A 642 25.02 24.53 6.20
CA ASP A 642 24.51 24.78 4.86
C ASP A 642 25.48 25.64 4.05
N ARG A 643 26.13 26.63 4.69
CA ARG A 643 27.12 27.43 3.99
C ARG A 643 28.33 26.61 3.61
N ALA A 644 28.77 25.71 4.50
CA ALA A 644 29.89 24.83 4.16
C ALA A 644 29.54 23.94 2.98
N ALA A 645 28.29 23.46 2.90
CA ALA A 645 27.90 22.62 1.78
C ALA A 645 27.93 23.38 0.47
N GLU A 646 27.48 24.63 0.48
CA GLU A 646 27.57 25.48 -0.71
C GLU A 646 29.02 25.67 -1.13
N LEU A 647 29.91 25.90 -0.16
CA LEU A 647 31.34 26.09 -0.48
C LEU A 647 31.94 24.83 -1.08
N MET A 648 31.59 23.66 -0.52
CA MET A 648 32.11 22.41 -1.06
C MET A 648 31.58 22.15 -2.47
N GLN A 649 30.29 22.43 -2.70
CA GLN A 649 29.75 22.25 -4.05
C GLN A 649 30.49 23.11 -5.07
N ALA A 650 30.77 24.37 -4.71
CA ALA A 650 31.47 25.26 -5.64
C ALA A 650 32.92 24.84 -5.84
N ARG A 651 33.56 24.28 -4.82
CA ARG A 651 34.96 23.87 -4.91
C ARG A 651 35.13 22.43 -5.34
N MET A 652 34.05 21.74 -5.73
CA MET A 652 34.14 20.32 -6.06
C MET A 652 35.27 19.99 -7.02
N PRO A 653 35.46 20.71 -8.15
CA PRO A 653 36.54 20.30 -9.07
C PRO A 653 37.91 20.28 -8.42
N THR A 654 38.22 21.30 -7.61
CA THR A 654 39.51 21.33 -6.91
C THR A 654 39.58 20.21 -5.87
N LEU A 655 38.50 20.00 -5.13
CA LEU A 655 38.46 18.92 -4.15
C LEU A 655 38.67 17.56 -4.82
N LEU A 656 38.09 17.36 -6.01
CA LEU A 656 38.30 16.12 -6.76
C LEU A 656 39.78 15.87 -6.99
N GLY A 657 40.48 16.90 -7.47
CA GLY A 657 41.89 16.74 -7.78
C GLY A 657 42.70 16.34 -6.57
N LEU A 658 42.36 16.90 -5.40
CA LEU A 658 43.09 16.54 -4.19
C LEU A 658 42.82 15.11 -3.78
N ILE A 659 41.54 14.70 -3.81
CA ILE A 659 41.18 13.35 -3.42
C ILE A 659 41.79 12.32 -4.37
N ILE A 660 41.80 12.62 -5.67
CA ILE A 660 42.37 11.69 -6.65
C ILE A 660 43.83 11.42 -6.34
N ARG A 661 44.59 12.47 -6.04
CA ARG A 661 46.03 12.30 -5.85
C ARG A 661 46.39 11.88 -4.43
N GLU A 662 45.64 12.32 -3.42
CA GLU A 662 46.01 11.94 -2.06
C GLU A 662 45.54 10.53 -1.70
N ALA A 663 44.34 10.13 -2.13
CA ALA A 663 43.74 8.90 -1.63
C ALA A 663 43.61 7.81 -2.70
N GLY A 664 44.15 8.03 -3.89
CA GLY A 664 44.11 7.02 -4.94
C GLY A 664 42.73 6.75 -5.51
N LYS A 665 41.86 7.75 -5.50
CA LYS A 665 40.50 7.59 -5.99
C LYS A 665 40.42 7.94 -7.48
N SER A 666 39.53 7.24 -8.18
CA SER A 666 39.13 7.63 -9.52
C SER A 666 38.25 8.88 -9.47
N ALA A 667 38.10 9.54 -10.63
CA ALA A 667 37.29 10.75 -10.69
C ALA A 667 35.85 10.48 -10.28
N LEU A 668 35.26 9.40 -10.78
CA LEU A 668 33.89 9.06 -10.41
C LEU A 668 33.75 8.86 -8.91
N ASN A 669 34.71 8.15 -8.30
CA ASN A 669 34.64 7.94 -6.86
C ASN A 669 34.89 9.24 -6.08
N ALA A 670 35.74 10.14 -6.58
CA ALA A 670 35.93 11.40 -5.89
C ALA A 670 34.68 12.27 -5.95
N ILE A 671 33.99 12.28 -7.10
CA ILE A 671 32.73 13.01 -7.21
C ILE A 671 31.75 12.51 -6.16
N ALA A 672 31.57 11.18 -6.09
CA ALA A 672 30.65 10.61 -5.11
C ALA A 672 31.05 10.98 -3.69
N GLU A 673 32.36 11.00 -3.43
CA GLU A 673 32.86 11.34 -2.09
C GLU A 673 32.50 12.77 -1.71
N VAL A 674 32.70 13.73 -2.63
CA VAL A 674 32.37 15.12 -2.34
C VAL A 674 30.86 15.30 -2.22
N ARG A 675 30.10 14.64 -3.11
CA ARG A 675 28.65 14.68 -2.98
C ARG A 675 28.21 14.20 -1.62
N GLU A 676 28.82 13.11 -1.12
CA GLU A 676 28.42 12.57 0.18
C GLU A 676 28.68 13.57 1.30
N ALA A 677 29.79 14.31 1.22
CA ALA A 677 30.09 15.30 2.24
C ALA A 677 29.05 16.41 2.23
N ILE A 678 28.71 16.90 1.03
CA ILE A 678 27.68 17.92 0.88
C ILE A 678 26.36 17.42 1.45
N ASP A 679 26.02 16.15 1.18
CA ASP A 679 24.75 15.60 1.65
C ASP A 679 24.72 15.45 3.18
N PHE A 680 25.83 15.02 3.80
CA PHE A 680 25.89 15.00 5.27
C PHE A 680 25.62 16.39 5.84
N LEU A 681 26.32 17.40 5.32
CA LEU A 681 26.16 18.75 5.84
C LEU A 681 24.71 19.22 5.76
N ARG A 682 24.06 19.00 4.60
CA ARG A 682 22.68 19.45 4.46
C ARG A 682 21.70 18.58 5.22
N TYR A 683 21.96 17.28 5.32
CA TYR A 683 21.06 16.40 6.06
C TYR A 683 21.09 16.70 7.55
N TYR A 684 22.29 16.83 8.13
CA TYR A 684 22.34 17.13 9.56
C TYR A 684 21.83 18.53 9.86
N ALA A 685 22.01 19.49 8.94
CA ALA A 685 21.42 20.80 9.13
C ALA A 685 19.90 20.71 9.21
N GLU A 686 19.28 19.96 8.29
CA GLU A 686 17.82 19.86 8.27
C GLU A 686 17.30 19.08 9.47
N GLN A 687 17.97 17.99 9.84
CA GLN A 687 17.58 17.24 11.04
C GLN A 687 17.67 18.12 12.27
N THR A 688 18.67 19.01 12.33
CA THR A 688 18.77 19.95 13.45
C THR A 688 17.58 20.87 13.49
N ARG A 689 17.24 21.47 12.35
CA ARG A 689 16.10 22.39 12.29
C ARG A 689 14.81 21.68 12.67
N ARG A 690 14.71 20.38 12.40
CA ARG A 690 13.52 19.63 12.80
C ARG A 690 13.48 19.24 14.27
N THR A 691 14.64 19.25 15.00
CA THR A 691 14.60 18.57 16.30
C THR A 691 15.16 19.37 17.49
N LEU A 692 16.27 20.09 17.34
CA LEU A 692 17.02 20.52 18.52
C LEU A 692 16.46 21.79 19.14
N GLY A 693 16.23 21.74 20.46
CA GLY A 693 15.81 22.88 21.23
C GLY A 693 16.66 23.08 22.47
N PRO A 694 16.22 23.98 23.35
CA PRO A 694 17.06 24.35 24.52
C PRO A 694 17.37 23.20 25.46
N GLY A 695 16.48 22.23 25.60
CA GLY A 695 16.72 21.14 26.52
C GLY A 695 17.57 20.02 25.99
N HIS A 696 18.06 20.12 24.75
CA HIS A 696 18.92 19.09 24.18
C HIS A 696 20.34 19.62 24.27
N GLY A 697 20.90 19.52 25.48
CA GLY A 697 22.21 20.08 25.75
C GLY A 697 23.32 19.24 25.15
N PRO A 698 24.40 19.88 24.74
CA PRO A 698 25.51 19.12 24.15
C PRO A 698 26.25 18.30 25.20
N LEU A 699 26.96 17.29 24.71
CA LEU A 699 27.82 16.49 25.59
C LEU A 699 29.02 17.28 26.08
N GLY A 700 29.63 18.07 25.19
CA GLY A 700 30.91 18.69 25.48
C GLY A 700 31.87 18.39 24.36
N PRO A 701 33.17 18.56 24.60
CA PRO A 701 34.15 18.29 23.53
C PRO A 701 34.01 16.86 23.02
N ILE A 702 33.95 16.71 21.69
CA ILE A 702 33.81 15.42 21.04
C ILE A 702 35.03 15.17 20.19
N VAL A 703 35.62 13.98 20.34
CA VAL A 703 36.77 13.57 19.55
C VAL A 703 36.27 12.80 18.34
N CYS A 704 36.58 13.31 17.15
CA CYS A 704 36.18 12.67 15.89
C CYS A 704 37.42 12.07 15.24
N ILE A 705 37.43 10.74 15.14
CA ILE A 705 38.54 9.99 14.55
C ILE A 705 37.99 9.28 13.31
N SER A 706 38.67 9.46 12.18
CA SER A 706 38.11 9.09 10.90
C SER A 706 39.08 8.22 10.10
N PRO A 707 38.57 7.44 9.14
CA PRO A 707 39.41 6.53 8.37
C PRO A 707 39.98 7.21 7.12
N TRP A 708 40.98 6.56 6.53
CA TRP A 708 41.57 7.14 5.33
C TRP A 708 40.70 6.96 4.09
N ASN A 709 39.82 5.96 4.06
CA ASN A 709 39.30 5.50 2.78
C ASN A 709 38.15 6.35 2.24
N PHE A 710 37.43 7.06 3.12
CA PHE A 710 36.46 8.08 2.74
C PHE A 710 36.95 9.36 3.40
N PRO A 711 38.04 9.94 2.89
CA PRO A 711 38.81 10.92 3.68
C PRO A 711 38.17 12.29 3.78
N LEU A 712 37.15 12.57 2.99
CA LEU A 712 36.39 13.80 3.15
C LEU A 712 34.98 13.54 3.63
N ALA A 713 34.31 12.50 3.13
CA ALA A 713 32.91 12.30 3.43
C ALA A 713 32.69 11.89 4.88
N ILE A 714 33.36 10.82 5.33
CA ILE A 714 33.14 10.37 6.70
C ILE A 714 33.73 11.38 7.68
N PHE A 715 34.90 11.93 7.36
CA PHE A 715 35.50 13.02 8.13
C PHE A 715 34.48 14.15 8.38
N THR A 716 33.89 14.66 7.29
CA THR A 716 32.94 15.76 7.38
C THR A 716 31.69 15.35 8.14
N GLY A 717 31.19 14.15 7.89
CA GLY A 717 29.92 13.75 8.48
C GLY A 717 29.99 13.72 9.99
N GLN A 718 31.03 13.10 10.55
CA GLN A 718 31.14 13.03 12.00
C GLN A 718 31.26 14.42 12.60
N ILE A 719 32.15 15.25 12.04
CA ILE A 719 32.39 16.57 12.59
C ILE A 719 31.14 17.43 12.49
N ALA A 720 30.45 17.36 11.35
CA ALA A 720 29.27 18.19 11.13
C ALA A 720 28.17 17.84 12.11
N ALA A 721 27.96 16.55 12.35
CA ALA A 721 26.94 16.14 13.31
C ALA A 721 27.28 16.63 14.72
N ALA A 722 28.53 16.42 15.16
CA ALA A 722 28.92 16.85 16.49
C ALA A 722 28.79 18.37 16.65
N LEU A 723 29.26 19.13 15.66
CA LEU A 723 29.19 20.59 15.72
C LEU A 723 27.76 21.08 15.78
N VAL A 724 26.88 20.53 14.93
CA VAL A 724 25.54 21.09 14.83
C VAL A 724 24.74 20.73 16.07
N ALA A 725 25.10 19.63 16.74
CA ALA A 725 24.50 19.30 18.02
C ALA A 725 25.01 20.19 19.17
N GLY A 726 25.91 21.12 18.90
CA GLY A 726 26.38 22.06 19.90
C GLY A 726 27.67 21.70 20.60
N ASN A 727 28.40 20.71 20.11
CA ASN A 727 29.67 20.25 20.71
C ASN A 727 30.86 20.84 19.99
N PRO A 728 31.87 21.36 20.69
CA PRO A 728 33.15 21.63 20.03
C PRO A 728 33.83 20.31 19.69
N VAL A 729 34.62 20.34 18.62
CA VAL A 729 35.15 19.12 17.99
C VAL A 729 36.66 19.16 17.93
N LEU A 730 37.28 18.03 18.25
CA LEU A 730 38.68 17.75 17.97
C LEU A 730 38.72 16.76 16.82
N ALA A 731 39.19 17.19 15.66
CA ALA A 731 39.17 16.40 14.44
C ALA A 731 40.53 15.76 14.21
N LYS A 732 40.58 14.42 14.26
CA LYS A 732 41.82 13.67 14.09
C LYS A 732 41.69 12.81 12.84
N PRO A 733 42.14 13.30 11.69
CA PRO A 733 42.02 12.52 10.46
C PRO A 733 43.07 11.43 10.39
N ALA A 734 42.78 10.43 9.54
CA ALA A 734 43.74 9.36 9.32
C ALA A 734 45.09 9.93 8.89
N GLU A 735 46.17 9.30 9.36
CA GLU A 735 47.49 9.76 9.01
C GLU A 735 47.77 9.70 7.51
N GLU A 736 47.06 8.84 6.77
CA GLU A 736 47.31 8.72 5.33
C GLU A 736 46.75 9.91 4.55
N THR A 737 45.68 10.54 5.03
CA THR A 737 44.94 11.52 4.22
C THR A 737 44.64 12.82 4.99
N PRO A 738 45.68 13.51 5.47
CA PRO A 738 45.45 14.75 6.21
C PRO A 738 45.11 15.97 5.36
N LEU A 739 45.49 15.99 4.07
CA LEU A 739 45.39 17.22 3.29
C LEU A 739 43.93 17.55 2.98
N ILE A 740 43.15 16.56 2.52
CA ILE A 740 41.75 16.84 2.23
C ILE A 740 41.00 17.14 3.52
N ALA A 741 41.43 16.56 4.64
CA ALA A 741 40.82 16.89 5.93
C ALA A 741 41.06 18.35 6.31
N ALA A 742 42.30 18.82 6.15
CA ALA A 742 42.61 20.20 6.45
C ALA A 742 41.79 21.15 5.58
N GLU A 743 41.59 20.78 4.31
CA GLU A 743 40.78 21.61 3.43
C GLU A 743 39.31 21.63 3.88
N GLY A 744 38.80 20.48 4.35
CA GLY A 744 37.43 20.46 4.86
C GLY A 744 37.27 21.33 6.10
N VAL A 745 38.25 21.28 7.01
CA VAL A 745 38.20 22.17 8.18
C VAL A 745 38.28 23.63 7.75
N ARG A 746 39.11 23.95 6.75
CA ARG A 746 39.20 25.31 6.25
C ARG A 746 37.84 25.78 5.73
N ILE A 747 37.15 24.92 4.98
CA ILE A 747 35.82 25.26 4.45
C ILE A 747 34.82 25.46 5.59
N LEU A 748 34.83 24.56 6.58
CA LEU A 748 33.91 24.73 7.71
C LEU A 748 34.18 26.02 8.47
N ARG A 749 35.45 26.37 8.64
CA ARG A 749 35.74 27.62 9.35
C ARG A 749 35.33 28.82 8.50
N GLU A 750 35.52 28.76 7.17
CA GLU A 750 35.06 29.84 6.30
C GLU A 750 33.56 30.02 6.40
N ALA A 751 32.82 28.91 6.53
CA ALA A 751 31.36 28.93 6.64
C ALA A 751 30.88 29.46 7.98
N GLY A 752 31.78 29.75 8.92
CA GLY A 752 31.40 30.36 10.17
C GLY A 752 31.66 29.54 11.41
N ILE A 753 32.15 28.30 11.32
CA ILE A 753 32.48 27.55 12.53
C ILE A 753 33.66 28.22 13.21
N PRO A 754 33.55 28.65 14.46
CA PRO A 754 34.68 29.33 15.11
C PRO A 754 35.87 28.39 15.29
N ALA A 755 37.07 28.98 15.30
CA ALA A 755 38.28 28.17 15.43
C ALA A 755 38.30 27.40 16.74
N SER A 756 37.71 27.97 17.80
CA SER A 756 37.66 27.26 19.07
C SER A 756 36.69 26.08 19.04
N ALA A 757 35.72 26.07 18.12
CA ALA A 757 34.76 24.97 18.04
C ALA A 757 35.22 23.83 17.15
N LEU A 758 36.22 24.05 16.29
CA LEU A 758 36.70 23.01 15.38
C LEU A 758 38.21 23.13 15.27
N GLN A 759 38.92 22.22 15.93
CA GLN A 759 40.37 22.16 15.88
C GLN A 759 40.81 20.92 15.11
N LEU A 760 41.84 21.07 14.29
CA LEU A 760 42.35 20.00 13.45
C LEU A 760 43.66 19.50 14.03
N LEU A 761 43.75 18.19 14.28
CA LEU A 761 44.94 17.59 14.90
C LEU A 761 45.46 16.45 14.04
N PRO A 762 46.30 16.74 13.04
CA PRO A 762 46.85 15.66 12.21
C PRO A 762 47.80 14.76 12.99
N GLY A 763 47.93 13.53 12.53
CA GLY A 763 48.86 12.58 13.13
C GLY A 763 48.32 11.17 13.09
N ASP A 764 49.03 10.27 13.77
CA ASP A 764 48.69 8.86 13.72
C ASP A 764 47.83 8.48 14.94
N GLY A 765 47.70 7.18 15.19
CA GLY A 765 46.82 6.71 16.25
C GLY A 765 47.19 7.20 17.63
N ARG A 766 48.46 7.57 17.82
CA ARG A 766 48.89 8.17 19.10
C ARG A 766 48.14 9.46 19.39
N VAL A 767 47.92 10.27 18.35
CA VAL A 767 47.15 11.50 18.54
C VAL A 767 45.71 11.16 18.86
N GLY A 768 45.13 10.18 18.13
CA GLY A 768 43.80 9.73 18.46
C GLY A 768 43.68 9.26 19.90
N ALA A 769 44.63 8.44 20.34
CA ALA A 769 44.57 7.88 21.69
C ALA A 769 44.73 8.97 22.75
N ALA A 770 45.61 9.94 22.50
CA ALA A 770 45.79 11.04 23.44
C ALA A 770 44.50 11.85 23.59
N LEU A 771 43.80 12.06 22.47
CA LEU A 771 42.53 12.78 22.53
C LEU A 771 41.48 11.99 23.30
N VAL A 772 41.34 10.70 22.99
CA VAL A 772 40.36 9.87 23.67
C VAL A 772 40.60 9.86 25.17
N ALA A 773 41.88 9.87 25.57
CA ALA A 773 42.23 9.75 26.99
C ALA A 773 42.12 11.07 27.74
N ALA A 774 42.05 12.20 27.05
CA ALA A 774 42.02 13.51 27.69
C ALA A 774 40.81 13.64 28.61
N ALA A 775 41.02 14.28 29.77
CA ALA A 775 40.01 14.22 30.83
C ALA A 775 38.71 14.87 30.43
N GLU A 776 38.76 15.93 29.62
CA GLU A 776 37.56 16.67 29.26
C GLU A 776 36.83 16.12 28.03
N THR A 777 37.29 15.00 27.48
CA THR A 777 36.63 14.42 26.33
C THR A 777 35.29 13.84 26.77
N ALA A 778 34.21 14.36 26.19
CA ALA A 778 32.85 14.00 26.61
C ALA A 778 32.19 13.00 25.68
N GLY A 779 32.79 12.70 24.53
CA GLY A 779 32.21 11.78 23.58
C GLY A 779 33.21 11.46 22.49
N VAL A 780 33.10 10.29 21.87
CA VAL A 780 34.03 9.87 20.83
C VAL A 780 33.22 9.36 19.65
N MET A 781 33.57 9.81 18.45
CA MET A 781 32.98 9.30 17.21
C MET A 781 34.12 8.67 16.44
N PHE A 782 34.04 7.36 16.26
CA PHE A 782 35.09 6.58 15.62
C PHE A 782 34.55 5.87 14.40
N THR A 783 35.23 5.99 13.28
CA THR A 783 34.99 5.12 12.14
C THR A 783 36.34 4.56 11.72
N GLY A 784 36.43 3.23 11.64
CA GLY A 784 37.68 2.59 11.33
C GLY A 784 37.62 1.09 11.57
N SER A 785 38.78 0.48 11.79
CA SER A 785 38.84 -0.96 12.00
C SER A 785 38.24 -1.39 13.35
N THR A 786 37.69 -2.60 13.38
CA THR A 786 37.13 -3.14 14.62
C THR A 786 38.19 -3.25 15.70
N GLU A 787 39.43 -3.62 15.33
CA GLU A 787 40.47 -3.81 16.34
C GLU A 787 40.84 -2.50 17.02
N VAL A 788 40.87 -1.41 16.26
CA VAL A 788 41.18 -0.11 16.89
C VAL A 788 40.00 0.37 17.72
N ALA A 789 38.78 0.15 17.25
CA ALA A 789 37.62 0.49 18.07
C ALA A 789 37.67 -0.23 19.41
N ARG A 790 38.13 -1.48 19.41
CA ARG A 790 38.23 -2.23 20.67
C ARG A 790 39.23 -1.61 21.63
N LEU A 791 40.35 -1.06 21.11
CA LEU A 791 41.30 -0.36 21.97
C LEU A 791 40.69 0.91 22.54
N ILE A 792 39.90 1.63 21.74
CA ILE A 792 39.23 2.83 22.25
C ILE A 792 38.18 2.46 23.28
N GLN A 793 37.43 1.40 23.05
CA GLN A 793 36.46 0.92 24.04
C GLN A 793 37.14 0.64 25.38
N ALA A 794 38.34 0.05 25.34
CA ALA A 794 39.05 -0.26 26.58
C ALA A 794 39.51 1.01 27.29
N GLN A 795 39.99 2.00 26.52
CA GLN A 795 40.36 3.31 27.09
C GLN A 795 39.19 3.95 27.81
N LEU A 796 38.01 3.94 27.18
CA LEU A 796 36.84 4.61 27.74
C LEU A 796 36.24 3.86 28.92
N ALA A 797 36.49 2.55 29.04
CA ALA A 797 35.93 1.81 30.16
C ALA A 797 36.49 2.30 31.50
N ASP A 798 37.68 2.91 31.49
CA ASP A 798 38.22 3.51 32.71
C ASP A 798 37.46 4.75 33.15
N ARG A 799 36.69 5.37 32.26
CA ARG A 799 36.29 6.76 32.41
C ARG A 799 34.79 6.91 32.64
N LEU A 800 34.44 7.97 33.38
CA LEU A 800 33.06 8.38 33.59
C LEU A 800 32.96 9.88 33.37
N SER A 801 31.77 10.32 32.96
CA SER A 801 31.49 11.75 32.86
C SER A 801 31.48 12.37 34.25
N PRO A 802 31.52 13.70 34.35
CA PRO A 802 31.32 14.33 35.67
C PRO A 802 30.04 13.92 36.35
N ALA A 803 29.00 13.59 35.57
CA ALA A 803 27.77 13.07 36.15
C ALA A 803 27.87 11.60 36.53
N GLY A 804 29.02 10.96 36.29
CA GLY A 804 29.19 9.58 36.67
C GLY A 804 28.55 8.57 35.72
N ARG A 805 28.58 8.83 34.42
CA ARG A 805 27.99 7.98 33.41
C ARG A 805 29.01 7.70 32.30
N PRO A 806 28.81 6.63 31.52
CA PRO A 806 29.79 6.30 30.48
C PRO A 806 29.88 7.37 29.41
N ILE A 807 31.10 7.55 28.88
CA ILE A 807 31.38 8.45 27.77
C ILE A 807 30.83 7.82 26.49
N PRO A 808 29.89 8.47 25.80
CA PRO A 808 29.30 7.87 24.60
C PRO A 808 30.34 7.61 23.52
N LEU A 809 30.22 6.44 22.88
CA LEU A 809 31.09 6.04 21.78
C LEU A 809 30.21 5.59 20.63
N ILE A 810 30.36 6.25 19.47
CA ILE A 810 29.84 5.74 18.21
C ILE A 810 31.03 5.13 17.49
N ALA A 811 30.98 3.82 17.27
CA ALA A 811 32.09 3.10 16.63
C ALA A 811 31.54 2.34 15.43
N GLU A 812 31.87 2.80 14.25
CA GLU A 812 31.38 2.21 13.01
C GLU A 812 32.55 1.51 12.35
N THR A 813 32.46 0.18 12.20
CA THR A 813 33.66 -0.61 11.93
C THR A 813 33.53 -1.48 10.68
N GLY A 814 34.29 -2.58 10.61
CA GLY A 814 34.47 -3.30 9.36
C GLY A 814 33.28 -4.19 8.98
N GLY A 815 33.43 -4.84 7.82
CA GLY A 815 32.40 -5.74 7.32
C GLY A 815 33.03 -6.97 6.71
N GLN A 816 32.21 -8.02 6.57
CA GLN A 816 32.55 -9.21 5.81
C GLN A 816 31.37 -9.48 4.88
N ASN A 817 31.21 -8.61 3.90
CA ASN A 817 29.92 -8.45 3.23
C ASN A 817 29.73 -9.50 2.14
N ALA A 818 28.56 -10.12 2.15
CA ALA A 818 28.20 -11.18 1.20
C ALA A 818 27.14 -10.70 0.21
N MET A 819 27.13 -11.33 -0.97
CA MET A 819 26.04 -11.25 -1.92
C MET A 819 25.60 -12.67 -2.28
N ILE A 820 24.30 -12.95 -2.21
CA ILE A 820 23.75 -14.26 -2.58
C ILE A 820 23.07 -14.11 -3.93
N VAL A 821 23.37 -15.03 -4.86
CA VAL A 821 22.86 -15.01 -6.23
C VAL A 821 22.22 -16.36 -6.51
N ASP A 822 20.95 -16.35 -6.91
CA ASP A 822 20.29 -17.62 -7.20
C ASP A 822 20.15 -17.79 -8.72
N SER A 823 19.55 -18.91 -9.13
CA SER A 823 19.50 -19.24 -10.54
C SER A 823 18.48 -18.41 -11.32
N SER A 824 17.75 -17.51 -10.66
CA SER A 824 16.81 -16.65 -11.36
C SER A 824 17.41 -15.30 -11.73
N ALA A 825 18.58 -14.97 -11.20
CA ALA A 825 19.20 -13.67 -11.46
C ALA A 825 19.73 -13.60 -12.89
N LEU A 826 19.92 -12.38 -13.38
CA LEU A 826 20.48 -12.15 -14.70
C LEU A 826 21.99 -12.00 -14.58
N ALA A 827 22.73 -12.87 -15.27
CA ALA A 827 24.18 -12.95 -15.07
C ALA A 827 24.85 -11.62 -15.37
N GLU A 828 24.48 -10.97 -16.48
CA GLU A 828 25.08 -9.68 -16.82
C GLU A 828 24.88 -8.63 -15.74
N GLN A 829 23.66 -8.56 -15.17
CA GLN A 829 23.42 -7.62 -14.06
C GLN A 829 24.28 -7.97 -12.86
N VAL A 830 24.32 -9.26 -12.52
CA VAL A 830 25.14 -9.73 -11.41
C VAL A 830 26.60 -9.32 -11.59
N VAL A 831 27.15 -9.63 -12.76
CA VAL A 831 28.58 -9.41 -12.97
C VAL A 831 28.90 -7.93 -12.88
N GLY A 832 28.06 -7.08 -13.46
CA GLY A 832 28.27 -5.65 -13.32
C GLY A 832 28.26 -5.19 -11.87
N ASP A 833 27.29 -5.67 -11.09
CA ASP A 833 27.20 -5.25 -9.70
C ASP A 833 28.31 -5.85 -8.85
N VAL A 834 28.83 -7.03 -9.23
CA VAL A 834 29.94 -7.64 -8.51
C VAL A 834 31.25 -6.89 -8.78
N ILE A 835 31.52 -6.60 -10.06
CA ILE A 835 32.74 -5.86 -10.41
C ILE A 835 32.78 -4.52 -9.69
N THR A 836 31.66 -3.82 -9.68
CA THR A 836 31.58 -2.55 -8.96
C THR A 836 31.75 -2.75 -7.46
N SER A 837 30.97 -3.66 -6.88
CA SER A 837 30.96 -3.79 -5.42
C SER A 837 32.29 -4.30 -4.89
N ALA A 838 32.98 -5.17 -5.63
CA ALA A 838 34.18 -5.80 -5.08
C ALA A 838 35.43 -5.01 -5.37
N PHE A 839 35.51 -4.33 -6.51
CA PHE A 839 36.80 -3.81 -6.97
C PHE A 839 36.83 -2.31 -7.16
N ASP A 840 35.70 -1.63 -7.18
CA ASP A 840 35.70 -0.17 -7.12
C ASP A 840 36.54 0.29 -5.94
N SER A 841 37.37 1.31 -6.16
CA SER A 841 38.28 1.84 -5.13
C SER A 841 39.22 0.76 -4.62
N ALA A 842 39.55 -0.22 -5.47
CA ALA A 842 40.40 -1.34 -5.11
C ALA A 842 39.90 -2.06 -3.86
N GLY A 843 38.58 -2.17 -3.74
CA GLY A 843 38.00 -2.86 -2.61
C GLY A 843 38.14 -2.14 -1.29
N GLN A 844 38.54 -0.88 -1.30
CA GLN A 844 38.79 -0.13 -0.06
C GLN A 844 37.57 0.69 0.31
N ARG A 845 36.43 0.01 0.33
CA ARG A 845 35.19 0.51 0.88
C ARG A 845 34.79 -0.43 1.99
N CYS A 846 34.29 0.12 3.10
CA CYS A 846 33.83 -0.77 4.17
C CYS A 846 32.66 -1.63 3.71
N SER A 847 31.90 -1.16 2.73
CA SER A 847 30.73 -1.83 2.18
C SER A 847 31.06 -2.83 1.09
N ALA A 848 32.34 -2.95 0.73
CA ALA A 848 32.73 -3.69 -0.46
C ALA A 848 32.34 -5.16 -0.35
N LEU A 849 32.02 -5.76 -1.50
CA LEU A 849 31.64 -7.15 -1.55
C LEU A 849 32.85 -8.05 -1.33
N ARG A 850 32.82 -8.85 -0.27
CA ARG A 850 33.92 -9.74 0.09
C ARG A 850 33.65 -11.20 -0.26
N VAL A 851 32.40 -11.65 -0.20
CA VAL A 851 32.04 -13.07 -0.41
C VAL A 851 30.85 -13.14 -1.35
N LEU A 852 31.07 -13.65 -2.56
CA LEU A 852 30.01 -13.87 -3.54
C LEU A 852 29.55 -15.32 -3.44
N CYS A 853 28.24 -15.53 -3.21
CA CYS A 853 27.68 -16.87 -3.06
C CYS A 853 26.78 -17.16 -4.25
N LEU A 854 27.15 -18.18 -5.03
CA LEU A 854 26.52 -18.49 -6.31
C LEU A 854 25.79 -19.83 -6.23
N GLN A 855 24.53 -19.85 -6.64
CA GLN A 855 23.83 -21.13 -6.68
C GLN A 855 24.55 -22.09 -7.64
N GLU A 856 24.68 -23.36 -7.22
CA GLU A 856 25.57 -24.29 -7.92
C GLU A 856 25.26 -24.38 -9.42
N ASP A 857 23.97 -24.27 -9.80
CA ASP A 857 23.57 -24.53 -11.18
C ASP A 857 23.96 -23.41 -12.14
N VAL A 858 24.26 -22.22 -11.63
CA VAL A 858 24.65 -21.09 -12.47
C VAL A 858 26.05 -20.60 -12.16
N ALA A 859 26.76 -21.28 -11.25
CA ALA A 859 28.03 -20.73 -10.76
C ALA A 859 29.09 -20.71 -11.84
N ASP A 860 29.20 -21.77 -12.64
CA ASP A 860 30.23 -21.82 -13.67
C ASP A 860 30.03 -20.72 -14.71
N ARG A 861 28.80 -20.50 -15.16
CA ARG A 861 28.56 -19.48 -16.17
C ARG A 861 28.86 -18.10 -15.62
N ILE A 862 28.44 -17.82 -14.39
CA ILE A 862 28.67 -16.49 -13.83
C ILE A 862 30.16 -16.27 -13.58
N LEU A 863 30.86 -17.28 -13.08
CA LEU A 863 32.30 -17.14 -12.83
C LEU A 863 33.05 -16.87 -14.12
N THR A 864 32.72 -17.60 -15.20
CA THR A 864 33.38 -17.34 -16.48
C THR A 864 33.14 -15.90 -16.92
N MET A 865 31.91 -15.42 -16.78
CA MET A 865 31.60 -14.04 -17.16
C MET A 865 32.32 -13.04 -16.25
N LEU A 866 32.37 -13.33 -14.95
CA LEU A 866 33.05 -12.44 -14.01
C LEU A 866 34.55 -12.32 -14.34
N LYS A 867 35.20 -13.46 -14.60
CA LYS A 867 36.63 -13.43 -14.92
C LYS A 867 36.90 -12.68 -16.21
N GLY A 868 36.02 -12.87 -17.20
CA GLY A 868 36.16 -12.11 -18.44
C GLY A 868 36.03 -10.61 -18.21
N ALA A 869 35.09 -10.21 -17.34
CA ALA A 869 34.91 -8.79 -17.06
C ALA A 869 36.10 -8.24 -16.27
N LEU A 870 36.66 -9.05 -15.38
CA LEU A 870 37.83 -8.64 -14.62
C LEU A 870 38.96 -8.21 -15.55
N HIS A 871 39.17 -8.95 -16.63
CA HIS A 871 40.32 -8.67 -17.47
C HIS A 871 40.16 -7.41 -18.33
N GLU A 872 39.00 -6.77 -18.30
CA GLU A 872 38.80 -5.52 -19.03
C GLU A 872 39.05 -4.29 -18.18
N LEU A 873 39.44 -4.46 -16.91
CA LEU A 873 39.68 -3.33 -16.04
C LEU A 873 41.08 -2.77 -16.23
N HIS A 874 41.20 -1.44 -16.14
CA HIS A 874 42.44 -0.72 -16.29
C HIS A 874 42.89 -0.27 -14.89
N ILE A 875 44.06 -0.76 -14.45
CA ILE A 875 44.61 -0.45 -13.13
C ILE A 875 45.78 0.50 -13.33
N GLY A 876 45.79 1.60 -12.58
CA GLY A 876 46.90 2.53 -12.68
C GLY A 876 46.68 3.78 -11.85
N ARG A 877 47.58 4.75 -12.06
CA ARG A 877 47.49 6.04 -11.38
C ARG A 877 46.22 6.75 -11.84
N THR A 878 45.49 7.34 -10.88
CA THR A 878 44.08 7.65 -11.11
C THR A 878 43.83 9.02 -11.73
N ASP A 879 44.87 9.74 -12.17
CA ASP A 879 44.68 11.01 -12.85
C ASP A 879 44.40 10.83 -14.35
N ARG A 880 43.87 9.68 -14.75
CA ARG A 880 43.39 9.41 -16.10
C ARG A 880 41.97 8.89 -16.01
N LEU A 881 41.07 9.49 -16.79
CA LEU A 881 39.68 9.03 -16.81
C LEU A 881 39.57 7.55 -17.16
N SER A 882 40.50 7.02 -17.96
CA SER A 882 40.42 5.62 -18.36
C SER A 882 40.76 4.64 -17.24
N VAL A 883 41.21 5.09 -16.08
CA VAL A 883 41.61 4.16 -15.02
C VAL A 883 40.37 3.76 -14.22
N ASP A 884 40.18 2.45 -14.05
CA ASP A 884 39.06 1.90 -13.30
C ASP A 884 39.38 1.64 -11.84
N VAL A 885 40.59 1.13 -11.57
CA VAL A 885 40.99 0.70 -10.23
C VAL A 885 42.34 1.36 -9.95
N GLY A 886 42.41 2.09 -8.84
CA GLY A 886 43.64 2.73 -8.43
C GLY A 886 44.45 1.90 -7.46
N PRO A 887 45.37 2.55 -6.76
CA PRO A 887 46.27 1.84 -5.84
C PRO A 887 45.63 1.57 -4.50
N VAL A 888 46.29 0.71 -3.72
CA VAL A 888 46.01 0.60 -2.30
C VAL A 888 46.82 1.65 -1.55
N ILE A 889 46.36 2.01 -0.35
CA ILE A 889 46.76 3.30 0.23
C ILE A 889 48.24 3.31 0.61
N THR A 890 48.79 2.18 1.08
CA THR A 890 50.17 2.15 1.56
C THR A 890 50.83 0.83 1.20
N SER A 891 52.17 0.81 1.32
CA SER A 891 52.91 -0.43 1.17
CA SER A 891 52.90 -0.44 1.15
C SER A 891 52.53 -1.46 2.22
N GLU A 892 52.17 -1.00 3.42
CA GLU A 892 51.79 -1.93 4.48
C GLU A 892 50.42 -2.54 4.19
N ALA A 893 49.49 -1.74 3.67
CA ALA A 893 48.22 -2.31 3.24
C ALA A 893 48.44 -3.34 2.15
N LYS A 894 49.29 -3.02 1.16
CA LYS A 894 49.61 -3.95 0.09
C LYS A 894 50.19 -5.26 0.64
N ASP A 895 51.14 -5.15 1.58
CA ASP A 895 51.76 -6.35 2.14
C ASP A 895 50.74 -7.21 2.86
N ASN A 896 49.85 -6.59 3.63
CA ASN A 896 48.83 -7.35 4.37
C ASN A 896 47.88 -8.07 3.41
N ILE A 897 47.47 -7.38 2.33
CA ILE A 897 46.57 -8.00 1.36
C ILE A 897 47.24 -9.16 0.66
N GLU A 898 48.48 -8.95 0.19
CA GLU A 898 49.16 -10.01 -0.55
C GLU A 898 49.45 -11.23 0.32
N LYS A 899 49.73 -11.01 1.61
CA LYS A 899 49.91 -12.14 2.51
C LYS A 899 48.66 -13.01 2.55
N HIS A 900 47.48 -12.38 2.52
CA HIS A 900 46.25 -13.14 2.50
C HIS A 900 46.10 -13.92 1.20
N ILE A 901 46.40 -13.26 0.07
CA ILE A 901 46.31 -13.92 -1.23
C ILE A 901 47.23 -15.13 -1.29
N GLU A 902 48.46 -14.98 -0.78
CA GLU A 902 49.42 -16.08 -0.84
C GLU A 902 49.05 -17.21 0.10
N ARG A 903 48.51 -16.88 1.27
CA ARG A 903 48.03 -17.92 2.18
C ARG A 903 46.94 -18.76 1.51
N MET A 904 46.00 -18.10 0.82
CA MET A 904 44.97 -18.84 0.09
C MET A 904 45.57 -19.62 -1.08
N ARG A 905 46.50 -18.99 -1.82
CA ARG A 905 47.13 -19.66 -2.95
C ARG A 905 47.86 -20.91 -2.50
N GLY A 906 48.49 -20.86 -1.32
CA GLY A 906 49.21 -22.01 -0.81
C GLY A 906 48.32 -23.14 -0.34
N LEU A 907 47.06 -22.84 -0.05
CA LEU A 907 46.11 -23.86 0.38
C LEU A 907 45.42 -24.55 -0.78
N GLY A 908 45.76 -24.20 -2.02
CA GLY A 908 45.21 -24.84 -3.19
C GLY A 908 44.02 -24.13 -3.81
N ARG A 909 43.60 -22.99 -3.27
CA ARG A 909 42.43 -22.30 -3.82
C ARG A 909 42.75 -21.68 -5.16
N LYS A 910 41.79 -21.71 -6.08
CA LYS A 910 41.98 -21.10 -7.38
C LYS A 910 42.03 -19.58 -7.25
N VAL A 911 43.04 -18.96 -7.87
CA VAL A 911 43.27 -17.52 -7.77
C VAL A 911 43.37 -16.95 -9.18
N GLU A 912 42.50 -15.98 -9.48
CA GLU A 912 42.51 -15.27 -10.77
C GLU A 912 42.94 -13.83 -10.52
N GLN A 913 43.93 -13.35 -11.28
CA GLN A 913 44.45 -12.01 -11.08
C GLN A 913 44.69 -11.32 -12.42
N ILE A 914 44.37 -10.03 -12.49
CA ILE A 914 44.76 -9.20 -13.61
C ILE A 914 46.27 -8.98 -13.58
N GLY A 915 46.88 -8.90 -14.76
CA GLY A 915 48.26 -8.47 -14.85
C GLY A 915 48.37 -6.96 -14.77
N LEU A 916 49.35 -6.48 -14.01
CA LEU A 916 49.55 -5.06 -13.80
C LEU A 916 50.64 -4.53 -14.73
N ALA A 917 50.41 -3.34 -15.29
CA ALA A 917 51.41 -2.70 -16.14
C ALA A 917 52.63 -2.31 -15.32
N SER A 918 53.76 -2.16 -16.01
CA SER A 918 55.01 -1.84 -15.32
C SER A 918 54.95 -0.47 -14.65
N GLU A 919 54.15 0.45 -15.17
CA GLU A 919 54.04 1.79 -14.58
C GLU A 919 53.48 1.77 -13.17
N THR A 920 52.86 0.67 -12.75
CA THR A 920 52.37 0.60 -11.38
C THR A 920 53.51 0.47 -10.37
N GLY A 921 54.73 0.17 -10.82
CA GLY A 921 55.84 -0.06 -9.90
C GLY A 921 56.22 1.14 -9.05
N VAL A 922 55.90 2.35 -9.50
CA VAL A 922 56.21 3.54 -8.70
C VAL A 922 55.20 3.78 -7.60
N GLY A 923 54.12 3.00 -7.54
CA GLY A 923 53.12 3.11 -6.49
C GLY A 923 52.87 1.79 -5.79
N THR A 924 51.77 1.68 -5.06
CA THR A 924 51.47 0.48 -4.29
C THR A 924 50.13 -0.07 -4.78
N PHE A 925 50.19 -1.08 -5.66
CA PHE A 925 49.02 -1.63 -6.31
C PHE A 925 48.85 -3.11 -5.98
N VAL A 926 47.60 -3.54 -5.88
CA VAL A 926 47.23 -4.95 -5.78
C VAL A 926 46.24 -5.23 -6.90
N PRO A 927 46.44 -6.23 -7.74
CA PRO A 927 45.52 -6.48 -8.85
C PRO A 927 44.22 -7.06 -8.34
N PRO A 928 43.10 -6.67 -8.92
CA PRO A 928 41.83 -7.34 -8.60
C PRO A 928 42.00 -8.85 -8.66
N THR A 929 41.48 -9.53 -7.64
CA THR A 929 41.75 -10.93 -7.37
C THR A 929 40.45 -11.65 -7.06
N ILE A 930 40.27 -12.84 -7.63
CA ILE A 930 39.14 -13.71 -7.33
C ILE A 930 39.70 -14.97 -6.70
N ILE A 931 39.18 -15.35 -5.54
CA ILE A 931 39.61 -16.54 -4.82
C ILE A 931 38.39 -17.44 -4.62
N GLU A 932 38.45 -18.67 -5.13
CA GLU A 932 37.34 -19.59 -5.04
C GLU A 932 37.51 -20.42 -3.77
N LEU A 933 36.60 -20.23 -2.81
CA LEU A 933 36.67 -20.88 -1.51
C LEU A 933 35.76 -22.11 -1.45
N GLU A 934 36.02 -22.94 -0.44
CA GLU A 934 35.25 -24.15 -0.15
C GLU A 934 34.20 -23.93 0.92
N LYS A 935 34.55 -23.22 2.00
CA LYS A 935 33.61 -22.87 3.06
C LYS A 935 33.79 -21.41 3.43
N LEU A 936 32.70 -20.80 3.92
CA LEU A 936 32.79 -19.41 4.36
C LEU A 936 33.67 -19.25 5.59
N SER A 937 33.83 -20.31 6.39
CA SER A 937 34.72 -20.27 7.53
C SER A 937 36.20 -20.22 7.13
N ASP A 938 36.51 -20.31 5.84
CA ASP A 938 37.88 -20.11 5.39
C ASP A 938 38.38 -18.69 5.62
N LEU A 939 37.46 -17.74 5.82
CA LEU A 939 37.83 -16.35 6.10
C LEU A 939 37.83 -16.10 7.60
N GLN A 940 38.85 -15.37 8.06
CA GLN A 940 38.96 -15.01 9.47
C GLN A 940 38.54 -13.57 9.71
N ARG A 941 39.26 -12.61 9.13
CA ARG A 941 38.99 -11.19 9.36
C ARG A 941 38.82 -10.50 8.02
N GLU A 942 38.28 -9.28 8.10
CA GLU A 942 38.13 -8.42 6.93
C GLU A 942 39.48 -8.20 6.23
N VAL A 943 39.50 -8.39 4.91
CA VAL A 943 40.68 -8.11 4.08
C VAL A 943 40.34 -6.90 3.23
N PHE A 944 40.94 -5.75 3.56
CA PHE A 944 40.52 -4.45 3.04
C PHE A 944 41.30 -4.18 1.75
N GLY A 945 40.87 -4.84 0.69
CA GLY A 945 41.54 -4.74 -0.59
C GLY A 945 40.70 -5.36 -1.69
N PRO A 946 41.28 -5.44 -2.89
CA PRO A 946 40.49 -5.88 -4.07
C PRO A 946 40.48 -7.40 -4.21
N VAL A 947 39.89 -8.08 -3.23
CA VAL A 947 39.97 -9.54 -3.15
C VAL A 947 38.57 -10.09 -2.96
N LEU A 948 38.03 -10.69 -4.02
CA LEU A 948 36.70 -11.28 -4.00
C LEU A 948 36.81 -12.77 -3.74
N HIS A 949 36.04 -13.26 -2.77
CA HIS A 949 35.97 -14.68 -2.49
C HIS A 949 34.65 -15.23 -3.03
N VAL A 950 34.70 -16.46 -3.56
CA VAL A 950 33.55 -17.05 -4.24
C VAL A 950 33.25 -18.39 -3.62
N ILE A 951 32.00 -18.60 -3.20
CA ILE A 951 31.55 -19.91 -2.75
C ILE A 951 30.29 -20.29 -3.52
N ARG A 952 30.06 -21.60 -3.64
CA ARG A 952 28.90 -22.17 -4.31
CA ARG A 952 28.88 -22.12 -4.30
C ARG A 952 27.99 -22.82 -3.28
N TYR A 953 26.68 -22.84 -3.57
CA TYR A 953 25.74 -23.45 -2.64
C TYR A 953 24.61 -24.12 -3.41
N ARG A 954 24.05 -25.18 -2.82
CA ARG A 954 22.86 -25.82 -3.35
C ARG A 954 21.61 -25.14 -2.82
N ARG A 955 20.56 -25.11 -3.65
CA ARG A 955 19.38 -24.31 -3.33
C ARG A 955 18.76 -24.71 -1.98
N ASP A 956 18.72 -26.00 -1.68
CA ASP A 956 18.12 -26.42 -0.42
C ASP A 956 18.94 -26.00 0.79
N ASP A 957 20.21 -25.65 0.59
CA ASP A 957 21.07 -25.19 1.67
C ASP A 957 21.07 -23.67 1.84
N LEU A 958 20.11 -22.97 1.22
CA LEU A 958 20.09 -21.51 1.29
C LEU A 958 19.99 -21.01 2.73
N ASP A 959 19.10 -21.62 3.51
CA ASP A 959 18.94 -21.16 4.89
C ASP A 959 20.22 -21.37 5.69
N ARG A 960 20.89 -22.49 5.49
CA ARG A 960 22.18 -22.74 6.15
C ARG A 960 23.21 -21.71 5.71
N LEU A 961 23.20 -21.32 4.43
CA LEU A 961 24.16 -20.34 3.94
C LEU A 961 23.97 -18.99 4.62
N VAL A 962 22.72 -18.55 4.80
CA VAL A 962 22.46 -17.32 5.53
C VAL A 962 22.98 -17.43 6.96
N ASP A 963 22.86 -18.61 7.57
CA ASP A 963 23.46 -18.84 8.88
C ASP A 963 24.96 -18.60 8.84
N ASP A 964 25.63 -19.16 7.83
CA ASP A 964 27.09 -19.01 7.73
C ASP A 964 27.49 -17.55 7.55
N VAL A 965 26.71 -16.78 6.78
CA VAL A 965 27.02 -15.36 6.60
C VAL A 965 26.88 -14.63 7.94
N ASN A 966 25.80 -14.91 8.67
CA ASN A 966 25.60 -14.29 9.97
C ASN A 966 26.66 -14.74 10.96
N ALA A 967 27.17 -15.95 10.81
CA ALA A 967 28.09 -16.53 11.78
C ALA A 967 29.46 -15.86 11.83
N THR A 968 29.82 -15.03 10.85
CA THR A 968 31.08 -14.30 10.95
C THR A 968 31.08 -13.32 12.11
N GLY A 969 29.90 -12.84 12.52
CA GLY A 969 29.80 -11.82 13.54
C GLY A 969 29.72 -10.40 13.01
N TYR A 970 30.00 -10.22 11.72
CA TYR A 970 29.84 -8.93 11.07
C TYR A 970 28.37 -8.74 10.67
N GLY A 971 28.05 -7.53 10.24
CA GLY A 971 26.67 -7.25 9.82
C GLY A 971 26.52 -5.89 9.17
N LEU A 972 27.30 -5.63 8.12
CA LEU A 972 27.33 -4.30 7.52
C LEU A 972 26.46 -4.26 6.27
N THR A 973 27.00 -4.59 5.09
CA THR A 973 26.19 -4.61 3.88
C THR A 973 25.94 -6.05 3.43
N PHE A 974 24.83 -6.23 2.70
CA PHE A 974 24.44 -7.55 2.21
C PHE A 974 23.63 -7.37 0.93
N GLY A 975 23.91 -8.21 -0.07
CA GLY A 975 23.21 -8.14 -1.33
C GLY A 975 22.51 -9.44 -1.69
N LEU A 976 21.38 -9.31 -2.39
CA LEU A 976 20.66 -10.47 -2.89
C LEU A 976 20.20 -10.19 -4.32
N HIS A 977 20.54 -11.10 -5.25
CA HIS A 977 20.09 -11.04 -6.63
C HIS A 977 19.14 -12.21 -6.87
N THR A 978 17.86 -11.89 -7.07
CA THR A 978 16.85 -12.90 -7.35
C THR A 978 15.65 -12.19 -7.92
N ARG A 979 14.84 -12.91 -8.69
CA ARG A 979 13.56 -12.38 -9.13
C ARG A 979 12.40 -12.92 -8.30
N LEU A 980 12.65 -13.77 -7.31
CA LEU A 980 11.60 -14.58 -6.70
C LEU A 980 11.21 -14.02 -5.33
N ASP A 981 9.93 -13.68 -5.16
CA ASP A 981 9.48 -13.09 -3.90
C ASP A 981 9.68 -14.02 -2.71
N GLU A 982 9.47 -15.33 -2.89
CA GLU A 982 9.65 -16.23 -1.75
C GLU A 982 11.09 -16.16 -1.25
N THR A 983 12.05 -16.02 -2.16
CA THR A 983 13.45 -16.01 -1.77
C THR A 983 13.81 -14.68 -1.12
N ILE A 984 13.27 -13.58 -1.64
CA ILE A 984 13.49 -12.28 -1.01
C ILE A 984 12.96 -12.29 0.42
N ALA A 985 11.74 -12.80 0.60
CA ALA A 985 11.14 -12.81 1.94
C ALA A 985 11.97 -13.66 2.89
N HIS A 986 12.37 -14.86 2.44
CA HIS A 986 13.18 -15.75 3.26
C HIS A 986 14.51 -15.11 3.63
N VAL A 987 15.29 -14.71 2.63
CA VAL A 987 16.63 -14.21 2.91
C VAL A 987 16.60 -12.93 3.73
N THR A 988 15.75 -11.95 3.35
CA THR A 988 15.80 -10.70 4.09
C THR A 988 15.25 -10.83 5.51
N SER A 989 14.42 -11.84 5.77
CA SER A 989 13.95 -12.02 7.14
C SER A 989 14.98 -12.72 8.02
N ARG A 990 15.95 -13.43 7.45
CA ARG A 990 16.90 -14.21 8.25
C ARG A 990 18.29 -13.58 8.31
N ILE A 991 18.66 -12.76 7.33
CA ILE A 991 19.95 -12.09 7.35
C ILE A 991 19.97 -11.03 8.45
N LYS A 992 21.15 -10.82 9.04
CA LYS A 992 21.32 -9.84 10.13
C LYS A 992 22.39 -8.84 9.69
N ALA A 993 21.98 -7.80 8.98
CA ALA A 993 22.91 -6.78 8.52
C ALA A 993 22.19 -5.46 8.45
N GLY A 994 22.95 -4.36 8.53
CA GLY A 994 22.35 -3.04 8.64
C GLY A 994 21.90 -2.45 7.33
N ASN A 995 22.54 -2.82 6.22
CA ASN A 995 22.21 -2.28 4.90
C ASN A 995 22.02 -3.43 3.91
N LEU A 996 20.79 -3.61 3.42
CA LEU A 996 20.47 -4.64 2.45
C LEU A 996 20.23 -4.02 1.09
N TYR A 997 20.54 -4.77 0.03
CA TYR A 997 20.45 -4.30 -1.35
C TYR A 997 19.92 -5.44 -2.20
N ILE A 998 18.83 -5.20 -2.94
CA ILE A 998 18.18 -6.23 -3.75
C ILE A 998 18.33 -5.86 -5.21
N ASN A 999 18.99 -6.74 -5.99
CA ASN A 999 19.14 -6.59 -7.44
C ASN A 999 19.90 -5.32 -7.83
N ARG A 1000 20.94 -4.99 -7.08
CA ARG A 1000 21.78 -3.82 -7.35
C ARG A 1000 23.11 -4.03 -6.65
N ASN A 1001 24.03 -3.07 -6.79
CA ASN A 1001 25.29 -3.19 -6.07
C ASN A 1001 25.07 -2.94 -4.58
N ILE A 1002 26.10 -3.19 -3.77
CA ILE A 1002 25.96 -3.09 -2.30
C ILE A 1002 26.79 -1.94 -1.73
N ILE A 1003 27.16 -0.95 -2.53
CA ILE A 1003 28.03 0.11 -2.03
C ILE A 1003 27.27 1.43 -1.92
N GLY A 1004 25.94 1.37 -1.88
CA GLY A 1004 25.13 2.57 -1.75
C GLY A 1004 25.04 3.04 -0.32
N ALA A 1005 25.31 4.32 -0.12
CA ALA A 1005 25.20 4.93 1.20
C ALA A 1005 24.63 6.33 1.08
N VAL A 1006 23.63 6.50 0.21
CA VAL A 1006 23.11 7.84 -0.04
C VAL A 1006 22.51 8.38 1.26
N VAL A 1007 22.98 9.55 1.68
CA VAL A 1007 22.60 10.11 2.98
C VAL A 1007 21.09 10.35 3.00
N GLY A 1008 20.44 9.92 4.08
CA GLY A 1008 19.01 10.10 4.22
C GLY A 1008 18.17 9.23 3.30
N VAL A 1009 18.79 8.34 2.53
CA VAL A 1009 18.09 7.45 1.61
C VAL A 1009 18.43 5.99 1.89
N GLN A 1010 19.72 5.67 1.97
CA GLN A 1010 20.23 4.48 2.64
C GLN A 1010 21.07 4.93 3.83
N PRO A 1011 20.44 5.33 4.94
CA PRO A 1011 21.21 5.54 6.18
C PRO A 1011 22.10 4.34 6.43
N PHE A 1012 23.35 4.60 6.77
CA PHE A 1012 24.40 3.60 6.62
C PHE A 1012 24.99 3.21 7.97
N GLY A 1013 25.10 1.91 8.21
CA GLY A 1013 25.72 1.44 9.43
C GLY A 1013 25.19 0.08 9.81
N GLY A 1014 26.06 -0.73 10.41
CA GLY A 1014 25.69 -2.10 10.70
C GLY A 1014 25.74 -2.48 12.16
N ARG A 1015 25.75 -3.79 12.42
CA ARG A 1015 25.59 -4.36 13.76
C ARG A 1015 26.73 -5.34 14.02
N GLY A 1016 26.73 -5.92 15.23
CA GLY A 1016 27.75 -6.91 15.51
C GLY A 1016 29.13 -6.28 15.48
N LEU A 1017 30.08 -7.00 14.86
CA LEU A 1017 31.44 -6.50 14.69
C LEU A 1017 31.51 -5.31 13.76
N SER A 1018 30.40 -4.92 13.12
CA SER A 1018 30.39 -3.82 12.16
C SER A 1018 29.95 -2.49 12.76
N GLY A 1019 29.45 -2.46 13.99
CA GLY A 1019 29.09 -1.16 14.53
C GLY A 1019 28.26 -1.18 15.78
N THR A 1020 28.26 -0.03 16.48
CA THR A 1020 27.37 0.21 17.60
C THR A 1020 26.08 0.89 17.18
N GLY A 1021 26.10 1.60 16.06
CA GLY A 1021 25.04 2.52 15.74
C GLY A 1021 25.13 3.72 16.67
N PRO A 1022 24.24 4.70 16.49
CA PRO A 1022 23.22 4.75 15.43
C PRO A 1022 23.83 5.01 14.07
N LYS A 1023 23.04 4.84 13.01
CA LYS A 1023 23.53 4.98 11.64
C LYS A 1023 23.87 6.42 11.29
N ALA A 1024 25.04 6.62 10.69
CA ALA A 1024 25.32 7.89 10.03
C ALA A 1024 24.35 8.12 8.88
N GLY A 1025 24.03 9.40 8.65
CA GLY A 1025 23.08 9.73 7.61
C GLY A 1025 21.68 9.26 7.89
N GLY A 1026 21.34 9.03 9.16
CA GLY A 1026 20.02 8.62 9.56
C GLY A 1026 19.50 9.46 10.71
N PRO A 1027 18.23 9.27 11.05
CA PRO A 1027 17.55 10.21 11.95
C PRO A 1027 17.87 10.03 13.42
N LEU A 1028 18.53 8.95 13.83
CA LEU A 1028 18.88 8.76 15.24
C LEU A 1028 20.26 9.29 15.60
N TYR A 1029 21.02 9.73 14.61
CA TYR A 1029 22.43 10.03 14.81
C TYR A 1029 22.63 11.22 15.74
N LEU A 1030 21.99 12.35 15.44
CA LEU A 1030 22.22 13.56 16.25
C LEU A 1030 21.84 13.34 17.71
N GLY A 1031 20.82 12.52 17.98
CA GLY A 1031 20.38 12.32 19.34
C GLY A 1031 21.41 11.68 20.24
N ARG A 1032 22.41 11.01 19.66
CA ARG A 1032 23.48 10.41 20.45
C ARG A 1032 24.50 11.44 20.91
N LEU A 1033 24.48 12.64 20.33
CA LEU A 1033 25.47 13.67 20.57
C LEU A 1033 24.96 14.78 21.50
N VAL A 1034 23.84 14.55 22.18
CA VAL A 1034 23.30 15.47 23.17
C VAL A 1034 22.96 14.66 24.41
N THR A 1035 22.79 15.36 25.53
CA THR A 1035 22.55 14.68 26.79
C THR A 1035 21.13 14.15 26.90
N THR A 1036 20.16 14.84 26.30
CA THR A 1036 18.78 14.39 26.23
C THR A 1036 18.38 14.31 24.77
N ALA A 1037 18.06 13.11 24.28
CA ALA A 1037 17.80 12.90 22.86
C ALA A 1037 16.43 13.48 22.48
N PRO A 1038 16.34 14.19 21.36
CA PRO A 1038 15.03 14.64 20.87
C PRO A 1038 14.30 13.47 20.22
N VAL A 1039 13.05 13.73 19.86
CA VAL A 1039 12.23 12.79 19.09
C VAL A 1039 12.53 13.02 17.61
N PRO A 1040 13.13 12.06 16.90
CA PRO A 1040 13.43 12.27 15.49
C PRO A 1040 12.17 12.41 14.66
N PRO A 1041 12.26 13.05 13.50
CA PRO A 1041 11.13 13.08 12.56
C PRO A 1041 10.67 11.67 12.25
N GLN A 1042 9.35 11.49 12.16
CA GLN A 1042 8.68 10.25 11.78
C GLN A 1042 8.96 9.08 12.73
N HIS A 1043 9.53 9.33 13.90
CA HIS A 1043 10.00 8.26 14.80
C HIS A 1043 8.90 7.90 15.79
N SER A 1044 8.11 6.87 15.47
CA SER A 1044 7.06 6.37 16.34
C SER A 1044 6.61 5.03 15.78
N SER A 1045 5.86 4.27 16.58
CA SER A 1045 5.29 3.02 16.11
C SER A 1045 3.98 2.76 16.84
N VAL A 1046 2.96 2.32 16.10
CA VAL A 1046 1.70 1.94 16.73
C VAL A 1046 1.71 0.51 17.25
N HIS A 1047 2.79 -0.24 17.04
CA HIS A 1047 2.83 -1.61 17.48
CA HIS A 1047 2.89 -1.63 17.46
C HIS A 1047 3.41 -1.71 18.88
N THR A 1048 2.87 -2.64 19.65
CA THR A 1048 3.30 -2.88 21.02
C THR A 1048 3.80 -4.31 21.12
N ASP A 1049 5.00 -4.48 21.66
CA ASP A 1049 5.56 -5.82 21.78
C ASP A 1049 4.67 -6.67 22.68
N PRO A 1050 4.31 -7.89 22.27
CA PRO A 1050 3.33 -8.66 23.05
C PRO A 1050 3.95 -9.27 24.30
N VAL A 1051 5.26 -9.52 24.27
CA VAL A 1051 5.92 -10.03 25.48
C VAL A 1051 6.01 -8.93 26.52
N LEU A 1052 6.28 -7.69 26.09
CA LEU A 1052 6.18 -6.55 26.99
C LEU A 1052 4.81 -6.50 27.65
N LEU A 1053 3.74 -6.66 26.85
CA LEU A 1053 2.39 -6.64 27.44
C LEU A 1053 2.20 -7.76 28.46
N ASP A 1054 2.67 -8.98 28.15
CA ASP A 1054 2.58 -10.07 29.11
C ASP A 1054 3.37 -9.76 30.39
N PHE A 1055 4.56 -9.16 30.23
CA PHE A 1055 5.36 -8.80 31.41
C PHE A 1055 4.65 -7.76 32.26
N ALA A 1056 4.03 -6.75 31.64
CA ALA A 1056 3.29 -5.75 32.40
C ALA A 1056 2.13 -6.36 33.17
N LYS A 1057 1.43 -7.34 32.58
CA LYS A 1057 0.36 -8.02 33.31
C LYS A 1057 0.92 -8.83 34.48
N TRP A 1058 2.05 -9.50 34.26
CA TRP A 1058 2.71 -10.23 35.34
C TRP A 1058 3.08 -9.29 36.49
N LEU A 1059 3.63 -8.11 36.16
CA LEU A 1059 3.98 -7.14 37.19
C LEU A 1059 2.77 -6.73 38.02
N ASP A 1060 1.64 -6.49 37.36
CA ASP A 1060 0.41 -6.15 38.09
C ASP A 1060 -0.05 -7.29 38.98
N GLY A 1061 0.05 -8.53 38.48
CA GLY A 1061 -0.30 -9.67 39.31
C GLY A 1061 0.57 -9.80 40.55
N LYS A 1062 1.83 -9.38 40.47
CA LYS A 1062 2.75 -9.43 41.60
C LYS A 1062 2.60 -8.25 42.55
N GLY A 1063 1.78 -7.27 42.20
CA GLY A 1063 1.64 -6.07 43.02
C GLY A 1063 2.58 -4.93 42.65
N ALA A 1064 3.46 -5.12 41.67
CA ALA A 1064 4.42 -4.08 41.28
C ALA A 1064 3.73 -3.07 40.36
N ARG A 1065 2.80 -2.32 40.94
CA ARG A 1065 1.89 -1.50 40.16
C ARG A 1065 2.62 -0.37 39.42
N ALA A 1066 3.53 0.33 40.10
CA ALA A 1066 4.24 1.41 39.44
C ALA A 1066 5.13 0.88 38.31
N GLU A 1067 5.75 -0.28 38.50
CA GLU A 1067 6.58 -0.84 37.44
C GLU A 1067 5.74 -1.32 36.27
N ALA A 1068 4.54 -1.85 36.56
CA ALA A 1068 3.64 -2.26 35.47
C ALA A 1068 3.26 -1.05 34.62
N GLU A 1069 3.02 0.09 35.25
CA GLU A 1069 2.69 1.29 34.49
C GLU A 1069 3.90 1.76 33.67
N ALA A 1070 5.09 1.71 34.26
CA ALA A 1070 6.29 2.07 33.50
C ALA A 1070 6.48 1.14 32.32
N ALA A 1071 6.14 -0.14 32.49
CA ALA A 1071 6.28 -1.09 31.39
C ALA A 1071 5.31 -0.76 30.27
N ARG A 1072 4.04 -0.52 30.61
CA ARG A 1072 3.08 -0.11 29.58
C ARG A 1072 3.55 1.16 28.88
N ASN A 1073 4.11 2.12 29.63
CA ASN A 1073 4.61 3.33 28.99
C ASN A 1073 5.76 3.03 28.04
N ALA A 1074 6.67 2.13 28.44
CA ALA A 1074 7.76 1.73 27.53
C ALA A 1074 7.22 1.09 26.27
N GLY A 1075 6.18 0.26 26.39
CA GLY A 1075 5.61 -0.38 25.22
C GLY A 1075 5.07 0.62 24.23
N SER A 1076 4.48 1.72 24.73
CA SER A 1076 3.95 2.76 23.85
C SER A 1076 5.08 3.60 23.26
N SER A 1077 6.06 3.96 24.09
CA SER A 1077 7.14 4.84 23.66
C SER A 1077 8.07 4.18 22.65
N SER A 1078 8.20 2.86 22.71
CA SER A 1078 9.07 2.15 21.78
C SER A 1078 8.70 2.41 20.34
N ALA A 1079 9.71 2.59 19.49
CA ALA A 1079 9.48 2.73 18.06
C ALA A 1079 9.74 1.44 17.32
N LEU A 1080 9.90 0.32 18.03
CA LEU A 1080 9.99 -0.98 17.39
C LEU A 1080 8.84 -1.16 16.41
N GLY A 1081 9.16 -1.58 15.19
CA GLY A 1081 8.13 -1.78 14.17
C GLY A 1081 7.94 -0.61 13.25
N LEU A 1082 8.62 0.50 13.49
CA LEU A 1082 8.66 1.60 12.52
C LEU A 1082 9.05 1.06 11.15
N ASP A 1083 8.34 1.51 10.12
CA ASP A 1083 8.53 0.96 8.76
C ASP A 1083 8.20 2.07 7.76
N LEU A 1084 9.23 2.67 7.18
CA LEU A 1084 9.09 3.86 6.35
C LEU A 1084 9.70 3.63 4.98
N GLU A 1085 9.20 4.36 4.00
CA GLU A 1085 9.87 4.46 2.71
C GLU A 1085 10.43 5.88 2.55
N LEU A 1086 11.72 5.97 2.27
CA LEU A 1086 12.42 7.25 2.21
C LEU A 1086 12.41 7.79 0.78
N PRO A 1087 12.21 9.09 0.60
CA PRO A 1087 12.24 9.67 -0.75
C PRO A 1087 13.59 9.44 -1.42
N GLY A 1088 13.54 9.10 -2.71
CA GLY A 1088 14.75 8.90 -3.48
C GLY A 1088 14.52 8.97 -4.98
N PRO A 1089 15.44 8.40 -5.73
CA PRO A 1089 15.31 8.38 -7.18
C PRO A 1089 14.19 7.43 -7.63
N VAL A 1090 13.69 7.68 -8.84
CA VAL A 1090 12.76 6.75 -9.45
C VAL A 1090 13.44 5.40 -9.69
N GLY A 1091 12.64 4.35 -9.78
CA GLY A 1091 13.18 3.03 -10.08
C GLY A 1091 13.89 2.35 -8.93
N GLU A 1092 13.66 2.82 -7.71
CA GLU A 1092 14.25 2.25 -6.53
C GLU A 1092 13.24 2.44 -5.40
N ARG A 1093 13.19 1.48 -4.48
CA ARG A 1093 12.44 1.63 -3.24
C ARG A 1093 13.43 1.57 -2.09
N ASN A 1094 13.44 2.60 -1.26
CA ASN A 1094 14.41 2.71 -0.20
C ASN A 1094 13.67 2.70 1.13
N LEU A 1095 13.91 1.65 1.93
CA LEU A 1095 13.09 1.35 3.10
C LEU A 1095 13.94 1.47 4.36
N TYR A 1096 13.29 1.84 5.46
CA TYR A 1096 13.98 2.07 6.73
C TYR A 1096 13.09 1.51 7.82
N THR A 1097 13.63 0.60 8.65
CA THR A 1097 12.82 -0.12 9.62
C THR A 1097 13.58 -0.25 10.94
N LEU A 1098 12.84 -0.31 12.04
CA LEU A 1098 13.42 -0.50 13.37
C LEU A 1098 13.07 -1.89 13.90
N HIS A 1099 14.09 -2.68 14.20
CA HIS A 1099 13.98 -4.05 14.66
C HIS A 1099 14.57 -4.16 16.06
N ALA A 1100 14.39 -5.33 16.68
CA ALA A 1100 15.10 -5.58 17.92
C ALA A 1100 16.59 -5.68 17.65
N ARG A 1101 17.39 -5.36 18.69
CA ARG A 1101 18.84 -5.50 18.57
CA ARG A 1101 18.84 -5.51 18.57
C ARG A 1101 19.27 -6.96 18.75
N GLY A 1102 18.65 -7.67 19.67
CA GLY A 1102 19.07 -9.03 19.92
C GLY A 1102 18.96 -9.36 21.39
N ARG A 1103 20.03 -9.88 21.98
CA ARG A 1103 20.02 -10.22 23.40
C ARG A 1103 20.80 -9.14 24.16
N ILE A 1104 20.12 -8.49 25.10
CA ILE A 1104 20.68 -7.39 25.87
C ILE A 1104 21.14 -7.93 27.21
N LEU A 1105 22.38 -7.62 27.59
CA LEU A 1105 22.89 -7.96 28.92
C LEU A 1105 22.33 -6.99 29.95
N LEU A 1106 21.66 -7.53 30.98
CA LEU A 1106 21.12 -6.71 32.07
C LEU A 1106 21.97 -6.92 33.31
N VAL A 1107 22.45 -5.82 33.88
CA VAL A 1107 23.23 -5.86 35.11
C VAL A 1107 22.49 -5.02 36.13
N PRO A 1108 21.49 -5.58 36.79
CA PRO A 1108 20.71 -4.83 37.76
C PRO A 1108 21.35 -4.81 39.13
N ALA A 1109 20.91 -3.86 39.96
CA ALA A 1109 21.27 -3.81 41.37
C ALA A 1109 20.09 -4.01 42.31
N THR A 1110 18.88 -3.60 41.93
CA THR A 1110 17.70 -3.70 42.76
C THR A 1110 16.58 -4.38 41.97
N GLU A 1111 15.57 -4.84 42.71
CA GLU A 1111 14.41 -5.47 42.07
C GLU A 1111 13.70 -4.50 41.13
N SER A 1112 13.42 -3.28 41.62
CA SER A 1112 12.75 -2.31 40.77
C SER A 1112 13.61 -1.96 39.56
N GLY A 1113 14.91 -1.83 39.77
CA GLY A 1113 15.80 -1.59 38.64
C GLY A 1113 15.74 -2.70 37.60
N LEU A 1114 15.71 -3.95 38.06
CA LEU A 1114 15.57 -5.07 37.13
C LEU A 1114 14.27 -4.99 36.34
N TYR A 1115 13.17 -4.66 37.02
CA TYR A 1115 11.89 -4.58 36.31
C TYR A 1115 11.91 -3.48 35.26
N HIS A 1116 12.52 -2.32 35.58
CA HIS A 1116 12.64 -1.24 34.61
C HIS A 1116 13.53 -1.63 33.45
N GLN A 1117 14.66 -2.31 33.74
CA GLN A 1117 15.55 -2.77 32.67
C GLN A 1117 14.83 -3.77 31.76
N LEU A 1118 14.12 -4.73 32.37
CA LEU A 1118 13.41 -5.73 31.58
CA LEU A 1118 13.39 -5.72 31.59
C LEU A 1118 12.33 -5.08 30.73
N ALA A 1119 11.59 -4.12 31.29
CA ALA A 1119 10.56 -3.44 30.50
C ALA A 1119 11.16 -2.74 29.29
N ALA A 1120 12.29 -2.04 29.47
CA ALA A 1120 12.92 -1.34 28.34
C ALA A 1120 13.36 -2.31 27.27
N ALA A 1121 13.98 -3.42 27.68
CA ALA A 1121 14.48 -4.39 26.70
C ALA A 1121 13.33 -5.11 26.00
N LEU A 1122 12.29 -5.50 26.73
CA LEU A 1122 11.18 -6.22 26.09
C LEU A 1122 10.36 -5.31 25.18
N ALA A 1123 10.17 -4.05 25.59
CA ALA A 1123 9.39 -3.10 24.79
C ALA A 1123 10.01 -2.89 23.42
N THR A 1124 11.33 -3.10 23.31
CA THR A 1124 12.06 -2.92 22.07
C THR A 1124 12.37 -4.27 21.39
N GLY A 1125 11.69 -5.34 21.84
CA GLY A 1125 11.68 -6.59 21.11
C GLY A 1125 12.82 -7.53 21.43
N ASN A 1126 13.65 -7.19 22.40
CA ASN A 1126 14.88 -7.94 22.70
C ASN A 1126 14.61 -9.09 23.67
N SER A 1127 15.53 -10.07 23.63
CA SER A 1127 15.71 -11.00 24.73
C SER A 1127 16.77 -10.45 25.67
N VAL A 1128 16.93 -11.08 26.84
CA VAL A 1128 17.87 -10.58 27.83
C VAL A 1128 18.66 -11.72 28.42
N ALA A 1129 19.87 -11.39 28.87
CA ALA A 1129 20.63 -12.24 29.78
C ALA A 1129 20.88 -11.42 31.04
N ILE A 1130 20.39 -11.91 32.19
CA ILE A 1130 20.44 -11.17 33.44
C ILE A 1130 21.62 -11.66 34.27
N ASP A 1131 22.44 -10.73 34.74
CA ASP A 1131 23.58 -11.08 35.61
C ASP A 1131 23.15 -11.87 36.84
N ALA A 1132 23.58 -13.13 36.92
CA ALA A 1132 23.18 -13.98 38.04
C ALA A 1132 23.84 -13.56 39.34
N ALA A 1133 24.98 -12.85 39.27
CA ALA A 1133 25.62 -12.36 40.48
C ALA A 1133 24.84 -11.24 41.15
N SER A 1134 23.77 -10.75 40.53
CA SER A 1134 22.91 -9.77 41.18
C SER A 1134 22.14 -10.37 42.35
N GLY A 1135 21.98 -11.70 42.40
CA GLY A 1135 21.17 -12.32 43.43
C GLY A 1135 19.69 -11.98 43.37
N LEU A 1136 19.18 -11.56 42.21
CA LEU A 1136 17.79 -11.14 42.12
C LEU A 1136 16.88 -12.21 41.52
N GLN A 1137 17.33 -13.48 41.50
CA GLN A 1137 16.54 -14.54 40.87
C GLN A 1137 15.15 -14.65 41.48
N ALA A 1138 15.02 -14.46 42.79
CA ALA A 1138 13.71 -14.57 43.43
C ALA A 1138 12.73 -13.50 42.98
N SER A 1139 13.19 -12.44 42.32
CA SER A 1139 12.30 -11.39 41.85
C SER A 1139 11.55 -11.75 40.57
N LEU A 1140 11.91 -12.84 39.89
CA LEU A 1140 11.31 -13.19 38.61
C LEU A 1140 10.66 -14.57 38.68
N LYS A 1141 9.99 -14.87 39.79
CA LYS A 1141 9.33 -16.15 39.95
C LYS A 1141 8.01 -16.20 39.18
N ASN A 1142 7.74 -17.34 38.54
CA ASN A 1142 6.45 -17.62 37.90
C ASN A 1142 6.19 -16.69 36.72
N LEU A 1143 7.22 -16.48 35.88
CA LEU A 1143 7.01 -15.68 34.69
C LEU A 1143 6.09 -16.42 33.70
N PRO A 1144 5.29 -15.67 32.95
CA PRO A 1144 4.60 -16.28 31.81
C PRO A 1144 5.61 -16.93 30.87
N GLN A 1145 5.19 -18.03 30.24
CA GLN A 1145 6.10 -18.74 29.34
C GLN A 1145 6.62 -17.82 28.22
N THR A 1146 5.77 -16.92 27.71
CA THR A 1146 6.20 -16.00 26.65
C THR A 1146 7.37 -15.12 27.09
N VAL A 1147 7.35 -14.67 28.35
CA VAL A 1147 8.45 -13.85 28.86
C VAL A 1147 9.65 -14.72 29.21
N GLY A 1148 9.40 -15.86 29.86
CA GLY A 1148 10.49 -16.77 30.18
C GLY A 1148 11.30 -17.17 28.98
N LEU A 1149 10.65 -17.31 27.81
CA LEU A 1149 11.40 -17.64 26.58
C LEU A 1149 12.43 -16.57 26.26
N ARG A 1150 12.18 -15.34 26.67
CA ARG A 1150 13.08 -14.24 26.38
C ARG A 1150 14.12 -13.99 27.45
N VAL A 1151 14.06 -14.70 28.57
CA VAL A 1151 14.90 -14.42 29.74
C VAL A 1151 15.85 -15.58 29.96
N SER A 1152 17.13 -15.27 30.12
CA SER A 1152 18.11 -16.22 30.62
C SER A 1152 18.93 -15.54 31.71
N TRP A 1153 19.53 -16.35 32.57
CA TRP A 1153 20.41 -15.86 33.63
C TRP A 1153 21.85 -16.25 33.31
N SER A 1154 22.78 -15.31 33.46
CA SER A 1154 24.16 -15.52 33.07
C SER A 1154 25.11 -15.38 34.25
N LYS A 1155 25.84 -16.45 34.56
CA LYS A 1155 26.95 -16.37 35.51
C LYS A 1155 28.24 -15.95 34.82
N ASP A 1156 28.45 -16.40 33.58
CA ASP A 1156 29.68 -16.14 32.82
C ASP A 1156 29.28 -15.38 31.58
N TRP A 1157 29.35 -14.05 31.63
CA TRP A 1157 28.86 -13.22 30.54
C TRP A 1157 29.59 -13.53 29.23
N ALA A 1158 30.89 -13.80 29.31
CA ALA A 1158 31.66 -14.05 28.09
C ALA A 1158 31.26 -15.36 27.42
N ALA A 1159 30.69 -16.30 28.17
CA ALA A 1159 30.24 -17.56 27.60
C ALA A 1159 28.89 -17.43 26.90
N ASP A 1160 28.08 -16.46 27.29
CA ASP A 1160 26.68 -16.39 26.90
C ASP A 1160 26.40 -15.35 25.84
N GLY A 1161 27.43 -14.70 25.30
CA GLY A 1161 27.27 -13.74 24.25
C GLY A 1161 27.16 -14.39 22.87
N PRO A 1162 27.23 -13.58 21.79
CA PRO A 1162 27.41 -12.13 21.82
C PRO A 1162 26.14 -11.39 22.22
N PHE A 1163 26.31 -10.28 22.91
CA PHE A 1163 25.19 -9.42 23.25
C PHE A 1163 25.09 -8.30 22.23
N ALA A 1164 23.95 -7.61 22.25
CA ALA A 1164 23.74 -6.52 21.30
C ALA A 1164 23.61 -5.17 22.01
N GLY A 1165 23.85 -5.14 23.32
CA GLY A 1165 23.74 -3.94 24.11
C GLY A 1165 23.69 -4.34 25.57
N ALA A 1166 23.68 -3.35 26.45
CA ALA A 1166 23.66 -3.65 27.87
C ALA A 1166 22.98 -2.52 28.62
N LEU A 1167 22.31 -2.88 29.72
CA LEU A 1167 21.72 -1.93 30.66
C LEU A 1167 22.30 -2.22 32.03
N VAL A 1168 22.78 -1.18 32.71
CA VAL A 1168 23.50 -1.30 33.98
C VAL A 1168 22.87 -0.39 35.01
N GLU A 1169 22.71 -0.89 36.25
CA GLU A 1169 22.24 -0.11 37.39
C GLU A 1169 23.30 -0.11 38.48
N GLY A 1170 23.58 1.04 39.05
CA GLY A 1170 24.50 1.08 40.17
C GLY A 1170 25.02 2.47 40.41
N ASP A 1171 25.81 2.60 41.49
CA ASP A 1171 26.49 3.86 41.74
C ASP A 1171 27.69 3.99 40.79
N ALA A 1172 28.40 5.12 40.88
CA ALA A 1172 29.41 5.44 39.89
C ALA A 1172 30.50 4.37 39.83
N GLU A 1173 30.98 3.91 40.98
CA GLU A 1173 32.07 2.92 40.95
C GLU A 1173 31.57 1.55 40.52
N ARG A 1174 30.30 1.21 40.78
CA ARG A 1174 29.73 -0.02 40.24
C ARG A 1174 29.63 0.07 38.72
N ILE A 1175 29.19 1.20 38.19
CA ILE A 1175 29.10 1.36 36.74
C ILE A 1175 30.48 1.26 36.11
N ARG A 1176 31.49 1.86 36.73
CA ARG A 1176 32.84 1.79 36.19
C ARG A 1176 33.34 0.34 36.15
N ALA A 1177 33.10 -0.41 37.22
CA ALA A 1177 33.54 -1.81 37.28
C ALA A 1177 32.83 -2.67 36.26
N VAL A 1178 31.50 -2.49 36.13
CA VAL A 1178 30.75 -3.23 35.13
C VAL A 1178 31.22 -2.86 33.71
N ASN A 1179 31.46 -1.57 33.46
CA ASN A 1179 31.90 -1.13 32.14
C ASN A 1179 33.20 -1.81 31.73
N LYS A 1180 34.14 -1.96 32.67
CA LYS A 1180 35.39 -2.65 32.38
C LYS A 1180 35.15 -4.13 32.08
N ALA A 1181 34.27 -4.78 32.84
CA ALA A 1181 33.96 -6.18 32.58
C ALA A 1181 33.29 -6.37 31.22
N ILE A 1182 32.37 -5.46 30.87
CA ILE A 1182 31.71 -5.55 29.57
C ILE A 1182 32.71 -5.33 28.44
N ALA A 1183 33.63 -4.38 28.61
CA ALA A 1183 34.61 -4.12 27.55
C ALA A 1183 35.51 -5.33 27.32
N ALA A 1184 35.67 -6.17 28.34
CA ALA A 1184 36.51 -7.36 28.22
C ALA A 1184 35.79 -8.52 27.56
N LEU A 1185 34.49 -8.44 27.34
CA LEU A 1185 33.81 -9.51 26.64
C LEU A 1185 34.34 -9.64 25.21
N PRO A 1186 34.48 -10.86 24.69
CA PRO A 1186 34.94 -11.01 23.31
C PRO A 1186 33.90 -10.53 22.31
N GLY A 1187 34.37 -10.16 21.12
CA GLY A 1187 33.48 -9.88 20.01
C GLY A 1187 33.08 -8.42 19.86
N PRO A 1188 31.79 -8.17 19.69
CA PRO A 1188 31.35 -6.82 19.32
C PRO A 1188 31.42 -5.83 20.47
N LEU A 1189 31.63 -4.56 20.10
CA LEU A 1189 31.47 -3.49 21.08
C LEU A 1189 30.00 -3.40 21.46
N LEU A 1190 29.73 -3.19 22.75
CA LEU A 1190 28.35 -3.08 23.20
C LEU A 1190 28.01 -1.63 23.51
N LEU A 1191 26.85 -1.20 23.03
CA LEU A 1191 26.28 0.09 23.43
C LEU A 1191 25.68 -0.09 24.82
N VAL A 1192 26.37 0.49 25.83
CA VAL A 1192 26.03 0.35 27.24
C VAL A 1192 25.29 1.60 27.70
N GLN A 1193 24.19 1.41 28.43
CA GLN A 1193 23.48 2.49 29.10
C GLN A 1193 23.48 2.22 30.60
N ALA A 1194 23.79 3.23 31.40
CA ALA A 1194 23.90 3.05 32.84
C ALA A 1194 23.04 4.09 33.54
N ALA A 1195 22.57 3.74 34.74
CA ALA A 1195 21.76 4.65 35.54
C ALA A 1195 21.90 4.22 36.99
N SER A 1196 21.80 5.20 37.91
CA SER A 1196 21.70 4.89 39.32
C SER A 1196 20.29 4.44 39.65
N SER A 1197 20.14 3.76 40.80
CA SER A 1197 18.81 3.42 41.26
C SER A 1197 17.93 4.66 41.40
N GLY A 1198 18.51 5.75 41.90
CA GLY A 1198 17.73 6.97 42.05
C GLY A 1198 17.31 7.56 40.72
N GLU A 1199 18.19 7.49 39.72
CA GLU A 1199 17.86 7.98 38.39
C GLU A 1199 16.73 7.16 37.78
N ILE A 1200 16.74 5.84 37.99
CA ILE A 1200 15.63 5.01 37.51
C ILE A 1200 14.32 5.44 38.14
N ALA A 1201 14.36 5.81 39.44
CA ALA A 1201 13.14 6.22 40.12
C ALA A 1201 12.66 7.58 39.64
N ARG A 1202 13.58 8.50 39.33
CA ARG A 1202 13.24 9.88 39.00
C ARG A 1202 12.94 10.09 37.52
N ASN A 1203 13.62 9.38 36.63
CA ASN A 1203 13.56 9.68 35.20
C ASN A 1203 13.01 8.50 34.41
N PRO A 1204 11.81 8.58 33.84
CA PRO A 1204 11.28 7.46 33.06
C PRO A 1204 12.14 7.12 31.86
N ASP A 1205 12.96 8.05 31.39
CA ASP A 1205 13.84 7.83 30.25
C ASP A 1205 15.28 7.56 30.67
N ALA A 1206 15.48 7.08 31.91
CA ALA A 1206 16.84 6.76 32.36
C ALA A 1206 17.55 5.85 31.36
N TYR A 1207 16.83 4.87 30.81
CA TYR A 1207 17.34 4.05 29.72
C TYR A 1207 16.59 4.44 28.45
N CYS A 1208 17.34 4.92 27.44
CA CYS A 1208 16.74 5.47 26.24
C CYS A 1208 16.40 4.37 25.25
N LEU A 1209 15.16 4.35 24.78
CA LEU A 1209 14.74 3.26 23.92
C LEU A 1209 15.30 3.39 22.50
N ASN A 1210 15.82 4.58 22.13
CA ASN A 1210 16.44 4.75 20.83
C ASN A 1210 17.59 3.76 20.61
N TRP A 1211 18.35 3.48 21.67
CA TRP A 1211 19.56 2.66 21.53
C TRP A 1211 19.30 1.19 21.78
N LEU A 1212 18.05 0.80 22.00
CA LEU A 1212 17.68 -0.60 22.20
C LEU A 1212 17.00 -1.21 20.97
N VAL A 1213 16.84 -0.44 19.89
CA VAL A 1213 16.41 -0.99 18.61
C VAL A 1213 17.55 -0.90 17.63
N GLU A 1214 17.41 -1.60 16.52
CA GLU A 1214 18.42 -1.72 15.49
C GLU A 1214 17.84 -1.17 14.19
N GLU A 1215 18.57 -0.26 13.55
CA GLU A 1215 18.09 0.27 12.28
C GLU A 1215 18.48 -0.66 11.14
N VAL A 1216 17.55 -0.87 10.21
CA VAL A 1216 17.86 -1.62 9.00
C VAL A 1216 17.43 -0.80 7.79
N SER A 1217 18.33 -0.63 6.83
CA SER A 1217 18.04 0.04 5.57
C SER A 1217 17.99 -1.01 4.48
N ALA A 1218 17.02 -0.90 3.58
CA ALA A 1218 16.94 -1.82 2.44
C ALA A 1218 16.68 -1.02 1.16
N SER A 1219 17.50 -1.27 0.15
CA SER A 1219 17.39 -0.59 -1.14
C SER A 1219 17.10 -1.62 -2.22
N ILE A 1220 15.96 -1.49 -2.88
CA ILE A 1220 15.48 -2.44 -3.87
C ILE A 1220 15.47 -1.76 -5.24
N ASN A 1221 16.19 -2.34 -6.20
CA ASN A 1221 16.18 -1.83 -7.57
C ASN A 1221 14.92 -2.36 -8.25
N THR A 1222 13.91 -1.52 -8.38
CA THR A 1222 12.64 -1.94 -8.93
C THR A 1222 12.60 -1.83 -10.46
N ALA A 1223 13.68 -1.34 -11.07
CA ALA A 1223 13.82 -1.36 -12.52
C ALA A 1223 14.62 -2.55 -13.02
N ALA A 1224 15.00 -3.47 -12.12
CA ALA A 1224 15.88 -4.58 -12.48
C ALA A 1224 15.25 -5.50 -13.53
N ALA A 1225 13.92 -5.54 -13.63
CA ALA A 1225 13.29 -6.41 -14.62
C ALA A 1225 13.37 -5.85 -16.03
N GLY A 1226 13.91 -4.66 -16.21
CA GLY A 1226 14.10 -4.08 -17.54
C GLY A 1226 13.35 -2.78 -17.75
N GLY A 1227 12.53 -2.33 -16.81
CA GLY A 1227 11.90 -1.04 -16.95
C GLY A 1227 11.23 -0.62 -15.67
N ASN A 1228 10.52 0.50 -15.75
CA ASN A 1228 9.96 1.17 -14.58
C ASN A 1228 8.44 1.19 -14.70
N ALA A 1229 7.76 0.43 -13.83
CA ALA A 1229 6.31 0.34 -13.89
C ALA A 1229 5.63 1.68 -13.57
N SER A 1230 6.10 2.37 -12.54
CA SER A 1230 5.48 3.64 -12.16
C SER A 1230 5.56 4.67 -13.29
N LEU A 1231 6.72 4.78 -13.94
CA LEU A 1231 6.87 5.74 -15.02
C LEU A 1231 6.16 5.31 -16.30
N MET A 1232 5.61 4.09 -16.35
CA MET A 1232 4.77 3.71 -17.48
C MET A 1232 3.49 4.55 -17.55
N ALA A 1233 3.02 5.03 -16.40
CA ALA A 1233 1.83 5.86 -16.32
C ALA A 1233 2.16 7.35 -16.29
N ILE A 1234 3.40 7.73 -16.62
CA ILE A 1234 3.84 9.12 -16.62
C ILE A 1234 4.19 9.49 -18.06
N GLY A 1235 3.42 10.41 -18.64
CA GLY A 1235 3.66 10.89 -19.98
C GLY A 1235 3.19 12.33 -20.12
N ALA B 16 -57.94 -10.61 15.77
CA ALA B 16 -56.60 -10.76 15.21
C ALA B 16 -56.48 -10.02 13.88
N PRO B 17 -55.60 -9.02 13.83
CA PRO B 17 -55.45 -8.24 12.59
C PRO B 17 -55.00 -9.13 11.44
N ALA B 18 -55.55 -8.86 10.25
CA ALA B 18 -55.17 -9.63 9.08
C ALA B 18 -53.71 -9.36 8.73
N PRO B 19 -52.95 -10.38 8.34
CA PRO B 19 -51.51 -10.18 8.07
C PRO B 19 -51.26 -9.11 7.01
N PHE B 20 -50.36 -8.18 7.34
CA PHE B 20 -49.89 -7.14 6.43
C PHE B 20 -50.98 -6.15 6.04
N ALA B 21 -52.13 -6.16 6.71
CA ALA B 21 -53.20 -5.24 6.37
C ALA B 21 -52.83 -3.78 6.65
N ASP B 22 -51.83 -3.54 7.49
CA ASP B 22 -51.38 -2.18 7.76
C ASP B 22 -49.87 -2.07 7.61
N PHE B 23 -49.32 -2.72 6.56
CA PHE B 23 -47.87 -2.88 6.49
C PHE B 23 -47.17 -1.54 6.39
N ALA B 24 -47.55 -0.74 5.38
CA ALA B 24 -46.86 0.53 5.18
C ALA B 24 -47.72 1.51 4.37
N PRO B 25 -48.89 1.87 4.87
CA PRO B 25 -49.76 2.80 4.12
C PRO B 25 -49.10 4.15 3.96
N PRO B 26 -49.17 4.74 2.77
CA PRO B 26 -48.60 6.09 2.58
C PRO B 26 -49.32 7.14 3.40
N VAL B 27 -48.60 8.23 3.67
CA VAL B 27 -49.17 9.36 4.41
C VAL B 27 -50.40 9.91 3.68
N ARG B 28 -50.34 9.98 2.35
CA ARG B 28 -51.44 10.48 1.54
C ARG B 28 -51.44 9.76 0.20
N PRO B 29 -52.57 9.73 -0.50
CA PRO B 29 -52.58 9.21 -1.87
C PRO B 29 -51.62 10.00 -2.74
N GLN B 30 -50.85 9.28 -3.55
CA GLN B 30 -49.77 9.90 -4.33
C GLN B 30 -50.34 10.53 -5.60
N SER B 31 -50.13 11.83 -5.75
CA SER B 31 -50.58 12.56 -6.93
C SER B 31 -49.74 12.19 -8.16
N THR B 32 -50.19 12.63 -9.34
CA THR B 32 -49.40 12.48 -10.55
C THR B 32 -48.00 13.07 -10.35
N LEU B 33 -47.92 14.28 -9.79
CA LEU B 33 -46.62 14.92 -9.57
C LEU B 33 -45.78 14.16 -8.54
N ARG B 34 -46.39 13.64 -7.48
CA ARG B 34 -45.60 12.86 -6.52
C ARG B 34 -45.12 11.56 -7.13
N ARG B 35 -45.93 10.95 -7.99
CA ARG B 35 -45.53 9.70 -8.62
C ARG B 35 -44.38 9.89 -9.59
N ALA B 36 -44.32 11.06 -10.24
CA ALA B 36 -43.22 11.34 -11.15
C ALA B 36 -41.91 11.50 -10.39
N ILE B 37 -41.96 12.04 -9.18
CA ILE B 37 -40.78 12.07 -8.33
C ILE B 37 -40.29 10.66 -8.04
N THR B 38 -41.18 9.81 -7.53
CA THR B 38 -40.79 8.46 -7.12
C THR B 38 -40.24 7.68 -8.30
N ALA B 39 -40.82 7.87 -9.49
CA ALA B 39 -40.39 7.14 -10.67
C ALA B 39 -38.94 7.44 -11.04
N ALA B 40 -38.42 8.60 -10.65
CA ALA B 40 -37.07 9.00 -11.02
C ALA B 40 -36.02 8.62 -9.98
N TYR B 41 -36.43 8.01 -8.87
CA TYR B 41 -35.56 7.82 -7.69
C TYR B 41 -34.19 7.25 -8.07
N ARG B 42 -34.18 6.13 -8.81
CA ARG B 42 -32.92 5.51 -9.20
C ARG B 42 -32.80 5.35 -10.71
N ARG B 43 -33.32 6.32 -11.45
CA ARG B 43 -33.30 6.25 -12.91
C ARG B 43 -31.87 6.15 -13.42
N PRO B 44 -31.61 5.33 -14.43
CA PRO B 44 -30.25 5.24 -14.98
C PRO B 44 -29.71 6.61 -15.37
N GLU B 45 -28.41 6.81 -15.15
CA GLU B 45 -27.80 8.11 -15.40
C GLU B 45 -27.90 8.51 -16.86
N THR B 46 -27.81 7.54 -17.77
CA THR B 46 -27.92 7.84 -19.19
C THR B 46 -29.32 8.29 -19.60
N GLU B 47 -30.34 7.96 -18.80
CA GLU B 47 -31.67 8.49 -19.05
C GLU B 47 -31.88 9.85 -18.43
N CYS B 48 -31.23 10.14 -17.28
CA CYS B 48 -31.43 11.41 -16.62
C CYS B 48 -30.83 12.57 -17.41
N LEU B 49 -29.66 12.36 -17.99
CA LEU B 49 -28.91 13.52 -18.47
C LEU B 49 -29.46 14.19 -19.72
N PRO B 50 -29.94 13.48 -20.75
CA PRO B 50 -30.33 14.16 -21.99
C PRO B 50 -31.34 15.26 -21.78
N PRO B 51 -32.44 15.04 -21.04
CA PRO B 51 -33.37 16.17 -20.82
C PRO B 51 -32.76 17.29 -19.99
N LEU B 52 -31.82 16.99 -19.09
CA LEU B 52 -31.18 18.08 -18.35
C LEU B 52 -30.28 18.91 -19.27
N VAL B 53 -29.54 18.25 -20.16
CA VAL B 53 -28.75 18.96 -21.15
C VAL B 53 -29.62 19.91 -21.96
N GLU B 54 -30.78 19.42 -22.42
CA GLU B 54 -31.68 20.24 -23.20
C GLU B 54 -32.15 21.46 -22.41
N ALA B 55 -32.53 21.26 -21.15
CA ALA B 55 -33.04 22.36 -20.33
C ALA B 55 -31.95 23.35 -19.95
N ALA B 56 -30.70 22.89 -19.86
CA ALA B 56 -29.58 23.73 -19.48
C ALA B 56 -28.94 24.45 -20.66
N THR B 57 -29.42 24.22 -21.88
CA THR B 57 -28.80 24.82 -23.06
C THR B 57 -29.06 26.33 -23.08
N GLN B 58 -28.01 27.09 -23.41
CA GLN B 58 -28.12 28.54 -23.53
C GLN B 58 -27.46 28.98 -24.83
N SER B 59 -27.93 30.13 -25.34
CA SER B 59 -27.43 30.67 -26.60
C SER B 59 -25.93 30.91 -26.54
N LYS B 60 -25.32 31.03 -27.72
CA LYS B 60 -23.88 31.29 -27.79
C LYS B 60 -23.54 32.62 -27.13
N GLU B 61 -24.35 33.66 -27.38
CA GLU B 61 -24.08 34.97 -26.80
C GLU B 61 -24.07 34.91 -25.29
N ILE B 62 -25.07 34.25 -24.69
CA ILE B 62 -25.13 34.12 -23.24
C ILE B 62 -23.95 33.32 -22.72
N ARG B 63 -23.56 32.26 -23.42
CA ARG B 63 -22.46 31.43 -22.96
C ARG B 63 -21.15 32.21 -22.98
N ASP B 64 -20.91 32.99 -24.04
CA ASP B 64 -19.73 33.84 -24.08
C ASP B 64 -19.76 34.89 -22.97
N ALA B 65 -20.90 35.55 -22.76
CA ALA B 65 -20.98 36.55 -21.71
C ALA B 65 -20.75 35.92 -20.33
N ALA B 66 -21.23 34.68 -20.13
CA ALA B 66 -21.05 34.02 -18.84
C ALA B 66 -19.60 33.61 -18.63
N ALA B 67 -18.93 33.15 -19.68
CA ALA B 67 -17.52 32.81 -19.56
C ALA B 67 -16.68 34.03 -19.21
N SER B 68 -17.04 35.20 -19.76
CA SER B 68 -16.32 36.42 -19.44
C SER B 68 -16.58 36.85 -18.00
N THR B 69 -17.82 36.74 -17.54
CA THR B 69 -18.14 37.07 -16.16
C THR B 69 -17.46 36.10 -15.19
N ALA B 70 -17.46 34.81 -15.51
CA ALA B 70 -16.77 33.84 -14.66
C ALA B 70 -15.28 34.13 -14.59
N ARG B 71 -14.69 34.51 -15.73
CA ARG B 71 -13.25 34.81 -15.75
C ARG B 71 -12.93 35.97 -14.83
N LYS B 72 -13.73 37.04 -14.91
CA LYS B 72 -13.53 38.20 -14.04
C LYS B 72 -13.65 37.82 -12.58
N LEU B 73 -14.63 36.97 -12.23
CA LEU B 73 -14.78 36.55 -10.84
C LEU B 73 -13.57 35.75 -10.37
N ILE B 74 -13.06 34.86 -11.23
CA ILE B 74 -11.98 33.96 -10.84
C ILE B 74 -10.65 34.71 -10.74
N GLU B 75 -10.41 35.64 -11.67
CA GLU B 75 -9.24 36.49 -11.57
C GLU B 75 -9.27 37.29 -10.26
N ALA B 76 -10.43 37.85 -9.92
CA ALA B 76 -10.57 38.55 -8.64
C ALA B 76 -10.25 37.63 -7.47
N LEU B 77 -10.76 36.40 -7.49
CA LEU B 77 -10.55 35.47 -6.39
C LEU B 77 -9.07 35.12 -6.24
N ARG B 78 -8.42 34.73 -7.32
CA ARG B 78 -7.01 34.36 -7.25
C ARG B 78 -6.11 35.57 -7.02
N GLY B 79 -6.56 36.77 -7.39
CA GLY B 79 -5.74 37.95 -7.20
C GLY B 79 -5.67 38.42 -5.76
N LYS B 80 -6.71 38.14 -4.97
CA LYS B 80 -6.74 38.54 -3.57
C LYS B 80 -6.47 37.37 -2.63
N HIS B 81 -6.08 36.22 -3.16
CA HIS B 81 -5.72 35.10 -2.32
C HIS B 81 -4.37 35.38 -1.65
N SER B 82 -4.33 35.24 -0.33
CA SER B 82 -3.10 35.49 0.43
C SER B 82 -2.67 34.32 1.30
N GLY B 83 -3.59 33.46 1.73
CA GLY B 83 -3.23 32.31 2.53
C GLY B 83 -3.81 32.33 3.92
N SER B 84 -4.30 31.17 4.39
CA SER B 84 -5.01 31.08 5.65
C SER B 84 -4.05 31.26 6.82
N GLY B 85 -4.62 31.29 8.03
CA GLY B 85 -3.80 31.48 9.22
C GLY B 85 -3.01 30.23 9.58
N VAL B 86 -3.60 29.06 9.39
CA VAL B 86 -2.91 27.83 9.77
C VAL B 86 -1.68 27.62 8.89
N GLU B 87 -1.77 27.95 7.60
CA GLU B 87 -0.62 27.81 6.71
C GLU B 87 0.52 28.74 7.14
N GLY B 88 0.20 30.00 7.44
CA GLY B 88 1.23 30.91 7.91
C GLY B 88 1.87 30.47 9.20
N LEU B 89 1.10 29.80 10.07
CA LEU B 89 1.66 29.26 11.30
C LEU B 89 2.62 28.10 11.00
N VAL B 90 2.19 27.18 10.14
CA VAL B 90 3.03 26.06 9.74
C VAL B 90 4.31 26.55 9.08
N GLN B 91 4.21 27.59 8.25
CA GLN B 91 5.40 28.14 7.60
C GLN B 91 6.30 28.86 8.61
N GLU B 92 5.70 29.60 9.55
CA GLU B 92 6.51 30.40 10.46
C GLU B 92 7.34 29.52 11.39
N TYR B 93 6.77 28.43 11.90
CA TYR B 93 7.48 27.57 12.83
C TYR B 93 8.03 26.31 12.17
N SER B 94 7.97 26.24 10.83
CA SER B 94 8.54 25.12 10.07
C SER B 94 7.96 23.79 10.51
N LEU B 95 6.63 23.75 10.70
CA LEU B 95 5.97 22.56 11.21
C LEU B 95 5.78 21.52 10.12
N SER B 96 5.97 20.26 10.49
CA SER B 96 5.48 19.19 9.66
C SER B 96 3.95 19.15 9.72
N SER B 97 3.33 18.39 8.82
CA SER B 97 1.89 18.24 8.84
C SER B 97 1.41 17.65 10.18
N GLN B 98 2.06 16.57 10.62
CA GLN B 98 1.67 15.95 11.89
C GLN B 98 1.89 16.92 13.06
N GLU B 99 2.93 17.75 12.98
CA GLU B 99 3.14 18.74 14.02
C GLU B 99 2.02 19.78 14.03
N GLY B 100 1.59 20.21 12.85
CA GLY B 100 0.47 21.14 12.78
C GLY B 100 -0.81 20.56 13.36
N VAL B 101 -1.10 19.29 13.01
CA VAL B 101 -2.30 18.63 13.54
C VAL B 101 -2.22 18.50 15.05
N ALA B 102 -1.08 18.03 15.54
CA ALA B 102 -0.91 17.85 16.98
C ALA B 102 -1.04 19.17 17.73
N LEU B 103 -0.47 20.24 17.17
CA LEU B 103 -0.56 21.55 17.81
C LEU B 103 -2.00 22.03 17.89
N MET B 104 -2.77 21.83 16.83
CA MET B 104 -4.17 22.28 16.87
C MET B 104 -4.99 21.43 17.83
N CYS B 105 -4.68 20.14 17.95
CA CYS B 105 -5.34 19.30 18.96
C CYS B 105 -5.04 19.80 20.37
N LEU B 106 -3.78 20.14 20.65
CA LEU B 106 -3.42 20.73 21.93
C LEU B 106 -4.16 22.04 22.13
N ALA B 107 -4.22 22.88 21.09
CA ALA B 107 -4.87 24.18 21.22
C ALA B 107 -6.36 24.02 21.51
N GLU B 108 -7.00 23.07 20.83
CA GLU B 108 -8.41 22.73 21.12
C GLU B 108 -8.59 22.34 22.58
N ALA B 109 -7.71 21.48 23.10
CA ALA B 109 -7.83 21.06 24.49
C ALA B 109 -7.66 22.24 25.44
N LEU B 110 -6.68 23.09 25.19
CA LEU B 110 -6.46 24.24 26.08
C LEU B 110 -7.64 25.21 26.04
N LEU B 111 -8.32 25.33 24.91
CA LEU B 111 -9.48 26.20 24.83
C LEU B 111 -10.69 25.64 25.57
N ARG B 112 -10.67 24.36 25.96
CA ARG B 112 -11.73 23.86 26.82
C ARG B 112 -11.58 24.33 28.26
N ILE B 113 -10.45 24.96 28.60
CA ILE B 113 -10.28 25.65 29.88
C ILE B 113 -10.88 27.04 29.72
N PRO B 114 -12.00 27.33 30.39
CA PRO B 114 -12.65 28.64 30.18
C PRO B 114 -11.90 29.80 30.79
N ASP B 115 -11.20 29.58 31.90
CA ASP B 115 -10.51 30.65 32.61
C ASP B 115 -9.18 30.96 31.93
N THR B 116 -9.06 32.18 31.38
CA THR B 116 -7.87 32.56 30.63
C THR B 116 -6.61 32.49 31.50
N ALA B 117 -6.69 32.95 32.74
CA ALA B 117 -5.51 32.94 33.59
C ALA B 117 -5.11 31.52 33.98
N THR B 118 -6.09 30.64 34.20
CA THR B 118 -5.77 29.25 34.48
C THR B 118 -5.12 28.59 33.26
N ARG B 119 -5.61 28.91 32.07
CA ARG B 119 -5.07 28.31 30.85
C ARG B 119 -3.66 28.80 30.58
N ASP B 120 -3.44 30.12 30.66
CA ASP B 120 -2.11 30.68 30.50
C ASP B 120 -1.14 30.14 31.53
N ALA B 121 -1.60 29.91 32.76
CA ALA B 121 -0.71 29.36 33.78
C ALA B 121 -0.33 27.92 33.45
N LEU B 122 -1.30 27.11 33.03
CA LEU B 122 -0.99 25.74 32.62
C LEU B 122 0.02 25.71 31.49
N ILE B 123 -0.12 26.62 30.51
CA ILE B 123 0.80 26.66 29.38
C ILE B 123 2.19 27.02 29.82
N ARG B 124 2.33 28.15 30.55
CA ARG B 124 3.64 28.65 30.91
C ARG B 124 4.35 27.74 31.90
N ASP B 125 3.62 27.05 32.77
CA ASP B 125 4.25 26.32 33.86
C ASP B 125 4.23 24.80 33.71
N LYS B 126 3.39 24.26 32.85
CA LYS B 126 3.37 22.81 32.69
C LYS B 126 3.53 22.36 31.24
N ILE B 127 2.83 23.00 30.30
CA ILE B 127 2.84 22.54 28.92
C ILE B 127 4.15 22.90 28.24
N ALA B 128 4.59 24.16 28.38
CA ALA B 128 5.81 24.61 27.70
C ALA B 128 7.03 23.84 28.19
N ASP B 129 6.98 23.28 29.39
CA ASP B 129 8.03 22.41 29.90
C ASP B 129 7.90 20.98 29.39
N GLY B 130 7.17 20.76 28.29
CA GLY B 130 6.97 19.44 27.74
C GLY B 130 6.05 18.52 28.51
N ASN B 131 5.80 18.80 29.79
CA ASN B 131 4.92 17.96 30.59
C ASN B 131 3.47 18.13 30.16
N TRP B 132 3.17 17.73 28.92
CA TRP B 132 1.82 17.85 28.39
C TRP B 132 1.00 16.57 28.54
N LYS B 133 1.65 15.41 28.64
CA LYS B 133 0.91 14.15 28.74
C LYS B 133 0.12 14.09 30.04
N SER B 134 0.76 14.42 31.16
CA SER B 134 0.07 14.40 32.45
C SER B 134 -1.14 15.33 32.44
N HIS B 135 -0.97 16.54 31.93
CA HIS B 135 -2.04 17.51 31.90
C HIS B 135 -2.76 17.49 30.55
N ARG B 140 -8.75 10.72 28.39
CA ARG B 140 -9.20 11.07 27.05
C ARG B 140 -8.05 11.59 26.20
N SER B 141 -7.79 10.93 25.07
CA SER B 141 -6.66 11.29 24.21
C SER B 141 -6.76 12.75 23.79
N LEU B 142 -5.61 13.42 23.75
CA LEU B 142 -5.56 14.77 23.21
C LEU B 142 -6.01 14.80 21.75
N PHE B 143 -5.88 13.68 21.05
CA PHE B 143 -5.98 13.62 19.60
C PHE B 143 -7.31 13.03 19.13
N VAL B 144 -8.36 13.10 19.95
CA VAL B 144 -9.64 12.50 19.59
C VAL B 144 -10.19 13.11 18.30
N ASN B 145 -9.98 14.42 18.09
CA ASN B 145 -10.50 15.11 16.91
C ASN B 145 -9.42 15.38 15.87
N ALA B 146 -8.35 14.59 15.85
CA ALA B 146 -7.26 14.85 14.91
C ALA B 146 -7.68 14.61 13.45
N ALA B 147 -8.69 13.78 13.20
CA ALA B 147 -9.12 13.61 11.81
C ALA B 147 -9.63 14.93 11.25
N THR B 148 -10.37 15.68 12.08
CA THR B 148 -10.87 16.98 11.67
C THR B 148 -9.72 17.97 11.48
N TRP B 149 -8.79 18.03 12.43
CA TRP B 149 -7.66 18.94 12.26
C TRP B 149 -6.74 18.49 11.12
N GLY B 150 -6.70 17.19 10.84
CA GLY B 150 -5.98 16.73 9.66
C GLY B 150 -6.52 17.35 8.38
N LEU B 151 -7.85 17.39 8.26
CA LEU B 151 -8.46 18.05 7.11
C LEU B 151 -8.10 19.53 7.06
N VAL B 152 -8.11 20.19 8.23
CA VAL B 152 -7.77 21.61 8.27
C VAL B 152 -6.33 21.84 7.81
N VAL B 153 -5.41 21.01 8.26
CA VAL B 153 -3.99 21.27 8.02
C VAL B 153 -3.54 20.77 6.65
N THR B 154 -4.00 19.58 6.25
CA THR B 154 -3.51 18.94 5.03
C THR B 154 -4.53 18.87 3.91
N GLY B 155 -5.81 19.06 4.20
CA GLY B 155 -6.85 18.90 3.19
C GLY B 155 -7.25 17.47 2.91
N LYS B 156 -6.68 16.49 3.61
CA LYS B 156 -6.99 15.09 3.40
C LYS B 156 -7.58 14.50 4.67
N LEU B 157 -8.43 13.50 4.51
CA LEU B 157 -9.13 12.87 5.62
C LEU B 157 -8.58 11.46 5.85
N THR B 158 -8.22 11.16 7.09
CA THR B 158 -7.98 9.80 7.52
C THR B 158 -9.05 9.43 8.53
N SER B 159 -9.57 8.20 8.43
CA SER B 159 -10.69 7.83 9.29
C SER B 159 -10.25 7.62 10.73
N THR B 160 -9.05 7.10 10.96
CA THR B 160 -8.50 6.96 12.29
C THR B 160 -7.17 7.69 12.37
N VAL B 161 -6.68 7.88 13.59
CA VAL B 161 -5.57 8.80 13.82
C VAL B 161 -4.39 8.01 14.36
N ASN B 162 -3.20 8.35 13.86
CA ASN B 162 -1.99 7.72 14.37
C ASN B 162 -1.57 8.52 15.60
N ASP B 163 -2.05 8.07 16.76
CA ASP B 163 -1.83 8.82 17.98
C ASP B 163 -0.39 8.71 18.48
N ARG B 164 0.35 7.65 18.12
CA ARG B 164 1.77 7.63 18.46
C ARG B 164 2.56 8.64 17.63
N SER B 165 2.22 8.77 16.34
CA SER B 165 2.87 9.79 15.52
C SER B 165 2.57 11.19 16.03
N LEU B 166 1.33 11.43 16.43
CA LEU B 166 0.95 12.76 16.90
C LEU B 166 1.60 13.08 18.24
N ALA B 167 1.70 12.09 19.13
CA ALA B 167 2.35 12.31 20.41
C ALA B 167 3.83 12.63 20.21
N ALA B 168 4.48 11.90 19.30
CA ALA B 168 5.86 12.22 18.95
C ALA B 168 5.98 13.62 18.38
N ALA B 169 5.05 14.00 17.49
CA ALA B 169 5.15 15.30 16.86
C ALA B 169 4.96 16.44 17.87
N LEU B 170 4.03 16.26 18.81
CA LEU B 170 3.78 17.31 19.79
C LEU B 170 4.95 17.48 20.74
N THR B 171 5.50 16.36 21.22
CA THR B 171 6.71 16.44 22.02
C THR B 171 7.82 17.14 21.26
N ARG B 172 7.98 16.80 19.97
CA ARG B 172 9.04 17.40 19.20
C ARG B 172 8.85 18.90 19.07
N LEU B 173 7.63 19.35 18.74
CA LEU B 173 7.46 20.77 18.47
C LEU B 173 7.57 21.59 19.75
N ILE B 174 7.06 21.07 20.87
CA ILE B 174 7.18 21.81 22.12
C ILE B 174 8.63 21.86 22.58
N SER B 175 9.35 20.75 22.47
CA SER B 175 10.75 20.77 22.90
C SER B 175 11.58 21.67 22.01
N ARG B 176 11.15 21.88 20.75
CA ARG B 176 11.92 22.72 19.83
C ARG B 176 11.58 24.20 20.00
N CYS B 177 10.30 24.53 20.14
CA CYS B 177 9.83 25.90 20.02
C CYS B 177 9.16 26.47 21.27
N GLY B 178 8.75 25.63 22.22
CA GLY B 178 8.37 26.15 23.53
C GLY B 178 7.03 26.89 23.56
N GLU B 179 6.90 27.74 24.58
CA GLU B 179 5.64 28.46 24.79
C GLU B 179 5.22 29.30 23.59
N PRO B 180 6.11 30.01 22.88
CA PRO B 180 5.63 30.84 21.75
C PRO B 180 4.82 30.09 20.70
N VAL B 181 5.17 28.84 20.35
CA VAL B 181 4.36 28.16 19.34
C VAL B 181 3.03 27.71 19.94
N ILE B 182 3.02 27.37 21.23
CA ILE B 182 1.77 26.98 21.88
C ILE B 182 0.80 28.16 21.88
N ARG B 183 1.30 29.35 22.22
CA ARG B 183 0.46 30.55 22.25
C ARG B 183 -0.11 30.86 20.87
N ARG B 184 0.74 30.77 19.83
CA ARG B 184 0.24 30.99 18.47
C ARG B 184 -0.80 29.95 18.07
N GLY B 185 -0.64 28.69 18.50
CA GLY B 185 -1.64 27.68 18.18
C GLY B 185 -2.96 27.95 18.87
N VAL B 186 -2.91 28.32 20.16
CA VAL B 186 -4.11 28.65 20.90
C VAL B 186 -4.84 29.83 20.24
N ASP B 187 -4.10 30.90 19.93
CA ASP B 187 -4.72 32.07 19.30
C ASP B 187 -5.33 31.70 17.96
N MET B 188 -4.65 30.85 17.18
CA MET B 188 -5.16 30.45 15.88
C MET B 188 -6.44 29.63 16.01
N ALA B 189 -6.46 28.65 16.92
CA ALA B 189 -7.64 27.82 17.09
C ALA B 189 -8.81 28.65 17.62
N MET B 190 -8.53 29.61 18.50
CA MET B 190 -9.59 30.46 19.04
C MET B 190 -10.27 31.24 17.92
N ARG B 191 -9.49 31.83 17.01
CA ARG B 191 -10.06 32.56 15.89
C ARG B 191 -10.83 31.62 14.95
N MET B 192 -10.23 30.48 14.61
CA MET B 192 -10.88 29.56 13.68
C MET B 192 -12.20 29.05 14.25
N MET B 193 -12.17 28.55 15.49
CA MET B 193 -13.38 27.94 16.04
C MET B 193 -14.42 28.97 16.44
N GLY B 194 -14.03 30.23 16.63
CA GLY B 194 -14.95 31.25 17.09
C GLY B 194 -15.49 32.17 16.01
N GLU B 195 -14.78 32.26 14.89
CA GLU B 195 -15.11 33.25 13.86
C GLU B 195 -15.20 32.67 12.47
N GLN B 196 -14.50 31.56 12.21
CA GLN B 196 -14.42 30.99 10.88
C GLN B 196 -15.36 29.80 10.70
N PHE B 197 -15.32 28.84 11.62
CA PHE B 197 -16.23 27.71 11.55
C PHE B 197 -17.67 28.11 11.84
N VAL B 198 -17.87 29.12 12.69
CA VAL B 198 -19.20 29.59 13.03
C VAL B 198 -19.21 31.11 12.96
N THR B 199 -20.41 31.65 12.76
CA THR B 199 -20.59 33.09 12.80
C THR B 199 -20.54 33.60 14.23
N GLY B 200 -20.97 32.79 15.18
CA GLY B 200 -20.86 33.14 16.59
C GLY B 200 -21.19 31.93 17.42
N GLU B 201 -20.81 32.00 18.69
CA GLU B 201 -21.09 30.89 19.60
C GLU B 201 -22.54 30.89 20.08
N THR B 202 -23.16 32.05 20.18
CA THR B 202 -24.56 32.23 20.54
C THR B 202 -25.25 33.06 19.46
N ILE B 203 -26.59 33.05 19.48
CA ILE B 203 -27.32 33.80 18.46
C ILE B 203 -27.13 35.31 18.66
N ARG B 204 -27.01 35.76 19.92
CA ARG B 204 -26.69 37.16 20.18
C ARG B 204 -25.41 37.58 19.49
N GLU B 205 -24.37 36.76 19.61
CA GLU B 205 -23.09 37.07 19.02
C GLU B 205 -23.17 37.05 17.50
N ALA B 206 -23.85 36.05 16.94
CA ALA B 206 -23.97 35.97 15.50
C ALA B 206 -24.73 37.16 14.92
N LEU B 207 -25.82 37.58 15.58
CA LEU B 207 -26.59 38.71 15.11
C LEU B 207 -25.78 40.00 15.16
N LYS B 208 -24.99 40.19 16.22
CA LYS B 208 -24.16 41.38 16.32
C LYS B 208 -23.13 41.43 15.21
N ARG B 209 -22.52 40.29 14.90
CA ARG B 209 -21.50 40.21 13.86
C ARG B 209 -22.06 40.31 12.45
N SER B 210 -23.38 40.24 12.29
CA SER B 210 -23.97 40.27 10.95
C SER B 210 -24.15 41.67 10.40
N LYS B 211 -24.12 42.69 11.26
CA LYS B 211 -24.43 44.06 10.81
C LYS B 211 -23.45 44.53 9.73
N GLU B 212 -22.18 44.15 9.85
CA GLU B 212 -21.17 44.63 8.90
C GLU B 212 -21.55 44.26 7.46
N LEU B 213 -21.82 42.98 7.22
CA LEU B 213 -22.13 42.55 5.85
C LEU B 213 -23.55 42.89 5.45
N GLU B 214 -24.49 42.99 6.39
CA GLU B 214 -25.83 43.42 6.02
C GLU B 214 -25.82 44.85 5.48
N GLU B 215 -24.98 45.72 6.05
CA GLU B 215 -24.86 47.08 5.53
C GLU B 215 -24.35 47.11 4.09
N LYS B 216 -23.61 46.09 3.67
CA LYS B 216 -23.13 45.99 2.29
C LYS B 216 -24.16 45.36 1.36
N GLY B 217 -25.25 44.80 1.89
CA GLY B 217 -26.28 44.21 1.07
C GLY B 217 -26.42 42.69 1.20
N PHE B 218 -25.66 42.05 2.08
CA PHE B 218 -25.89 40.64 2.38
C PHE B 218 -27.09 40.48 3.30
N SER B 219 -27.65 39.28 3.31
CA SER B 219 -28.63 38.85 4.31
C SER B 219 -28.12 37.57 4.97
N TYR B 220 -28.89 37.04 5.93
CA TYR B 220 -28.42 35.91 6.70
C TYR B 220 -29.52 34.89 6.91
N SER B 221 -29.11 33.63 7.04
CA SER B 221 -29.98 32.55 7.49
C SER B 221 -29.21 31.78 8.55
N TYR B 222 -29.72 31.77 9.78
CA TYR B 222 -28.97 31.20 10.90
C TYR B 222 -29.30 29.73 11.12
N ASP B 223 -28.25 28.94 11.35
CA ASP B 223 -28.36 27.51 11.59
C ASP B 223 -27.88 27.21 13.01
N MET B 224 -28.81 26.95 13.92
CA MET B 224 -28.43 26.50 15.25
C MET B 224 -27.94 25.06 15.12
N LEU B 225 -26.63 24.88 15.17
CA LEU B 225 -26.01 23.61 14.83
C LEU B 225 -26.63 22.49 15.64
N GLY B 226 -27.01 21.41 14.94
CA GLY B 226 -27.74 20.32 15.53
C GLY B 226 -28.48 19.51 14.49
N GLU B 227 -28.43 18.19 14.63
CA GLU B 227 -29.05 17.31 13.66
C GLU B 227 -29.07 15.92 14.26
N ALA B 228 -29.86 15.03 13.65
CA ALA B 228 -29.90 13.62 13.98
C ALA B 228 -30.09 13.41 15.48
N ALA B 229 -31.22 13.89 15.99
CA ALA B 229 -31.59 13.60 17.37
C ALA B 229 -31.58 12.09 17.59
N THR B 230 -30.95 11.67 18.69
CA THR B 230 -30.88 10.26 19.10
C THR B 230 -31.96 9.91 20.11
N THR B 231 -32.34 10.86 20.96
CA THR B 231 -33.29 10.62 22.04
C THR B 231 -34.37 11.68 22.01
N ALA B 232 -35.47 11.41 22.73
CA ALA B 232 -36.53 12.42 22.85
C ALA B 232 -35.98 13.71 23.44
N ALA B 233 -35.10 13.59 24.44
CA ALA B 233 -34.54 14.78 25.07
C ALA B 233 -33.73 15.61 24.09
N ASP B 234 -32.96 14.96 23.20
CA ASP B 234 -32.24 15.68 22.15
C ASP B 234 -33.21 16.50 21.31
N ALA B 235 -34.27 15.85 20.83
CA ALA B 235 -35.20 16.52 19.93
C ALA B 235 -35.90 17.69 20.63
N GLU B 236 -36.25 17.50 21.90
CA GLU B 236 -36.90 18.57 22.65
C GLU B 236 -35.95 19.75 22.85
N ARG B 237 -34.67 19.46 23.11
CA ARG B 237 -33.72 20.55 23.27
CA ARG B 237 -33.68 20.53 23.27
C ARG B 237 -33.51 21.31 21.95
N TYR B 238 -33.35 20.58 20.84
CA TYR B 238 -33.18 21.24 19.55
C TYR B 238 -34.40 22.10 19.23
N TYR B 239 -35.59 21.62 19.56
CA TYR B 239 -36.80 22.42 19.34
C TYR B 239 -36.72 23.73 20.12
N ARG B 240 -36.37 23.64 21.40
CA ARG B 240 -36.31 24.85 22.21
C ARG B 240 -35.21 25.79 21.74
N ASP B 241 -34.10 25.24 21.23
CA ASP B 241 -33.04 26.10 20.71
C ASP B 241 -33.48 26.82 19.44
N TYR B 242 -34.23 26.14 18.57
CA TYR B 242 -34.78 26.82 17.39
C TYR B 242 -35.78 27.90 17.81
N GLU B 243 -36.65 27.59 18.76
CA GLU B 243 -37.65 28.54 19.22
C GLU B 243 -37.00 29.81 19.79
N SER B 244 -36.00 29.64 20.67
CA SER B 244 -35.30 30.78 21.22
CA SER B 244 -35.31 30.79 21.22
CA SER B 244 -35.30 30.79 21.22
C SER B 244 -34.62 31.59 20.12
N ALA B 245 -34.03 30.91 19.13
CA ALA B 245 -33.37 31.63 18.04
C ALA B 245 -34.38 32.43 17.21
N ILE B 246 -35.55 31.83 16.93
CA ILE B 246 -36.55 32.58 16.15
C ILE B 246 -36.93 33.88 16.85
N HIS B 247 -37.09 33.85 18.17
CA HIS B 247 -37.41 35.08 18.89
C HIS B 247 -36.31 36.11 18.73
N ALA B 248 -35.05 35.67 18.80
CA ALA B 248 -33.94 36.62 18.71
C ALA B 248 -33.80 37.17 17.29
N ILE B 249 -33.86 36.28 16.29
CA ILE B 249 -33.76 36.68 14.89
C ILE B 249 -34.95 37.55 14.50
N GLY B 250 -36.16 37.18 14.93
CA GLY B 250 -37.33 37.98 14.59
C GLY B 250 -37.28 39.37 15.18
N LYS B 251 -36.80 39.49 16.43
CA LYS B 251 -36.66 40.83 17.00
C LYS B 251 -35.60 41.64 16.26
N ALA B 252 -34.48 40.99 15.91
CA ALA B 252 -33.43 41.68 15.16
C ALA B 252 -33.89 42.06 13.76
N SER B 253 -34.71 41.22 13.13
CA SER B 253 -35.25 41.57 11.82
C SER B 253 -35.97 42.91 11.86
N ALA B 254 -36.79 43.14 12.89
CA ALA B 254 -37.45 44.42 13.12
C ALA B 254 -38.27 44.87 11.92
N GLY B 255 -38.98 43.93 11.31
CA GLY B 255 -39.88 44.23 10.21
C GLY B 255 -39.23 44.38 8.85
N ARG B 256 -37.96 43.96 8.70
CA ARG B 256 -37.32 44.06 7.39
C ARG B 256 -37.92 43.10 6.37
N GLY B 257 -38.66 42.09 6.81
CA GLY B 257 -39.27 41.16 5.88
C GLY B 257 -38.36 40.02 5.49
N ILE B 258 -38.90 39.12 4.66
CA ILE B 258 -38.23 37.85 4.41
C ILE B 258 -37.07 37.96 3.43
N TYR B 259 -37.01 39.03 2.63
CA TYR B 259 -35.93 39.14 1.63
C TYR B 259 -34.75 39.95 2.15
N GLU B 260 -35.00 41.15 2.66
CA GLU B 260 -33.93 41.95 3.23
C GLU B 260 -33.48 41.40 4.58
N GLY B 261 -34.43 40.97 5.41
CA GLY B 261 -34.12 40.58 6.76
C GLY B 261 -33.68 39.13 6.92
N PRO B 262 -33.18 38.80 8.11
CA PRO B 262 -32.63 37.47 8.35
C PRO B 262 -33.72 36.41 8.48
N GLY B 263 -33.28 35.17 8.32
CA GLY B 263 -34.15 34.03 8.52
C GLY B 263 -33.44 32.93 9.29
N ILE B 264 -34.08 31.77 9.41
CA ILE B 264 -33.54 30.62 10.12
C ILE B 264 -33.67 29.40 9.23
N SER B 265 -32.75 28.44 9.43
CA SER B 265 -32.76 27.15 8.76
C SER B 265 -32.82 26.05 9.81
N ILE B 266 -33.60 25.00 9.55
CA ILE B 266 -33.77 23.88 10.47
C ILE B 266 -33.55 22.57 9.74
N LYS B 267 -33.24 21.53 10.51
CA LYS B 267 -33.16 20.18 10.00
C LYS B 267 -34.26 19.35 10.65
N LEU B 268 -35.08 18.68 9.83
CA LEU B 268 -36.14 17.86 10.43
C LEU B 268 -35.58 16.74 11.30
N SER B 269 -34.39 16.22 10.98
CA SER B 269 -33.82 15.15 11.80
C SER B 269 -33.46 15.62 13.21
N ALA B 270 -33.33 16.93 13.42
CA ALA B 270 -33.09 17.44 14.77
C ALA B 270 -34.35 17.38 15.62
N LEU B 271 -35.53 17.27 15.02
CA LEU B 271 -36.77 17.51 15.73
C LEU B 271 -37.50 16.23 16.11
N HIS B 272 -36.95 15.06 15.77
CA HIS B 272 -37.55 13.79 16.15
C HIS B 272 -36.50 12.70 16.06
N PRO B 273 -36.42 11.80 17.04
CA PRO B 273 -35.39 10.75 16.99
C PRO B 273 -35.68 9.64 15.99
N ARG B 274 -36.88 9.57 15.42
CA ARG B 274 -37.22 8.53 14.46
C ARG B 274 -37.75 9.16 13.18
N TYR B 275 -36.98 10.10 12.62
CA TYR B 275 -37.36 10.75 11.37
C TYR B 275 -37.02 9.83 10.21
N SER B 276 -37.99 9.02 9.80
CA SER B 276 -37.79 8.08 8.69
C SER B 276 -39.15 7.65 8.14
N ARG B 277 -39.12 7.19 6.89
CA ARG B 277 -40.32 6.66 6.26
C ARG B 277 -40.91 5.48 7.06
N ALA B 278 -40.06 4.67 7.70
CA ALA B 278 -40.58 3.54 8.47
C ALA B 278 -41.43 4.01 9.63
N GLN B 279 -41.23 5.23 10.11
CA GLN B 279 -42.02 5.77 11.22
C GLN B 279 -42.83 6.97 10.77
N ALA B 280 -43.37 6.91 9.55
CA ALA B 280 -44.06 8.08 8.99
C ALA B 280 -45.21 8.54 9.87
N ALA B 281 -45.92 7.61 10.49
CA ALA B 281 -47.06 8.02 11.30
C ALA B 281 -46.62 8.85 12.49
N ARG B 282 -45.53 8.43 13.16
CA ARG B 282 -44.98 9.22 14.25
C ARG B 282 -44.45 10.56 13.75
N VAL B 283 -43.87 10.58 12.55
CA VAL B 283 -43.37 11.84 11.99
C VAL B 283 -44.52 12.82 11.80
N MET B 284 -45.61 12.38 11.17
CA MET B 284 -46.72 13.29 10.94
C MET B 284 -47.43 13.66 12.24
N GLY B 285 -47.45 12.76 13.22
CA GLY B 285 -48.16 13.04 14.46
C GLY B 285 -47.38 13.84 15.48
N GLU B 286 -46.05 13.74 15.46
CA GLU B 286 -45.20 14.31 16.51
C GLU B 286 -44.21 15.33 15.99
N LEU B 287 -43.60 15.10 14.83
CA LEU B 287 -42.63 16.03 14.27
C LEU B 287 -43.34 17.23 13.63
N LEU B 288 -44.31 16.95 12.78
CA LEU B 288 -45.03 18.01 12.08
C LEU B 288 -45.58 19.08 13.01
N PRO B 289 -46.23 18.77 14.13
CA PRO B 289 -46.70 19.86 15.02
C PRO B 289 -45.59 20.75 15.52
N ARG B 290 -44.38 20.21 15.68
CA ARG B 290 -43.26 21.03 16.12
CA ARG B 290 -43.25 21.03 16.12
C ARG B 290 -42.82 21.99 15.03
N VAL B 291 -42.74 21.51 13.78
CA VAL B 291 -42.39 22.41 12.68
C VAL B 291 -43.46 23.48 12.52
N LYS B 292 -44.74 23.09 12.65
CA LYS B 292 -45.80 24.09 12.50
C LYS B 292 -45.67 25.18 13.56
N ALA B 293 -45.34 24.79 14.79
CA ALA B 293 -45.19 25.78 15.86
C ALA B 293 -44.06 26.75 15.55
N LEU B 294 -42.92 26.23 15.06
CA LEU B 294 -41.82 27.10 14.69
C LEU B 294 -42.20 27.98 13.50
N ALA B 295 -42.92 27.41 12.53
CA ALA B 295 -43.31 28.20 11.37
C ALA B 295 -44.27 29.31 11.77
N LEU B 296 -45.15 29.05 12.73
CA LEU B 296 -46.07 30.09 13.19
C LEU B 296 -45.31 31.24 13.86
N LEU B 297 -44.26 30.93 14.63
CA LEU B 297 -43.44 31.97 15.21
C LEU B 297 -42.72 32.78 14.14
N ALA B 298 -42.14 32.08 13.14
CA ALA B 298 -41.50 32.77 12.03
C ALA B 298 -42.48 33.68 11.31
N LYS B 299 -43.71 33.19 11.08
CA LYS B 299 -44.74 34.01 10.45
C LYS B 299 -45.01 35.27 11.26
N ASN B 300 -45.12 35.14 12.58
CA ASN B 300 -45.49 36.29 13.39
C ASN B 300 -44.42 37.36 13.36
N TYR B 301 -43.17 36.98 13.16
CA TYR B 301 -42.08 37.92 13.00
C TYR B 301 -41.81 38.29 11.53
N ASP B 302 -42.49 37.62 10.60
CA ASP B 302 -42.26 37.75 9.16
C ASP B 302 -40.78 37.57 8.79
N ILE B 303 -40.21 36.45 9.23
CA ILE B 303 -38.90 36.00 8.78
C ILE B 303 -39.07 34.72 7.98
N GLY B 304 -38.03 34.37 7.24
CA GLY B 304 -38.01 33.08 6.54
C GLY B 304 -37.64 31.94 7.46
N LEU B 305 -38.23 30.77 7.18
CA LEU B 305 -37.85 29.54 7.87
C LEU B 305 -37.65 28.46 6.82
N ASN B 306 -36.43 27.94 6.72
CA ASN B 306 -36.02 27.05 5.64
C ASN B 306 -35.80 25.64 6.18
N ILE B 307 -36.32 24.65 5.46
CA ILE B 307 -36.12 23.23 5.80
C ILE B 307 -34.94 22.72 4.98
N ASP B 308 -33.82 22.46 5.66
CA ASP B 308 -32.65 21.90 5.00
C ASP B 308 -32.94 20.50 4.48
N ALA B 309 -32.25 20.12 3.40
CA ALA B 309 -32.43 18.79 2.83
C ALA B 309 -31.33 17.87 3.34
N GLU B 310 -31.69 16.61 3.59
CA GLU B 310 -30.78 15.69 4.24
C GLU B 310 -30.57 14.46 3.35
N GLU B 311 -30.61 13.25 3.90
CA GLU B 311 -30.32 12.06 3.10
C GLU B 311 -31.42 11.80 2.07
N ALA B 312 -31.06 11.06 1.02
CA ALA B 312 -31.99 10.81 -0.08
C ALA B 312 -33.25 10.10 0.38
N ASP B 313 -33.15 9.24 1.41
CA ASP B 313 -34.35 8.50 1.82
C ASP B 313 -35.25 9.34 2.72
N ARG B 314 -34.94 10.62 2.92
CA ARG B 314 -35.83 11.53 3.62
C ARG B 314 -36.50 12.56 2.72
N LEU B 315 -36.13 12.60 1.44
CA LEU B 315 -36.63 13.64 0.55
C LEU B 315 -38.16 13.59 0.45
N GLU B 316 -38.70 12.44 0.06
CA GLU B 316 -40.12 12.41 -0.22
C GLU B 316 -40.95 12.53 1.05
N LEU B 317 -40.46 11.98 2.18
CA LEU B 317 -41.13 12.20 3.45
C LEU B 317 -41.25 13.68 3.78
N SER B 318 -40.18 14.44 3.55
CA SER B 318 -40.24 15.86 3.90
C SER B 318 -41.32 16.58 3.09
N LEU B 319 -41.58 16.12 1.86
CA LEU B 319 -42.60 16.77 1.04
C LEU B 319 -43.99 16.65 1.67
N ASP B 320 -44.23 15.57 2.43
CA ASP B 320 -45.52 15.43 3.09
C ASP B 320 -45.70 16.48 4.17
N LEU B 321 -44.61 16.89 4.82
CA LEU B 321 -44.71 17.98 5.79
C LEU B 321 -44.90 19.32 5.07
N LEU B 322 -44.14 19.55 4.01
CA LEU B 322 -44.28 20.79 3.25
C LEU B 322 -45.71 20.99 2.76
N GLU B 323 -46.35 19.91 2.29
CA GLU B 323 -47.72 20.00 1.80
C GLU B 323 -48.67 20.50 2.88
N VAL B 324 -48.62 19.88 4.06
CA VAL B 324 -49.51 20.28 5.16
C VAL B 324 -49.26 21.74 5.54
N LEU B 325 -47.98 22.13 5.66
CA LEU B 325 -47.66 23.49 6.07
C LEU B 325 -48.21 24.52 5.09
N CYS B 326 -48.09 24.26 3.79
CA CYS B 326 -48.54 25.22 2.80
C CYS B 326 -50.06 25.34 2.74
N LEU B 327 -50.79 24.32 3.21
CA LEU B 327 -52.25 24.35 3.24
C LEU B 327 -52.81 24.74 4.61
N ASP B 328 -51.95 25.03 5.58
CA ASP B 328 -52.39 25.37 6.93
C ASP B 328 -52.78 26.84 6.98
N GLY B 329 -54.07 27.12 7.17
CA GLY B 329 -54.56 28.49 7.20
C GLY B 329 -53.98 29.36 8.31
N ASP B 330 -53.46 28.76 9.38
CA ASP B 330 -52.78 29.56 10.40
C ASP B 330 -51.58 30.29 9.85
N LEU B 331 -50.98 29.81 8.75
CA LEU B 331 -49.83 30.44 8.13
C LEU B 331 -50.22 31.31 6.93
N SER B 332 -51.49 31.64 6.82
CA SER B 332 -52.03 32.36 5.65
C SER B 332 -51.22 33.60 5.30
N GLY B 333 -50.90 33.75 4.01
CA GLY B 333 -50.23 34.94 3.53
C GLY B 333 -48.74 35.04 3.80
N TRP B 334 -48.17 34.10 4.55
CA TRP B 334 -46.74 34.11 4.87
C TRP B 334 -45.96 33.47 3.72
N ASN B 335 -45.02 34.21 3.15
CA ASN B 335 -44.22 33.69 2.05
C ASN B 335 -42.82 33.28 2.49
N GLY B 336 -42.62 33.06 3.79
CA GLY B 336 -41.32 32.74 4.32
C GLY B 336 -40.97 31.27 4.42
N MET B 337 -41.90 30.36 4.11
CA MET B 337 -41.57 28.93 4.11
C MET B 337 -40.51 28.66 3.05
N GLY B 338 -39.39 28.06 3.46
CA GLY B 338 -38.31 27.73 2.56
C GLY B 338 -38.02 26.24 2.54
N PHE B 339 -37.50 25.76 1.40
CA PHE B 339 -37.29 24.33 1.20
C PHE B 339 -36.12 24.12 0.26
N VAL B 340 -35.20 23.24 0.63
CA VAL B 340 -34.00 22.95 -0.14
C VAL B 340 -34.28 21.80 -1.09
N VAL B 341 -33.80 21.91 -2.33
CA VAL B 341 -33.78 20.79 -3.26
C VAL B 341 -32.34 20.60 -3.74
N GLN B 342 -31.90 19.35 -3.78
CA GLN B 342 -30.50 18.97 -4.07
C GLN B 342 -30.36 18.58 -5.54
N ALA B 343 -29.60 19.38 -6.28
CA ALA B 343 -29.41 19.12 -7.71
C ALA B 343 -28.52 17.91 -8.00
N TYR B 344 -27.79 17.39 -7.00
CA TYR B 344 -27.09 16.15 -7.28
C TYR B 344 -28.03 14.95 -7.27
N GLY B 345 -29.30 15.16 -6.97
CA GLY B 345 -30.28 14.09 -6.93
C GLY B 345 -31.05 13.97 -8.24
N LYS B 346 -31.36 12.72 -8.61
CA LYS B 346 -32.02 12.45 -9.86
C LYS B 346 -33.47 12.94 -9.89
N ARG B 347 -34.07 13.11 -8.72
CA ARG B 347 -35.46 13.54 -8.65
C ARG B 347 -35.61 15.05 -8.70
N CYS B 348 -34.51 15.80 -8.68
CA CYS B 348 -34.57 17.25 -8.47
C CYS B 348 -35.55 17.99 -9.38
N PRO B 349 -35.53 17.82 -10.71
CA PRO B 349 -36.49 18.60 -11.52
C PRO B 349 -37.94 18.21 -11.27
N PHE B 350 -38.19 16.96 -10.90
CA PHE B 350 -39.55 16.52 -10.60
C PHE B 350 -40.01 17.02 -9.23
N VAL B 351 -39.09 17.15 -8.29
CA VAL B 351 -39.42 17.77 -7.00
C VAL B 351 -39.77 19.23 -7.20
N LEU B 352 -39.03 19.93 -8.07
CA LEU B 352 -39.34 21.33 -8.35
C LEU B 352 -40.72 21.47 -8.99
N ASP B 353 -41.06 20.60 -9.94
CA ASP B 353 -42.40 20.60 -10.52
C ASP B 353 -43.47 20.51 -9.44
N PHE B 354 -43.26 19.59 -8.49
CA PHE B 354 -44.20 19.41 -7.38
C PHE B 354 -44.30 20.68 -6.53
N ILE B 355 -43.16 21.29 -6.18
CA ILE B 355 -43.15 22.47 -5.33
C ILE B 355 -43.78 23.67 -6.04
N ILE B 356 -43.46 23.87 -7.32
CA ILE B 356 -44.02 25.00 -8.05
C ILE B 356 -45.54 24.88 -8.12
N ASP B 357 -46.04 23.66 -8.34
CA ASP B 357 -47.48 23.44 -8.37
C ASP B 357 -48.11 23.64 -7.01
N LEU B 358 -47.44 23.18 -5.94
CA LEU B 358 -47.95 23.41 -4.59
C LEU B 358 -48.05 24.90 -4.29
N ALA B 359 -47.04 25.68 -4.68
CA ALA B 359 -47.09 27.12 -4.47
C ALA B 359 -48.26 27.73 -5.22
N ARG B 360 -48.49 27.30 -6.46
CA ARG B 360 -49.59 27.84 -7.26
C ARG B 360 -50.94 27.58 -6.61
N ARG B 361 -51.18 26.34 -6.18
CA ARG B 361 -52.51 26.02 -5.70
C ARG B 361 -52.73 26.45 -4.26
N SER B 362 -51.66 26.68 -3.49
CA SER B 362 -51.81 27.09 -2.09
C SER B 362 -51.76 28.60 -1.89
N GLY B 363 -51.41 29.37 -2.91
CA GLY B 363 -51.31 30.81 -2.69
C GLY B 363 -50.16 31.17 -1.77
N ARG B 364 -49.07 30.41 -1.83
CA ARG B 364 -47.86 30.66 -1.05
C ARG B 364 -46.70 30.80 -2.01
N ARG B 365 -45.93 31.88 -1.89
CA ARG B 365 -44.66 31.93 -2.58
C ARG B 365 -43.65 31.17 -1.73
N ILE B 366 -43.15 30.06 -2.24
CA ILE B 366 -42.22 29.19 -1.51
C ILE B 366 -40.79 29.60 -1.87
N MET B 367 -39.95 29.77 -0.86
CA MET B 367 -38.53 30.05 -1.08
C MET B 367 -37.83 28.72 -1.35
N VAL B 368 -37.14 28.61 -2.47
CA VAL B 368 -36.55 27.33 -2.89
C VAL B 368 -35.05 27.51 -2.99
N ARG B 369 -34.31 26.90 -2.07
CA ARG B 369 -32.85 26.92 -2.11
C ARG B 369 -32.39 25.76 -2.97
N LEU B 370 -31.80 26.07 -4.12
CA LEU B 370 -31.18 25.08 -5.00
C LEU B 370 -29.72 24.92 -4.59
N VAL B 371 -29.36 23.71 -4.17
CA VAL B 371 -28.01 23.36 -3.81
C VAL B 371 -27.57 22.20 -4.69
N LYS B 372 -26.27 21.88 -4.63
CA LYS B 372 -25.85 20.63 -5.26
C LYS B 372 -26.09 19.45 -4.31
N GLY B 373 -25.43 19.39 -3.16
CA GLY B 373 -25.78 18.39 -2.15
C GLY B 373 -24.59 18.02 -1.27
N ALA B 374 -24.90 17.70 -0.01
CA ALA B 374 -23.86 17.58 1.02
C ALA B 374 -23.51 16.14 1.40
N TYR B 375 -24.21 15.12 0.88
CA TYR B 375 -24.08 13.78 1.42
C TYR B 375 -23.58 12.77 0.38
N TRP B 376 -22.81 13.25 -0.61
CA TRP B 376 -22.58 12.43 -1.81
C TRP B 376 -21.91 11.10 -1.47
N ASP B 377 -20.77 11.13 -0.76
CA ASP B 377 -20.10 9.85 -0.56
CA ASP B 377 -20.04 9.89 -0.44
C ASP B 377 -20.92 8.90 0.30
N ALA B 378 -21.73 9.41 1.23
CA ALA B 378 -22.59 8.53 2.02
C ALA B 378 -23.69 7.90 1.17
N GLU B 379 -24.20 8.63 0.17
CA GLU B 379 -25.23 8.05 -0.69
C GLU B 379 -24.67 6.95 -1.56
N ILE B 380 -23.42 7.11 -2.03
CA ILE B 380 -22.79 6.04 -2.81
C ILE B 380 -22.66 4.78 -1.97
N LYS B 381 -22.12 4.91 -0.76
CA LYS B 381 -21.93 3.75 0.12
C LYS B 381 -23.26 3.09 0.45
N ARG B 382 -24.28 3.89 0.78
CA ARG B 382 -25.56 3.32 1.22
CA ARG B 382 -25.56 3.31 1.22
C ARG B 382 -26.20 2.49 0.11
N ALA B 383 -26.18 3.00 -1.12
CA ALA B 383 -26.81 2.25 -2.22
C ALA B 383 -26.06 0.95 -2.49
N GLN B 384 -24.73 0.96 -2.36
CA GLN B 384 -23.96 -0.26 -2.53
C GLN B 384 -24.26 -1.27 -1.41
N LEU B 385 -24.28 -0.81 -0.17
CA LEU B 385 -24.59 -1.71 0.95
C LEU B 385 -25.96 -2.35 0.77
N ASP B 386 -26.93 -1.57 0.31
CA ASP B 386 -28.31 -2.06 0.25
C ASP B 386 -28.63 -2.79 -1.05
N GLY B 387 -27.67 -2.90 -1.97
CA GLY B 387 -27.89 -3.67 -3.18
C GLY B 387 -29.02 -3.12 -4.03
N LEU B 388 -29.14 -1.80 -4.13
CA LEU B 388 -30.28 -1.25 -4.82
C LEU B 388 -29.98 -1.02 -6.30
N ALA B 389 -31.02 -0.67 -7.06
CA ALA B 389 -30.92 -0.73 -8.52
C ALA B 389 -29.88 0.25 -9.06
N ASP B 390 -29.76 1.41 -8.45
CA ASP B 390 -28.85 2.45 -8.91
C ASP B 390 -28.71 3.43 -7.77
N PHE B 391 -27.91 4.46 -7.99
CA PHE B 391 -27.77 5.51 -6.99
C PHE B 391 -28.91 6.53 -7.10
N PRO B 392 -29.25 7.21 -6.00
CA PRO B 392 -30.23 8.31 -6.06
C PRO B 392 -29.59 9.66 -6.36
N VAL B 393 -28.29 9.65 -6.61
CA VAL B 393 -27.51 10.84 -6.95
C VAL B 393 -26.70 10.49 -8.18
N PHE B 394 -26.21 11.52 -8.86
CA PHE B 394 -25.29 11.35 -9.96
C PHE B 394 -23.92 10.86 -9.48
N THR B 395 -23.16 10.27 -10.40
CA THR B 395 -21.83 9.76 -10.06
C THR B 395 -20.68 10.52 -10.72
N ARG B 396 -20.95 11.38 -11.70
CA ARG B 396 -19.94 12.31 -12.23
C ARG B 396 -20.29 13.71 -11.78
N LYS B 397 -19.29 14.44 -11.28
CA LYS B 397 -19.56 15.77 -10.74
C LYS B 397 -20.12 16.70 -11.80
N ILE B 398 -19.67 16.57 -13.06
CA ILE B 398 -20.18 17.43 -14.12
C ILE B 398 -21.67 17.21 -14.36
N HIS B 399 -22.17 16.00 -14.06
CA HIS B 399 -23.61 15.75 -14.17
C HIS B 399 -24.39 16.57 -13.16
N THR B 400 -23.91 16.63 -11.92
CA THR B 400 -24.55 17.48 -10.92
C THR B 400 -24.57 18.93 -11.39
N ASP B 401 -23.47 19.39 -12.03
CA ASP B 401 -23.41 20.76 -12.51
C ASP B 401 -24.46 21.02 -13.59
N VAL B 402 -24.61 20.10 -14.54
CA VAL B 402 -25.64 20.25 -15.58
C VAL B 402 -27.03 20.23 -14.95
N SER B 403 -27.24 19.30 -14.00
CA SER B 403 -28.51 19.24 -13.29
C SER B 403 -28.84 20.57 -12.62
N TYR B 404 -27.85 21.18 -11.96
CA TYR B 404 -28.07 22.45 -11.27
C TYR B 404 -28.51 23.54 -12.24
N ILE B 405 -27.87 23.62 -13.41
CA ILE B 405 -28.20 24.68 -14.37
C ILE B 405 -29.57 24.46 -14.99
N ALA B 406 -29.90 23.19 -15.30
CA ALA B 406 -31.24 22.87 -15.81
C ALA B 406 -32.32 23.22 -14.80
N CYS B 407 -32.07 22.93 -13.51
CA CYS B 407 -33.05 23.25 -12.49
C CYS B 407 -33.14 24.75 -12.24
N ALA B 408 -32.02 25.48 -12.42
CA ALA B 408 -32.07 26.94 -12.33
C ALA B 408 -32.90 27.53 -13.46
N ALA B 409 -32.83 26.93 -14.66
CA ALA B 409 -33.67 27.39 -15.76
C ALA B 409 -35.16 27.24 -15.41
N LYS B 410 -35.52 26.14 -14.75
CA LYS B 410 -36.90 25.90 -14.38
C LYS B 410 -37.35 26.89 -13.30
N LEU B 411 -36.48 27.16 -12.32
CA LEU B 411 -36.83 28.11 -11.26
C LEU B 411 -36.95 29.53 -11.81
N LEU B 412 -36.01 29.95 -12.66
CA LEU B 412 -36.03 31.30 -13.17
C LEU B 412 -37.28 31.57 -14.01
N ALA B 413 -37.87 30.52 -14.59
CA ALA B 413 -39.10 30.68 -15.34
C ALA B 413 -40.33 30.72 -14.45
N ALA B 414 -40.17 30.60 -13.13
CA ALA B 414 -41.29 30.54 -12.22
C ALA B 414 -41.15 31.55 -11.08
N THR B 415 -40.39 32.63 -11.28
CA THR B 415 -40.15 33.57 -10.17
C THR B 415 -41.41 34.27 -9.71
N ASP B 416 -42.50 34.23 -10.49
CA ASP B 416 -43.76 34.74 -10.00
C ASP B 416 -44.38 33.82 -8.96
N VAL B 417 -43.93 32.57 -8.89
CA VAL B 417 -44.54 31.55 -8.07
C VAL B 417 -43.66 31.11 -6.91
N VAL B 418 -42.35 31.17 -7.07
CA VAL B 418 -41.40 30.74 -6.04
C VAL B 418 -40.27 31.75 -6.01
N PHE B 419 -39.55 31.78 -4.89
CA PHE B 419 -38.40 32.66 -4.74
C PHE B 419 -37.13 31.84 -4.85
N PRO B 420 -36.46 31.80 -6.00
CA PRO B 420 -35.27 30.95 -6.15
C PRO B 420 -34.08 31.49 -5.39
N GLN B 421 -33.37 30.58 -4.70
CA GLN B 421 -32.18 30.92 -3.93
C GLN B 421 -31.05 30.01 -4.40
N PHE B 422 -30.11 30.58 -5.16
CA PHE B 422 -29.07 29.79 -5.81
C PHE B 422 -27.84 29.73 -4.92
N ALA B 423 -27.72 28.63 -4.17
CA ALA B 423 -26.63 28.40 -3.23
C ALA B 423 -25.47 27.74 -3.95
N THR B 424 -24.36 28.46 -4.11
CA THR B 424 -23.21 27.88 -4.77
C THR B 424 -21.98 28.75 -4.51
N HIS B 425 -20.82 28.10 -4.45
CA HIS B 425 -19.53 28.79 -4.38
C HIS B 425 -18.78 28.73 -5.70
N ASN B 426 -19.41 28.17 -6.74
CA ASN B 426 -18.78 27.95 -8.04
C ASN B 426 -19.04 29.15 -8.93
N ALA B 427 -17.96 29.88 -9.28
CA ALA B 427 -18.11 31.10 -10.08
C ALA B 427 -18.64 30.81 -11.47
N GLN B 428 -18.33 29.64 -12.03
CA GLN B 428 -18.86 29.30 -13.33
C GLN B 428 -20.36 29.05 -13.25
N THR B 429 -20.82 28.31 -12.24
CA THR B 429 -22.24 28.14 -12.01
C THR B 429 -22.94 29.47 -11.82
N LEU B 430 -22.38 30.33 -10.95
CA LEU B 430 -22.98 31.63 -10.67
C LEU B 430 -23.10 32.46 -11.94
N ALA B 431 -22.01 32.56 -12.71
CA ALA B 431 -22.03 33.36 -13.93
C ALA B 431 -23.09 32.86 -14.91
N ALA B 432 -23.19 31.53 -15.06
CA ALA B 432 -24.19 30.96 -15.97
C ALA B 432 -25.60 31.39 -15.58
N ILE B 433 -25.90 31.36 -14.29
CA ILE B 433 -27.23 31.73 -13.82
C ILE B 433 -27.44 33.23 -13.84
N TYR B 434 -26.40 34.00 -13.49
CA TYR B 434 -26.48 35.46 -13.57
C TYR B 434 -26.93 35.91 -14.96
N HIS B 435 -26.34 35.35 -16.00
CA HIS B 435 -26.72 35.73 -17.36
C HIS B 435 -28.02 35.07 -17.81
N MET B 436 -28.27 33.84 -17.37
CA MET B 436 -29.53 33.17 -17.68
C MET B 436 -30.73 33.97 -17.21
N ALA B 437 -30.60 34.65 -16.05
CA ALA B 437 -31.73 35.36 -15.46
C ALA B 437 -32.06 36.66 -16.19
N GLY B 438 -31.13 37.20 -16.97
CA GLY B 438 -31.42 38.38 -17.76
C GLY B 438 -31.14 39.69 -17.02
N LYS B 439 -31.46 40.79 -17.72
CA LYS B 439 -31.12 42.11 -17.23
C LYS B 439 -32.11 42.66 -16.21
N ASP B 440 -33.36 42.19 -16.24
CA ASP B 440 -34.36 42.68 -15.30
C ASP B 440 -34.12 42.05 -13.93
N PHE B 441 -33.80 42.89 -12.94
CA PHE B 441 -33.63 42.38 -11.58
C PHE B 441 -34.14 43.37 -10.55
N HIS B 442 -34.70 42.82 -9.47
CA HIS B 442 -35.07 43.57 -8.28
C HIS B 442 -34.92 42.65 -7.09
N VAL B 443 -34.67 43.23 -5.92
CA VAL B 443 -34.64 42.40 -4.71
C VAL B 443 -36.02 41.78 -4.51
N GLY B 444 -36.03 40.47 -4.28
CA GLY B 444 -37.27 39.70 -4.21
C GLY B 444 -37.51 38.81 -5.41
N LYS B 445 -36.78 39.01 -6.50
CA LYS B 445 -36.94 38.15 -7.67
C LYS B 445 -36.25 36.81 -7.44
N TYR B 446 -34.97 36.84 -7.10
CA TYR B 446 -34.20 35.67 -6.69
C TYR B 446 -32.99 36.19 -5.93
N GLU B 447 -32.25 35.27 -5.31
CA GLU B 447 -31.00 35.64 -4.66
C GLU B 447 -29.99 34.52 -4.85
N PHE B 448 -28.73 34.83 -4.53
CA PHE B 448 -27.70 33.83 -4.34
C PHE B 448 -27.53 33.54 -2.84
N GLN B 449 -26.85 32.43 -2.53
CA GLN B 449 -26.56 32.09 -1.14
C GLN B 449 -25.15 31.49 -1.05
N CYS B 450 -24.53 31.65 0.12
CA CYS B 450 -23.23 31.04 0.36
C CYS B 450 -23.13 30.62 1.83
N LEU B 451 -22.10 29.82 2.13
CA LEU B 451 -21.82 29.40 3.50
C LEU B 451 -20.84 30.37 4.15
N HIS B 452 -21.11 30.69 5.42
CA HIS B 452 -20.20 31.49 6.22
C HIS B 452 -18.77 30.94 6.15
N GLY B 453 -17.82 31.83 5.92
CA GLY B 453 -16.41 31.44 5.94
C GLY B 453 -15.92 30.73 4.70
N MET B 454 -16.80 30.44 3.74
CA MET B 454 -16.40 29.88 2.46
C MET B 454 -16.72 30.80 1.29
N GLY B 455 -17.86 31.46 1.32
CA GLY B 455 -18.34 32.17 0.15
C GLY B 455 -18.10 33.66 0.07
N GLU B 456 -17.66 34.28 1.16
CA GLU B 456 -17.52 35.74 1.14
C GLU B 456 -16.55 36.23 0.05
N PRO B 457 -15.38 35.61 -0.17
CA PRO B 457 -14.52 36.10 -1.26
C PRO B 457 -15.22 36.19 -2.61
N LEU B 458 -16.03 35.20 -2.96
CA LEU B 458 -16.74 35.25 -4.23
C LEU B 458 -17.79 36.34 -4.22
N TYR B 459 -18.64 36.36 -3.20
CA TYR B 459 -19.79 37.24 -3.25
C TYR B 459 -19.45 38.69 -2.91
N GLU B 460 -18.25 38.96 -2.40
CA GLU B 460 -17.80 40.34 -2.35
C GLU B 460 -17.57 40.91 -3.75
N GLU B 461 -17.46 40.03 -4.76
CA GLU B 461 -17.39 40.44 -6.15
C GLU B 461 -18.75 40.44 -6.84
N VAL B 462 -19.82 40.24 -6.06
CA VAL B 462 -21.17 40.08 -6.61
C VAL B 462 -22.14 41.08 -6.00
N VAL B 463 -22.18 41.16 -4.67
CA VAL B 463 -23.11 42.04 -4.00
C VAL B 463 -22.67 43.50 -4.16
N GLY B 464 -23.62 44.37 -4.43
CA GLY B 464 -23.37 45.81 -4.40
C GLY B 464 -23.45 46.43 -5.78
N ARG B 465 -23.76 47.73 -5.81
CA ARG B 465 -23.94 48.43 -7.08
C ARG B 465 -22.65 48.45 -7.89
N GLY B 466 -21.49 48.43 -7.22
CA GLY B 466 -20.22 48.37 -7.90
C GLY B 466 -19.79 47.00 -8.39
N LYS B 467 -20.60 45.95 -8.17
CA LYS B 467 -20.24 44.60 -8.58
C LYS B 467 -21.33 44.13 -9.54
N LEU B 468 -21.99 43.00 -9.24
CA LEU B 468 -23.08 42.53 -10.09
C LEU B 468 -24.44 42.99 -9.60
N ASP B 469 -24.49 43.67 -8.46
CA ASP B 469 -25.74 44.18 -7.88
C ASP B 469 -26.76 43.06 -7.71
N ARG B 470 -26.29 41.96 -7.13
CA ARG B 470 -27.13 40.82 -6.81
C ARG B 470 -26.94 40.45 -5.34
N PRO B 471 -28.03 40.15 -4.64
CA PRO B 471 -27.93 39.85 -3.21
C PRO B 471 -27.42 38.44 -2.94
N CYS B 472 -26.88 38.27 -1.74
CA CYS B 472 -26.45 36.97 -1.29
C CYS B 472 -26.84 36.81 0.18
N ARG B 473 -27.47 35.69 0.50
CA ARG B 473 -27.79 35.32 1.88
C ARG B 473 -26.74 34.35 2.38
N ILE B 474 -26.17 34.65 3.55
CA ILE B 474 -25.11 33.85 4.14
C ILE B 474 -25.72 32.85 5.12
N TYR B 475 -25.43 31.57 4.91
CA TYR B 475 -25.84 30.50 5.82
C TYR B 475 -24.86 30.53 6.99
N ALA B 476 -25.36 30.86 8.18
CA ALA B 476 -24.52 31.21 9.32
C ALA B 476 -24.67 30.18 10.44
N PRO B 477 -23.69 29.29 10.62
CA PRO B 477 -23.74 28.36 11.75
C PRO B 477 -23.56 29.09 13.07
N VAL B 478 -24.26 28.61 14.08
CA VAL B 478 -24.22 29.21 15.41
C VAL B 478 -24.09 28.08 16.42
N GLY B 479 -23.04 28.10 17.23
CA GLY B 479 -22.89 27.05 18.20
C GLY B 479 -21.52 27.05 18.84
N THR B 480 -21.38 26.19 19.84
CA THR B 480 -20.16 25.99 20.59
C THR B 480 -19.23 25.04 19.85
N HIS B 481 -17.99 24.97 20.34
CA HIS B 481 -16.98 24.11 19.74
C HIS B 481 -17.47 22.68 19.62
N GLU B 482 -18.20 22.20 20.62
CA GLU B 482 -18.62 20.80 20.65
C GLU B 482 -19.54 20.47 19.48
N THR B 483 -20.51 21.35 19.20
CA THR B 483 -21.59 21.04 18.26
C THR B 483 -21.18 21.14 16.79
N LEU B 484 -19.92 21.48 16.51
CA LEU B 484 -19.49 21.67 15.13
C LEU B 484 -19.43 20.34 14.38
N LEU B 485 -18.78 19.32 14.97
CA LEU B 485 -18.52 17.99 14.43
C LEU B 485 -19.03 17.72 13.01
N ALA B 486 -20.27 17.23 12.90
CA ALA B 486 -20.76 16.72 11.61
C ALA B 486 -20.78 17.80 10.55
N TYR B 487 -21.25 19.00 10.90
CA TYR B 487 -21.26 20.09 9.93
C TYR B 487 -19.85 20.41 9.45
N LEU B 488 -18.90 20.51 10.40
CA LEU B 488 -17.55 20.96 10.04
C LEU B 488 -16.85 19.96 9.12
N VAL B 489 -16.99 18.66 9.40
CA VAL B 489 -16.31 17.68 8.56
C VAL B 489 -16.87 17.71 7.15
N ARG B 490 -18.19 17.85 7.02
CA ARG B 490 -18.78 17.98 5.69
C ARG B 490 -18.23 19.19 4.94
N ARG B 491 -18.00 20.30 5.65
CA ARG B 491 -17.42 21.47 4.97
C ARG B 491 -15.98 21.21 4.55
N LEU B 492 -15.20 20.55 5.42
CA LEU B 492 -13.79 20.36 5.13
C LEU B 492 -13.59 19.37 3.99
N LEU B 493 -14.43 18.33 3.93
CA LEU B 493 -14.42 17.42 2.79
C LEU B 493 -14.73 18.16 1.50
N GLU B 494 -15.81 18.94 1.51
CA GLU B 494 -16.16 19.77 0.36
C GLU B 494 -15.04 20.72 0.01
N ASN B 495 -14.34 21.25 1.02
CA ASN B 495 -13.26 22.21 0.75
C ASN B 495 -12.04 21.53 0.15
N GLY B 496 -11.77 20.28 0.51
CA GLY B 496 -10.59 19.59 0.06
C GLY B 496 -10.75 18.61 -1.08
N ALA B 497 -11.97 18.39 -1.56
CA ALA B 497 -12.18 17.39 -2.59
C ALA B 497 -11.60 17.87 -3.92
N ASN B 498 -11.03 16.93 -4.69
CA ASN B 498 -10.37 17.29 -5.94
C ASN B 498 -11.34 17.88 -6.93
N SER B 499 -12.61 17.50 -6.88
CA SER B 499 -13.61 17.95 -7.83
C SER B 499 -14.27 19.27 -7.43
N SER B 500 -13.96 19.79 -6.24
CA SER B 500 -14.61 21.00 -5.73
C SER B 500 -13.99 22.25 -6.34
N PHE B 501 -14.86 23.17 -6.77
CA PHE B 501 -14.40 24.49 -7.24
C PHE B 501 -13.52 25.17 -6.20
N VAL B 502 -13.96 25.19 -4.93
CA VAL B 502 -13.22 25.92 -3.92
C VAL B 502 -11.83 25.33 -3.69
N HIS B 503 -11.63 24.07 -4.05
CA HIS B 503 -10.29 23.48 -4.02
C HIS B 503 -9.52 23.79 -5.31
N ARG B 504 -10.17 23.63 -6.45
CA ARG B 504 -9.52 23.86 -7.74
C ARG B 504 -9.07 25.31 -7.90
N ILE B 505 -9.80 26.26 -7.31
CA ILE B 505 -9.42 27.66 -7.44
C ILE B 505 -8.08 27.94 -6.78
N ASN B 506 -7.68 27.13 -5.80
CA ASN B 506 -6.40 27.29 -5.11
C ASN B 506 -5.33 26.34 -5.63
N ASP B 507 -5.61 25.62 -6.71
CA ASP B 507 -4.63 24.72 -7.30
C ASP B 507 -3.99 25.41 -8.49
N PRO B 508 -2.69 25.76 -8.44
CA PRO B 508 -2.07 26.43 -9.59
C PRO B 508 -1.99 25.58 -10.84
N LYS B 509 -2.11 24.26 -10.72
CA LYS B 509 -2.11 23.39 -11.88
C LYS B 509 -3.41 23.48 -12.69
N VAL B 510 -4.46 24.09 -12.14
CA VAL B 510 -5.73 24.25 -12.84
C VAL B 510 -5.79 25.66 -13.42
N SER B 511 -6.00 25.75 -14.74
CA SER B 511 -6.03 27.03 -15.41
C SER B 511 -7.41 27.68 -15.29
N ILE B 512 -7.45 28.99 -15.53
CA ILE B 512 -8.72 29.68 -15.52
C ILE B 512 -9.59 29.21 -16.69
N ASP B 513 -8.98 28.82 -17.80
CA ASP B 513 -9.73 28.22 -18.89
C ASP B 513 -10.46 26.95 -18.43
N GLU B 514 -9.80 26.13 -17.62
CA GLU B 514 -10.44 24.92 -17.11
C GLU B 514 -11.61 25.25 -16.20
N LEU B 515 -11.48 26.30 -15.39
CA LEU B 515 -12.51 26.62 -14.40
C LEU B 515 -13.76 27.21 -15.05
N ILE B 516 -13.63 27.85 -16.22
CA ILE B 516 -14.77 28.45 -16.89
C ILE B 516 -15.35 27.53 -17.97
N ALA B 517 -14.84 26.31 -18.10
CA ALA B 517 -15.42 25.36 -19.03
C ALA B 517 -16.90 25.17 -18.72
N ASP B 518 -17.71 25.06 -19.78
CA ASP B 518 -19.16 24.94 -19.64
C ASP B 518 -19.50 23.47 -19.45
N PRO B 519 -20.00 23.05 -18.29
CA PRO B 519 -20.32 21.62 -18.11
C PRO B 519 -21.38 21.13 -19.07
N VAL B 520 -22.31 22.00 -19.47
CA VAL B 520 -23.38 21.58 -20.39
C VAL B 520 -22.80 21.14 -21.72
N GLU B 521 -21.89 21.93 -22.28
CA GLU B 521 -21.30 21.57 -23.56
C GLU B 521 -20.34 20.38 -23.43
N VAL B 522 -19.65 20.25 -22.29
CA VAL B 522 -18.79 19.09 -22.11
C VAL B 522 -19.62 17.81 -22.09
N VAL B 523 -20.72 17.81 -21.33
CA VAL B 523 -21.57 16.62 -21.27
C VAL B 523 -22.18 16.33 -22.64
N ARG B 524 -22.61 17.37 -23.36
CA ARG B 524 -23.26 17.16 -24.65
C ARG B 524 -22.35 16.42 -25.62
N ALA B 525 -21.04 16.64 -25.52
CA ALA B 525 -20.09 16.12 -26.49
C ALA B 525 -19.49 14.78 -26.11
N MET B 526 -19.89 14.21 -24.97
CA MET B 526 -19.38 12.91 -24.56
CA MET B 526 -19.36 12.92 -24.58
C MET B 526 -19.92 11.82 -25.49
N PRO B 527 -19.18 10.72 -25.68
CA PRO B 527 -19.66 9.67 -26.58
C PRO B 527 -20.96 9.02 -26.13
N VAL B 528 -21.12 8.79 -24.83
CA VAL B 528 -22.38 8.31 -24.25
C VAL B 528 -22.80 9.35 -23.24
N VAL B 529 -23.81 10.14 -23.58
CA VAL B 529 -24.26 11.20 -22.68
C VAL B 529 -24.78 10.58 -21.39
N GLY B 530 -24.23 11.04 -20.27
CA GLY B 530 -24.71 10.61 -18.96
C GLY B 530 -24.18 9.28 -18.49
N ALA B 531 -23.08 8.78 -19.06
CA ALA B 531 -22.50 7.53 -18.57
C ALA B 531 -22.07 7.64 -17.12
N LYS B 532 -22.32 6.57 -16.36
CA LYS B 532 -21.87 6.48 -14.97
C LYS B 532 -20.36 6.64 -14.89
N HIS B 533 -19.90 7.16 -13.75
CA HIS B 533 -18.47 7.22 -13.49
C HIS B 533 -17.82 5.86 -13.70
N ASP B 534 -16.68 5.84 -14.40
CA ASP B 534 -16.00 4.59 -14.72
C ASP B 534 -15.51 3.86 -13.48
N ARG B 535 -15.26 4.59 -12.39
CA ARG B 535 -14.60 4.00 -11.23
C ARG B 535 -15.53 3.85 -10.04
N ILE B 536 -16.83 3.92 -10.24
CA ILE B 536 -17.81 3.70 -9.18
C ILE B 536 -18.72 2.57 -9.62
N ALA B 537 -18.73 1.48 -8.87
CA ALA B 537 -19.49 0.31 -9.26
C ALA B 537 -20.96 0.48 -8.90
N LEU B 538 -21.85 0.15 -9.85
CA LEU B 538 -23.25 -0.06 -9.49
C LEU B 538 -23.32 -1.12 -8.40
N PRO B 539 -24.32 -1.05 -7.51
CA PRO B 539 -24.41 -2.07 -6.45
C PRO B 539 -24.38 -3.49 -6.99
N ALA B 540 -25.05 -3.76 -8.12
CA ALA B 540 -25.04 -5.10 -8.68
C ALA B 540 -23.66 -5.56 -9.13
N GLU B 541 -22.72 -4.63 -9.32
CA GLU B 541 -21.44 -4.93 -9.95
C GLU B 541 -20.27 -4.85 -8.97
N LEU B 542 -20.53 -4.92 -7.66
CA LEU B 542 -19.46 -4.80 -6.67
C LEU B 542 -18.37 -5.85 -6.85
N PHE B 543 -18.73 -7.03 -7.37
CA PHE B 543 -17.77 -8.12 -7.50
C PHE B 543 -17.28 -8.31 -8.93
N GLY B 544 -17.62 -7.38 -9.83
CA GLY B 544 -17.10 -7.46 -11.18
C GLY B 544 -17.51 -8.74 -11.89
N ASP B 545 -16.55 -9.33 -12.61
CA ASP B 545 -16.84 -10.51 -13.41
C ASP B 545 -17.06 -11.77 -12.58
N ALA B 546 -16.74 -11.75 -11.29
CA ALA B 546 -16.86 -12.97 -10.48
C ALA B 546 -18.30 -13.42 -10.36
N ARG B 547 -19.21 -12.50 -10.05
CA ARG B 547 -20.61 -12.85 -9.82
C ARG B 547 -21.42 -11.58 -9.66
N THR B 548 -22.72 -11.72 -9.78
CA THR B 548 -23.66 -10.63 -9.62
C THR B 548 -24.04 -10.51 -8.15
N ASN B 549 -23.93 -9.31 -7.60
CA ASN B 549 -24.35 -9.05 -6.23
C ASN B 549 -25.87 -9.25 -6.09
N SER B 550 -26.30 -9.80 -4.95
CA SER B 550 -27.73 -9.86 -4.66
C SER B 550 -28.32 -8.45 -4.61
N ALA B 551 -29.59 -8.33 -4.97
CA ALA B 551 -30.28 -7.05 -4.92
C ALA B 551 -31.27 -7.03 -3.76
N GLY B 552 -31.41 -5.86 -3.16
CA GLY B 552 -32.38 -5.62 -2.10
C GLY B 552 -33.62 -4.95 -2.62
N LEU B 553 -34.39 -4.38 -1.71
CA LEU B 553 -35.61 -3.64 -2.01
C LEU B 553 -35.58 -2.33 -1.25
N ASP B 554 -36.02 -1.25 -1.89
CA ASP B 554 -35.91 0.08 -1.27
C ASP B 554 -37.19 0.36 -0.48
N LEU B 555 -37.11 0.26 0.84
CA LEU B 555 -38.31 0.47 1.65
C LEU B 555 -38.60 1.94 1.90
N SER B 556 -37.91 2.88 1.23
CA SER B 556 -38.32 4.28 1.21
C SER B 556 -39.00 4.66 -0.10
N ASN B 557 -39.15 3.72 -1.03
CA ASN B 557 -39.73 3.95 -2.33
C ASN B 557 -41.21 3.59 -2.28
N GLU B 558 -42.09 4.56 -2.52
CA GLU B 558 -43.52 4.29 -2.38
C GLU B 558 -44.02 3.25 -3.38
N GLU B 559 -43.46 3.21 -4.60
CA GLU B 559 -43.88 2.17 -5.54
C GLU B 559 -43.53 0.80 -4.98
N THR B 560 -42.31 0.67 -4.46
CA THR B 560 -41.87 -0.59 -3.87
C THR B 560 -42.75 -0.98 -2.70
N LEU B 561 -43.08 -0.01 -1.84
CA LEU B 561 -43.90 -0.32 -0.68
C LEU B 561 -45.31 -0.76 -1.10
N ALA B 562 -45.85 -0.17 -2.17
CA ALA B 562 -47.18 -0.56 -2.61
C ALA B 562 -47.18 -1.96 -3.22
N SER B 563 -46.17 -2.27 -4.05
CA SER B 563 -46.15 -3.60 -4.65
C SER B 563 -45.80 -4.66 -3.62
N LEU B 564 -44.88 -4.34 -2.70
CA LEU B 564 -44.54 -5.27 -1.64
C LEU B 564 -45.73 -5.56 -0.76
N THR B 565 -46.51 -4.52 -0.40
CA THR B 565 -47.71 -4.76 0.40
C THR B 565 -48.59 -5.83 -0.24
N GLU B 566 -48.82 -5.70 -1.55
CA GLU B 566 -49.68 -6.67 -2.22
C GLU B 566 -49.06 -8.07 -2.22
N ALA B 567 -47.74 -8.15 -2.46
CA ALA B 567 -47.10 -9.47 -2.48
C ALA B 567 -47.12 -10.11 -1.10
N LEU B 568 -46.94 -9.30 -0.05
CA LEU B 568 -46.94 -9.82 1.31
C LEU B 568 -48.33 -10.33 1.68
N ARG B 569 -49.36 -9.54 1.38
CA ARG B 569 -50.73 -9.99 1.64
C ARG B 569 -51.01 -11.29 0.90
N GLU B 570 -50.60 -11.36 -0.37
CA GLU B 570 -50.84 -12.58 -1.14
C GLU B 570 -50.09 -13.76 -0.56
N SER B 571 -48.89 -13.53 0.00
CA SER B 571 -48.14 -14.63 0.59
C SER B 571 -48.87 -15.24 1.77
N ALA B 572 -49.62 -14.42 2.51
CA ALA B 572 -50.33 -14.95 3.67
C ALA B 572 -51.54 -15.78 3.26
N ALA B 573 -52.04 -15.62 2.03
CA ALA B 573 -53.16 -16.42 1.57
C ALA B 573 -52.75 -17.78 1.00
N MET B 574 -51.45 -18.04 0.83
CA MET B 574 -51.00 -19.29 0.24
C MET B 574 -51.04 -20.40 1.29
N LYS B 575 -51.17 -21.64 0.81
CA LYS B 575 -51.10 -22.82 1.67
C LYS B 575 -49.64 -23.28 1.76
N TRP B 576 -48.98 -22.93 2.88
CA TRP B 576 -47.58 -23.26 3.08
C TRP B 576 -47.47 -24.58 3.84
N THR B 577 -46.71 -25.52 3.27
CA THR B 577 -46.51 -26.83 3.89
C THR B 577 -45.04 -27.18 3.84
N ALA B 578 -44.65 -28.12 4.69
CA ALA B 578 -43.33 -28.71 4.67
C ALA B 578 -43.52 -30.19 4.96
N LEU B 579 -42.99 -31.04 4.09
CA LEU B 579 -43.20 -32.49 4.14
C LEU B 579 -41.84 -33.17 4.12
N PRO B 580 -41.77 -34.42 4.60
CA PRO B 580 -40.59 -35.24 4.33
C PRO B 580 -40.51 -35.55 2.85
N GLN B 581 -39.65 -34.84 2.14
CA GLN B 581 -39.56 -34.96 0.69
C GLN B 581 -38.42 -35.90 0.35
N LEU B 582 -38.73 -37.17 0.19
CA LEU B 582 -37.75 -38.18 -0.17
C LEU B 582 -37.62 -38.26 -1.70
N ALA B 583 -36.59 -39.00 -2.16
CA ALA B 583 -36.35 -39.10 -3.60
C ALA B 583 -37.54 -39.69 -4.34
N THR B 584 -38.29 -40.57 -3.70
CA THR B 584 -39.43 -41.25 -4.31
C THR B 584 -40.76 -40.52 -4.09
N GLY B 585 -40.76 -39.38 -3.41
CA GLY B 585 -41.96 -38.63 -3.15
C GLY B 585 -42.10 -38.25 -1.69
N PRO B 586 -43.11 -37.44 -1.36
CA PRO B 586 -43.33 -37.07 0.04
C PRO B 586 -43.83 -38.26 0.84
N ALA B 587 -43.36 -38.35 2.09
CA ALA B 587 -43.71 -39.42 2.98
C ALA B 587 -44.72 -38.95 4.02
N ALA B 588 -45.52 -39.88 4.53
CA ALA B 588 -46.46 -39.58 5.58
C ALA B 588 -45.72 -39.39 6.92
N GLY B 589 -46.34 -38.63 7.82
CA GLY B 589 -45.73 -38.40 9.11
C GLY B 589 -46.68 -37.69 10.03
N GLU B 590 -46.16 -37.32 11.21
CA GLU B 590 -46.95 -36.57 12.19
C GLU B 590 -47.00 -35.10 11.79
N THR B 591 -48.21 -34.54 11.73
CA THR B 591 -48.42 -33.20 11.20
C THR B 591 -48.90 -32.27 12.31
N ARG B 592 -48.41 -31.03 12.26
CA ARG B 592 -48.83 -29.99 13.19
C ARG B 592 -48.79 -28.64 12.50
N THR B 593 -49.43 -27.66 13.13
CA THR B 593 -49.44 -26.31 12.60
C THR B 593 -48.18 -25.56 13.00
N VAL B 594 -47.87 -24.55 12.21
CA VAL B 594 -46.77 -23.63 12.42
C VAL B 594 -47.40 -22.26 12.68
N LEU B 595 -47.13 -21.70 13.85
CA LEU B 595 -47.78 -20.46 14.30
C LEU B 595 -46.79 -19.30 14.32
N ASN B 596 -47.29 -18.12 14.02
CA ASN B 596 -46.50 -16.88 14.07
C ASN B 596 -45.99 -16.65 15.49
N PRO B 597 -44.66 -16.59 15.72
CA PRO B 597 -44.19 -16.37 17.10
C PRO B 597 -44.63 -15.04 17.69
N GLY B 598 -44.97 -14.06 16.86
CA GLY B 598 -45.44 -12.78 17.38
C GLY B 598 -46.94 -12.71 17.60
N ASP B 599 -47.67 -13.76 17.22
CA ASP B 599 -49.13 -13.83 17.43
C ASP B 599 -49.55 -15.25 17.11
N HIS B 600 -49.72 -16.08 18.15
CA HIS B 600 -50.03 -17.48 17.90
C HIS B 600 -51.38 -17.69 17.25
N ARG B 601 -52.23 -16.66 17.20
CA ARG B 601 -53.49 -16.77 16.48
C ARG B 601 -53.31 -16.82 14.97
N ASP B 602 -52.12 -16.42 14.48
CA ASP B 602 -51.85 -16.33 13.04
C ASP B 602 -51.18 -17.65 12.64
N VAL B 603 -51.96 -18.52 11.99
CA VAL B 603 -51.44 -19.81 11.54
C VAL B 603 -50.73 -19.61 10.20
N VAL B 604 -49.45 -19.95 10.16
CA VAL B 604 -48.65 -19.71 8.97
C VAL B 604 -48.71 -20.89 8.02
N GLY B 605 -48.71 -22.11 8.55
CA GLY B 605 -48.73 -23.27 7.67
C GLY B 605 -48.74 -24.53 8.49
N SER B 606 -48.37 -25.64 7.86
CA SER B 606 -48.36 -26.93 8.55
C SER B 606 -47.12 -27.72 8.14
N VAL B 607 -46.56 -28.48 9.08
CA VAL B 607 -45.37 -29.26 8.83
C VAL B 607 -45.67 -30.72 9.15
N THR B 608 -45.25 -31.60 8.27
CA THR B 608 -45.29 -33.04 8.48
C THR B 608 -43.87 -33.51 8.77
N GLU B 609 -43.65 -34.10 9.95
CA GLU B 609 -42.30 -34.38 10.37
C GLU B 609 -41.91 -35.84 10.07
N THR B 610 -40.60 -36.05 9.96
CA THR B 610 -40.02 -37.28 9.42
C THR B 610 -39.85 -38.32 10.52
N SER B 611 -40.31 -39.55 10.24
CA SER B 611 -40.00 -40.65 11.15
C SER B 611 -38.51 -41.00 11.05
N GLU B 612 -37.97 -41.56 12.14
CA GLU B 612 -36.56 -41.96 12.11
C GLU B 612 -36.31 -43.03 11.05
N GLU B 613 -37.27 -43.94 10.83
CA GLU B 613 -37.13 -44.92 9.75
C GLU B 613 -37.04 -44.24 8.38
N ASP B 614 -37.84 -43.20 8.15
CA ASP B 614 -37.78 -42.53 6.86
C ASP B 614 -36.51 -41.70 6.72
N ALA B 615 -35.96 -41.22 7.84
CA ALA B 615 -34.67 -40.53 7.78
C ALA B 615 -33.57 -41.48 7.30
N ARG B 616 -33.55 -42.71 7.85
CA ARG B 616 -32.59 -43.70 7.38
C ARG B 616 -32.84 -44.09 5.93
N ARG B 617 -34.12 -44.20 5.53
CA ARG B 617 -34.41 -44.50 4.14
C ARG B 617 -33.89 -43.41 3.21
N ALA B 618 -34.04 -42.14 3.60
CA ALA B 618 -33.54 -41.04 2.79
C ALA B 618 -32.03 -41.16 2.56
N VAL B 619 -31.28 -41.54 3.59
CA VAL B 619 -29.84 -41.62 3.43
C VAL B 619 -29.48 -42.74 2.48
N ARG B 620 -30.21 -43.86 2.54
CA ARG B 620 -29.97 -44.94 1.59
C ARG B 620 -30.27 -44.50 0.17
N LEU B 621 -31.35 -43.74 -0.02
CA LEU B 621 -31.66 -43.24 -1.36
C LEU B 621 -30.59 -42.28 -1.86
N ALA B 622 -30.05 -41.46 -0.95
CA ALA B 622 -28.98 -40.54 -1.34
C ALA B 622 -27.72 -41.31 -1.73
N ALA B 623 -27.42 -42.39 -1.01
CA ALA B 623 -26.25 -43.18 -1.36
C ALA B 623 -26.42 -43.82 -2.74
N ASP B 624 -27.63 -44.29 -3.04
CA ASP B 624 -27.88 -44.89 -4.35
C ASP B 624 -27.68 -43.89 -5.48
N ALA B 625 -28.07 -42.64 -5.25
CA ALA B 625 -27.97 -41.63 -6.29
C ALA B 625 -26.65 -40.87 -6.28
N ALA B 626 -25.76 -41.18 -5.34
CA ALA B 626 -24.52 -40.42 -5.23
C ALA B 626 -23.69 -40.45 -6.51
N PRO B 627 -23.48 -41.59 -7.17
CA PRO B 627 -22.67 -41.54 -8.41
C PRO B 627 -23.28 -40.69 -9.52
N ASP B 628 -24.62 -40.71 -9.68
CA ASP B 628 -25.22 -39.92 -10.76
C ASP B 628 -25.01 -38.43 -10.54
N TRP B 629 -25.10 -37.95 -9.29
CA TRP B 629 -24.93 -36.52 -9.06
C TRP B 629 -23.45 -36.12 -9.16
N ALA B 630 -22.54 -36.98 -8.67
CA ALA B 630 -21.12 -36.70 -8.82
C ALA B 630 -20.73 -36.59 -10.29
N ALA B 631 -21.41 -37.32 -11.17
CA ALA B 631 -21.07 -37.31 -12.58
C ALA B 631 -21.58 -36.06 -13.31
N VAL B 632 -22.39 -35.22 -12.67
CA VAL B 632 -22.82 -33.97 -13.29
C VAL B 632 -21.61 -33.04 -13.22
N PRO B 633 -21.14 -32.48 -14.33
CA PRO B 633 -19.92 -31.66 -14.31
C PRO B 633 -20.06 -30.51 -13.33
N PRO B 634 -18.97 -30.13 -12.65
CA PRO B 634 -19.05 -29.00 -11.69
C PRO B 634 -19.63 -27.73 -12.28
N SER B 635 -19.31 -27.39 -13.53
CA SER B 635 -19.89 -26.18 -14.13
C SER B 635 -21.40 -26.28 -14.23
N GLU B 636 -21.94 -27.49 -14.48
CA GLU B 636 -23.39 -27.63 -14.54
C GLU B 636 -24.01 -27.64 -13.16
N ARG B 637 -23.34 -28.24 -12.17
CA ARG B 637 -23.86 -28.11 -10.81
C ARG B 637 -23.90 -26.64 -10.38
N ALA B 638 -22.85 -25.88 -10.72
CA ALA B 638 -22.83 -24.46 -10.41
C ALA B 638 -23.95 -23.73 -11.13
N ALA B 639 -24.25 -24.13 -12.37
CA ALA B 639 -25.35 -23.50 -13.10
C ALA B 639 -26.69 -23.68 -12.39
N CYS B 640 -26.89 -24.82 -11.72
CA CYS B 640 -28.10 -25.00 -10.92
C CYS B 640 -28.15 -23.99 -9.79
N LEU B 641 -27.01 -23.79 -9.10
CA LEU B 641 -26.97 -22.82 -8.02
C LEU B 641 -27.32 -21.43 -8.53
N ASP B 642 -26.75 -21.05 -9.68
CA ASP B 642 -27.02 -19.73 -10.25
C ASP B 642 -28.50 -19.60 -10.64
N ARG B 643 -29.09 -20.66 -11.20
CA ARG B 643 -30.52 -20.58 -11.53
C ARG B 643 -31.37 -20.44 -10.27
N ALA B 644 -31.00 -21.15 -9.19
CA ALA B 644 -31.76 -21.01 -7.95
C ALA B 644 -31.65 -19.58 -7.42
N ALA B 645 -30.49 -18.95 -7.58
CA ALA B 645 -30.33 -17.58 -7.10
C ALA B 645 -31.23 -16.62 -7.88
N GLU B 646 -31.36 -16.84 -9.20
CA GLU B 646 -32.27 -16.02 -9.99
C GLU B 646 -33.71 -16.17 -9.53
N LEU B 647 -34.12 -17.39 -9.18
CA LEU B 647 -35.49 -17.59 -8.71
C LEU B 647 -35.72 -16.92 -7.35
N MET B 648 -34.78 -17.06 -6.42
CA MET B 648 -34.95 -16.42 -5.12
C MET B 648 -34.97 -14.89 -5.26
N GLN B 649 -34.19 -14.36 -6.21
CA GLN B 649 -34.19 -12.92 -6.41
C GLN B 649 -35.56 -12.46 -6.92
N ALA B 650 -36.09 -13.15 -7.92
CA ALA B 650 -37.37 -12.78 -8.50
C ALA B 650 -38.53 -12.98 -7.52
N ARG B 651 -38.41 -13.97 -6.63
CA ARG B 651 -39.47 -14.29 -5.68
C ARG B 651 -39.23 -13.70 -4.30
N MET B 652 -38.26 -12.81 -4.17
CA MET B 652 -37.95 -12.24 -2.86
C MET B 652 -39.17 -11.65 -2.13
N PRO B 653 -40.10 -10.93 -2.77
CA PRO B 653 -41.23 -10.39 -1.99
C PRO B 653 -42.07 -11.46 -1.32
N THR B 654 -42.33 -12.57 -2.01
CA THR B 654 -43.09 -13.68 -1.40
C THR B 654 -42.29 -14.37 -0.30
N LEU B 655 -40.99 -14.60 -0.53
CA LEU B 655 -40.15 -15.20 0.51
C LEU B 655 -40.11 -14.32 1.75
N LEU B 656 -40.03 -13.00 1.55
CA LEU B 656 -40.06 -12.06 2.68
C LEU B 656 -41.28 -12.30 3.56
N GLY B 657 -42.45 -12.41 2.93
CA GLY B 657 -43.68 -12.57 3.69
C GLY B 657 -43.65 -13.81 4.55
N LEU B 658 -43.10 -14.91 4.02
CA LEU B 658 -43.03 -16.12 4.82
C LEU B 658 -42.05 -15.99 5.98
N ILE B 659 -40.86 -15.42 5.72
CA ILE B 659 -39.86 -15.27 6.76
C ILE B 659 -40.37 -14.34 7.87
N ILE B 660 -41.00 -13.23 7.49
CA ILE B 660 -41.54 -12.29 8.48
C ILE B 660 -42.48 -13.01 9.43
N ARG B 661 -43.38 -13.83 8.89
CA ARG B 661 -44.41 -14.45 9.72
C ARG B 661 -43.97 -15.73 10.41
N GLU B 662 -43.04 -16.50 9.83
CA GLU B 662 -42.62 -17.76 10.46
C GLU B 662 -41.52 -17.54 11.48
N ALA B 663 -40.60 -16.60 11.23
CA ALA B 663 -39.41 -16.50 12.07
C ALA B 663 -39.30 -15.20 12.84
N GLY B 664 -40.35 -14.39 12.90
CA GLY B 664 -40.29 -13.17 13.70
C GLY B 664 -39.39 -12.08 13.17
N LYS B 665 -39.13 -12.07 11.87
CA LYS B 665 -38.21 -11.09 11.31
C LYS B 665 -38.93 -9.84 10.83
N SER B 666 -38.25 -8.70 10.96
CA SER B 666 -38.71 -7.47 10.31
C SER B 666 -38.49 -7.58 8.80
N ALA B 667 -39.12 -6.67 8.06
CA ALA B 667 -38.92 -6.65 6.62
C ALA B 667 -37.45 -6.44 6.24
N LEU B 668 -36.76 -5.50 6.91
CA LEU B 668 -35.35 -5.29 6.57
C LEU B 668 -34.53 -6.53 6.80
N ASN B 669 -34.75 -7.21 7.93
CA ASN B 669 -33.95 -8.39 8.22
C ASN B 669 -34.34 -9.57 7.33
N ALA B 670 -35.58 -9.63 6.88
CA ALA B 670 -35.99 -10.66 5.93
C ALA B 670 -35.36 -10.43 4.56
N ILE B 671 -35.25 -9.17 4.13
CA ILE B 671 -34.51 -8.86 2.90
C ILE B 671 -33.06 -9.33 3.02
N ALA B 672 -32.43 -9.01 4.15
CA ALA B 672 -31.03 -9.43 4.33
C ALA B 672 -30.90 -10.95 4.27
N GLU B 673 -31.88 -11.66 4.85
CA GLU B 673 -31.88 -13.12 4.82
C GLU B 673 -31.90 -13.67 3.40
N VAL B 674 -32.81 -13.19 2.56
CA VAL B 674 -32.91 -13.68 1.19
C VAL B 674 -31.68 -13.30 0.39
N ARG B 675 -31.19 -12.06 0.55
CA ARG B 675 -29.96 -11.65 -0.13
C ARG B 675 -28.80 -12.56 0.21
N GLU B 676 -28.66 -12.91 1.49
CA GLU B 676 -27.56 -13.78 1.90
C GLU B 676 -27.67 -15.15 1.23
N ALA B 677 -28.88 -15.70 1.13
CA ALA B 677 -29.04 -16.99 0.46
C ALA B 677 -28.64 -16.89 -1.01
N ILE B 678 -29.05 -15.82 -1.69
CA ILE B 678 -28.67 -15.58 -3.08
C ILE B 678 -27.15 -15.49 -3.20
N ASP B 679 -26.52 -14.76 -2.28
CA ASP B 679 -25.07 -14.58 -2.32
C ASP B 679 -24.33 -15.90 -2.08
N PHE B 680 -24.78 -16.73 -1.12
CA PHE B 680 -24.17 -18.06 -0.96
C PHE B 680 -24.24 -18.85 -2.26
N LEU B 681 -25.44 -18.92 -2.85
CA LEU B 681 -25.60 -19.65 -4.11
C LEU B 681 -24.61 -19.18 -5.17
N ARG B 682 -24.51 -17.87 -5.37
CA ARG B 682 -23.66 -17.36 -6.45
C ARG B 682 -22.18 -17.47 -6.10
N TYR B 683 -21.84 -17.30 -4.83
CA TYR B 683 -20.44 -17.40 -4.41
C TYR B 683 -19.94 -18.84 -4.54
N TYR B 684 -20.71 -19.81 -4.03
CA TYR B 684 -20.22 -21.19 -4.14
C TYR B 684 -20.21 -21.64 -5.59
N ALA B 685 -21.11 -21.10 -6.42
CA ALA B 685 -21.07 -21.40 -7.85
C ALA B 685 -19.77 -20.90 -8.47
N GLU B 686 -19.40 -19.65 -8.19
CA GLU B 686 -18.16 -19.12 -8.76
C GLU B 686 -16.94 -19.83 -8.19
N GLN B 687 -16.93 -20.08 -6.88
CA GLN B 687 -15.78 -20.80 -6.31
C GLN B 687 -15.62 -22.16 -6.96
N THR B 688 -16.72 -22.85 -7.24
CA THR B 688 -16.65 -24.12 -7.96
C THR B 688 -16.03 -23.94 -9.34
N ARG B 689 -16.51 -22.96 -10.10
CA ARG B 689 -15.95 -22.74 -11.44
C ARG B 689 -14.46 -22.42 -11.39
N ARG B 690 -13.98 -21.82 -10.29
CA ARG B 690 -12.56 -21.51 -10.17
CA ARG B 690 -12.56 -21.50 -10.14
C ARG B 690 -11.71 -22.70 -9.72
N THR B 691 -12.32 -23.75 -9.15
CA THR B 691 -11.47 -24.75 -8.49
C THR B 691 -11.73 -26.21 -8.85
N LEU B 692 -12.97 -26.65 -8.98
CA LEU B 692 -13.22 -28.10 -8.94
C LEU B 692 -12.98 -28.79 -10.28
N GLY B 693 -12.22 -29.89 -10.23
CA GLY B 693 -11.91 -30.72 -11.36
C GLY B 693 -12.08 -32.19 -11.05
N PRO B 694 -11.73 -33.05 -12.01
CA PRO B 694 -12.05 -34.49 -11.86
C PRO B 694 -11.43 -35.13 -10.64
N GLY B 695 -10.27 -34.67 -10.19
CA GLY B 695 -9.63 -35.23 -9.02
C GLY B 695 -10.19 -34.80 -7.69
N HIS B 696 -11.19 -33.94 -7.67
CA HIS B 696 -11.80 -33.49 -6.42
C HIS B 696 -13.14 -34.21 -6.25
N GLY B 697 -13.04 -35.49 -5.88
CA GLY B 697 -14.20 -36.32 -5.75
C GLY B 697 -15.01 -35.99 -4.51
N PRO B 698 -16.31 -36.24 -4.57
CA PRO B 698 -17.18 -35.90 -3.44
C PRO B 698 -17.03 -36.87 -2.28
N LEU B 699 -17.50 -36.43 -1.12
CA LEU B 699 -17.55 -37.31 0.05
C LEU B 699 -18.61 -38.40 -0.10
N GLY B 700 -19.79 -38.02 -0.60
CA GLY B 700 -20.95 -38.88 -0.52
C GLY B 700 -22.10 -38.13 0.13
N PRO B 701 -23.11 -38.85 0.61
CA PRO B 701 -24.26 -38.18 1.23
C PRO B 701 -23.83 -37.29 2.40
N ILE B 702 -24.27 -36.04 2.37
CA ILE B 702 -23.95 -35.08 3.43
CA ILE B 702 -23.95 -35.06 3.41
C ILE B 702 -25.24 -34.69 4.12
N VAL B 703 -25.22 -34.76 5.45
CA VAL B 703 -26.34 -34.34 6.29
C VAL B 703 -26.13 -32.87 6.64
N CYS B 704 -27.11 -32.02 6.32
CA CYS B 704 -27.04 -30.58 6.58
C CYS B 704 -28.06 -30.22 7.63
N ILE B 705 -27.60 -29.81 8.81
CA ILE B 705 -28.46 -29.51 9.95
C ILE B 705 -28.30 -28.03 10.27
N SER B 706 -29.41 -27.30 10.31
CA SER B 706 -29.38 -25.84 10.31
C SER B 706 -30.17 -25.25 11.48
N PRO B 707 -29.88 -24.00 11.86
CA PRO B 707 -30.55 -23.37 12.99
C PRO B 707 -31.82 -22.65 12.54
N TRP B 708 -32.63 -22.27 13.51
CA TRP B 708 -33.87 -21.56 13.15
C TRP B 708 -33.63 -20.10 12.82
N ASN B 709 -32.55 -19.48 13.33
CA ASN B 709 -32.56 -18.02 13.41
C ASN B 709 -32.19 -17.34 12.10
N PHE B 710 -31.45 -18.02 11.23
CA PHE B 710 -31.25 -17.59 9.84
C PHE B 710 -31.83 -18.71 9.00
N PRO B 711 -33.16 -18.79 8.93
CA PRO B 711 -33.82 -20.04 8.48
C PRO B 711 -33.77 -20.27 6.98
N LEU B 712 -33.42 -19.27 6.17
CA LEU B 712 -33.17 -19.51 4.76
C LEU B 712 -31.70 -19.39 4.39
N ALA B 713 -30.97 -18.44 4.99
CA ALA B 713 -29.62 -18.15 4.54
C ALA B 713 -28.64 -19.27 4.89
N ILE B 714 -28.56 -19.64 6.17
CA ILE B 714 -27.63 -20.70 6.54
C ILE B 714 -28.11 -22.04 6.01
N PHE B 715 -29.43 -22.26 6.03
CA PHE B 715 -30.01 -23.44 5.41
C PHE B 715 -29.53 -23.61 3.96
N THR B 716 -29.66 -22.53 3.16
CA THR B 716 -29.30 -22.59 1.75
C THR B 716 -27.78 -22.71 1.58
N GLY B 717 -27.02 -21.97 2.38
CA GLY B 717 -25.57 -21.99 2.22
C GLY B 717 -24.97 -23.38 2.37
N GLN B 718 -25.33 -24.08 3.45
CA GLN B 718 -24.73 -25.39 3.66
C GLN B 718 -25.12 -26.35 2.54
N ILE B 719 -26.40 -26.36 2.18
CA ILE B 719 -26.89 -27.26 1.15
C ILE B 719 -26.26 -26.96 -0.20
N ALA B 720 -26.17 -25.67 -0.55
CA ALA B 720 -25.61 -25.29 -1.84
C ALA B 720 -24.17 -25.74 -1.95
N ALA B 721 -23.39 -25.54 -0.89
CA ALA B 721 -21.98 -25.90 -0.92
C ALA B 721 -21.82 -27.42 -1.07
N ALA B 722 -22.58 -28.19 -0.28
CA ALA B 722 -22.49 -29.63 -0.38
C ALA B 722 -22.88 -30.12 -1.77
N LEU B 723 -23.98 -29.60 -2.30
CA LEU B 723 -24.43 -30.00 -3.64
C LEU B 723 -23.41 -29.67 -4.71
N VAL B 724 -22.90 -28.43 -4.72
CA VAL B 724 -22.03 -28.04 -5.82
C VAL B 724 -20.69 -28.74 -5.76
N ALA B 725 -20.28 -29.20 -4.57
CA ALA B 725 -19.11 -30.06 -4.47
C ALA B 725 -19.36 -31.49 -4.94
N GLY B 726 -20.59 -31.84 -5.32
CA GLY B 726 -20.86 -33.14 -5.90
C GLY B 726 -21.52 -34.13 -4.96
N ASN B 727 -22.01 -33.66 -3.78
CA ASN B 727 -22.59 -34.54 -2.77
C ASN B 727 -24.09 -34.43 -2.77
N PRO B 728 -24.83 -35.54 -2.71
CA PRO B 728 -26.26 -35.45 -2.44
C PRO B 728 -26.46 -35.05 -0.99
N VAL B 729 -27.59 -34.38 -0.72
CA VAL B 729 -27.82 -33.73 0.56
C VAL B 729 -29.09 -34.25 1.22
N LEU B 730 -29.01 -34.50 2.52
CA LEU B 730 -30.17 -34.69 3.38
C LEU B 730 -30.31 -33.42 4.20
N ALA B 731 -31.37 -32.67 3.97
CA ALA B 731 -31.51 -31.35 4.59
C ALA B 731 -32.48 -31.44 5.76
N LYS B 732 -31.99 -31.15 6.97
CA LYS B 732 -32.79 -31.22 8.19
C LYS B 732 -32.89 -29.82 8.80
N PRO B 733 -33.97 -29.09 8.53
CA PRO B 733 -34.10 -27.72 9.07
C PRO B 733 -34.55 -27.76 10.52
N ALA B 734 -34.31 -26.65 11.20
CA ALA B 734 -34.78 -26.48 12.57
C ALA B 734 -36.28 -26.71 12.67
N GLU B 735 -36.69 -27.31 13.79
CA GLU B 735 -38.10 -27.63 13.96
C GLU B 735 -38.96 -26.37 14.03
N GLU B 736 -38.39 -25.23 14.41
CA GLU B 736 -39.15 -24.00 14.50
C GLU B 736 -39.49 -23.41 13.14
N THR B 737 -38.66 -23.62 12.11
CA THR B 737 -38.77 -22.87 10.85
C THR B 737 -38.73 -23.79 9.63
N PRO B 738 -39.63 -24.78 9.56
CA PRO B 738 -39.58 -25.71 8.41
C PRO B 738 -40.16 -25.15 7.12
N LEU B 739 -41.03 -24.13 7.18
CA LEU B 739 -41.75 -23.74 5.95
C LEU B 739 -40.81 -23.05 4.96
N ILE B 740 -39.99 -22.11 5.43
CA ILE B 740 -39.12 -21.43 4.49
C ILE B 740 -38.04 -22.39 3.98
N ALA B 741 -37.65 -23.38 4.80
CA ALA B 741 -36.71 -24.40 4.32
C ALA B 741 -37.33 -25.22 3.19
N ALA B 742 -38.61 -25.62 3.34
CA ALA B 742 -39.28 -26.35 2.26
C ALA B 742 -39.31 -25.54 0.99
N GLU B 743 -39.51 -24.22 1.13
CA GLU B 743 -39.54 -23.36 -0.06
C GLU B 743 -38.16 -23.27 -0.69
N GLY B 744 -37.10 -23.20 0.14
CA GLY B 744 -35.76 -23.26 -0.41
C GLY B 744 -35.51 -24.52 -1.21
N VAL B 745 -35.99 -25.67 -0.72
CA VAL B 745 -35.81 -26.92 -1.43
C VAL B 745 -36.63 -26.93 -2.72
N ARG B 746 -37.86 -26.41 -2.69
CA ARG B 746 -38.64 -26.27 -3.93
C ARG B 746 -37.85 -25.50 -4.99
N ILE B 747 -37.24 -24.39 -4.58
CA ILE B 747 -36.53 -23.55 -5.54
C ILE B 747 -35.29 -24.25 -6.08
N LEU B 748 -34.53 -24.93 -5.22
CA LEU B 748 -33.34 -25.64 -5.70
CA LEU B 748 -33.34 -25.62 -5.71
C LEU B 748 -33.71 -26.77 -6.64
N ARG B 749 -34.81 -27.48 -6.35
CA ARG B 749 -35.23 -28.53 -7.27
C ARG B 749 -35.70 -27.92 -8.59
N GLU B 750 -36.43 -26.81 -8.52
CA GLU B 750 -36.89 -26.16 -9.75
C GLU B 750 -35.71 -25.71 -10.60
N ALA B 751 -34.61 -25.34 -9.94
CA ALA B 751 -33.43 -24.87 -10.64
C ALA B 751 -32.61 -26.00 -11.24
N GLY B 752 -32.95 -27.26 -10.95
CA GLY B 752 -32.30 -28.38 -11.59
C GLY B 752 -31.66 -29.39 -10.67
N ILE B 753 -31.67 -29.20 -9.35
CA ILE B 753 -31.15 -30.22 -8.44
C ILE B 753 -32.11 -31.40 -8.43
N PRO B 754 -31.65 -32.62 -8.75
CA PRO B 754 -32.57 -33.76 -8.80
C PRO B 754 -33.13 -34.09 -7.42
N ALA B 755 -34.33 -34.67 -7.41
CA ALA B 755 -34.95 -35.03 -6.13
C ALA B 755 -34.07 -36.00 -5.35
N SER B 756 -33.37 -36.91 -6.03
CA SER B 756 -32.50 -37.82 -5.30
C SER B 756 -31.27 -37.13 -4.72
N ALA B 757 -30.88 -35.99 -5.24
CA ALA B 757 -29.75 -35.25 -4.71
C ALA B 757 -30.11 -34.30 -3.57
N LEU B 758 -31.39 -33.98 -3.36
CA LEU B 758 -31.77 -33.04 -2.30
C LEU B 758 -33.10 -33.46 -1.70
N GLN B 759 -33.04 -34.04 -0.50
CA GLN B 759 -34.22 -34.49 0.22
C GLN B 759 -34.41 -33.65 1.46
N LEU B 760 -35.65 -33.30 1.78
CA LEU B 760 -35.97 -32.48 2.95
C LEU B 760 -36.55 -33.37 4.03
N LEU B 761 -35.99 -33.29 5.24
CA LEU B 761 -36.46 -34.10 6.37
C LEU B 761 -36.81 -33.18 7.54
N PRO B 762 -38.02 -32.63 7.58
CA PRO B 762 -38.41 -31.81 8.74
C PRO B 762 -38.50 -32.63 10.00
N GLY B 763 -38.32 -31.95 11.12
CA GLY B 763 -38.49 -32.58 12.42
C GLY B 763 -37.50 -32.02 13.42
N ASP B 764 -37.48 -32.64 14.60
CA ASP B 764 -36.69 -32.08 15.68
C ASP B 764 -35.31 -32.74 15.72
N GLY B 765 -34.61 -32.59 16.84
CA GLY B 765 -33.25 -33.09 16.94
C GLY B 765 -33.16 -34.60 16.78
N ARG B 766 -34.23 -35.33 17.07
CA ARG B 766 -34.16 -36.78 16.88
C ARG B 766 -34.00 -37.15 15.40
N VAL B 767 -34.62 -36.36 14.52
CA VAL B 767 -34.43 -36.58 13.09
C VAL B 767 -33.01 -36.26 12.70
N GLY B 768 -32.46 -35.16 13.22
CA GLY B 768 -31.07 -34.85 12.96
C GLY B 768 -30.14 -35.96 13.43
N ALA B 769 -30.38 -36.47 14.64
CA ALA B 769 -29.52 -37.52 15.17
C ALA B 769 -29.63 -38.80 14.36
N ALA B 770 -30.85 -39.13 13.91
CA ALA B 770 -31.02 -40.32 13.08
C ALA B 770 -30.25 -40.20 11.77
N LEU B 771 -30.23 -39.01 11.17
CA LEU B 771 -29.49 -38.82 9.93
C LEU B 771 -27.99 -38.94 10.15
N VAL B 772 -27.48 -38.32 11.22
CA VAL B 772 -26.05 -38.37 11.54
C VAL B 772 -25.58 -39.80 11.73
N ALA B 773 -26.42 -40.64 12.35
CA ALA B 773 -26.04 -42.01 12.70
C ALA B 773 -26.15 -42.99 11.54
N ALA B 774 -26.80 -42.60 10.45
CA ALA B 774 -27.06 -43.50 9.35
C ALA B 774 -25.74 -43.97 8.70
N ALA B 775 -25.74 -45.24 8.27
CA ALA B 775 -24.49 -45.89 7.87
C ALA B 775 -23.83 -45.18 6.68
N GLU B 776 -24.61 -44.67 5.75
CA GLU B 776 -24.06 -44.10 4.53
C GLU B 776 -23.75 -42.61 4.62
N THR B 777 -24.00 -41.97 5.77
CA THR B 777 -23.69 -40.56 5.90
C THR B 777 -22.17 -40.37 5.85
N ALA B 778 -21.71 -39.51 4.93
CA ALA B 778 -20.28 -39.35 4.65
C ALA B 778 -19.72 -38.01 5.12
N GLY B 779 -20.57 -37.11 5.59
CA GLY B 779 -20.12 -35.88 6.21
C GLY B 779 -21.31 -35.17 6.81
N VAL B 780 -21.03 -34.26 7.74
CA VAL B 780 -22.08 -33.51 8.41
C VAL B 780 -21.72 -32.03 8.41
N MET B 781 -22.68 -31.19 8.03
CA MET B 781 -22.57 -29.74 8.12
C MET B 781 -23.61 -29.28 9.13
N PHE B 782 -23.13 -28.72 10.24
CA PHE B 782 -23.97 -28.34 11.37
C PHE B 782 -23.73 -26.89 11.69
N THR B 783 -24.82 -26.15 11.87
CA THR B 783 -24.76 -24.82 12.47
C THR B 783 -25.83 -24.77 13.56
N GLY B 784 -25.45 -24.34 14.75
CA GLY B 784 -26.36 -24.44 15.89
C GLY B 784 -25.57 -24.26 17.17
N SER B 785 -26.19 -24.70 18.26
CA SER B 785 -25.59 -24.51 19.57
C SER B 785 -24.37 -25.40 19.76
N THR B 786 -23.42 -24.93 20.56
CA THR B 786 -22.23 -25.74 20.85
C THR B 786 -22.60 -27.04 21.52
N GLU B 787 -23.63 -27.01 22.39
CA GLU B 787 -24.03 -28.21 23.11
C GLU B 787 -24.50 -29.31 22.17
N VAL B 788 -25.30 -28.94 21.17
CA VAL B 788 -25.78 -29.94 20.21
C VAL B 788 -24.63 -30.43 19.34
N ALA B 789 -23.73 -29.52 18.94
CA ALA B 789 -22.58 -29.93 18.14
C ALA B 789 -21.79 -31.02 18.83
N ARG B 790 -21.64 -30.93 20.16
CA ARG B 790 -20.91 -31.94 20.91
CA ARG B 790 -20.90 -31.94 20.90
C ARG B 790 -21.56 -33.31 20.78
N LEU B 791 -22.89 -33.35 20.80
CA LEU B 791 -23.59 -34.63 20.69
C LEU B 791 -23.36 -35.26 19.31
N ILE B 792 -23.43 -34.44 18.26
CA ILE B 792 -23.16 -34.93 16.91
C ILE B 792 -21.74 -35.44 16.79
N GLN B 793 -20.79 -34.68 17.32
CA GLN B 793 -19.39 -35.07 17.28
C GLN B 793 -19.18 -36.43 17.94
N ALA B 794 -19.86 -36.67 19.08
CA ALA B 794 -19.75 -37.97 19.74
C ALA B 794 -20.34 -39.09 18.87
N GLN B 795 -21.49 -38.86 18.23
CA GLN B 795 -22.05 -39.87 17.31
C GLN B 795 -21.05 -40.24 16.22
N LEU B 796 -20.47 -39.22 15.57
CA LEU B 796 -19.59 -39.46 14.43
C LEU B 796 -18.31 -40.18 14.83
N ALA B 797 -17.82 -39.94 16.04
CA ALA B 797 -16.56 -40.53 16.47
C ALA B 797 -16.66 -42.06 16.58
N ASP B 798 -17.86 -42.62 16.65
CA ASP B 798 -17.98 -44.07 16.65
C ASP B 798 -17.81 -44.67 15.25
N ARG B 799 -17.89 -43.86 14.21
CA ARG B 799 -17.91 -44.34 12.83
C ARG B 799 -16.62 -43.96 12.09
N LEU B 800 -16.37 -44.72 11.02
CA LEU B 800 -15.35 -44.41 10.04
C LEU B 800 -15.98 -44.51 8.65
N SER B 801 -15.39 -43.81 7.70
CA SER B 801 -15.74 -43.99 6.30
C SER B 801 -15.35 -45.40 5.85
N PRO B 802 -15.91 -45.87 4.72
CA PRO B 802 -15.46 -47.17 4.19
C PRO B 802 -13.95 -47.23 3.98
N ALA B 803 -13.31 -46.10 3.71
CA ALA B 803 -11.87 -46.02 3.57
C ALA B 803 -11.14 -45.95 4.92
N GLY B 804 -11.86 -46.05 6.03
CA GLY B 804 -11.21 -46.05 7.33
C GLY B 804 -10.75 -44.70 7.84
N ARG B 805 -11.51 -43.64 7.56
CA ARG B 805 -11.12 -42.30 7.96
C ARG B 805 -12.27 -41.58 8.66
N PRO B 806 -11.97 -40.57 9.47
CA PRO B 806 -13.03 -39.87 10.19
C PRO B 806 -14.01 -39.21 9.24
N ILE B 807 -15.28 -39.23 9.63
CA ILE B 807 -16.36 -38.55 8.91
C ILE B 807 -16.21 -37.04 9.15
N PRO B 808 -16.07 -36.22 8.12
CA PRO B 808 -15.85 -34.79 8.35
C PRO B 808 -17.07 -34.12 8.95
N LEU B 809 -16.81 -33.20 9.89
CA LEU B 809 -17.85 -32.41 10.54
C LEU B 809 -17.45 -30.94 10.44
N ILE B 810 -18.30 -30.11 9.85
CA ILE B 810 -18.19 -28.66 10.00
C ILE B 810 -19.22 -28.29 11.06
N ALA B 811 -18.77 -27.71 12.17
CA ALA B 811 -19.67 -27.35 13.26
C ALA B 811 -19.46 -25.89 13.61
N GLU B 812 -20.40 -25.05 13.23
CA GLU B 812 -20.33 -23.61 13.43
C GLU B 812 -21.31 -23.25 14.53
N THR B 813 -20.79 -22.74 15.64
CA THR B 813 -21.57 -22.76 16.88
C THR B 813 -21.69 -21.38 17.53
N GLY B 814 -21.90 -21.32 18.84
CA GLY B 814 -22.35 -20.08 19.46
C GLY B 814 -21.23 -19.04 19.64
N GLY B 815 -21.62 -17.89 20.20
CA GLY B 815 -20.67 -16.84 20.50
C GLY B 815 -21.00 -16.21 21.85
N GLN B 816 -20.04 -15.45 22.36
CA GLN B 816 -20.24 -14.60 23.55
C GLN B 816 -19.59 -13.25 23.22
N ASN B 817 -20.24 -12.51 22.32
CA ASN B 817 -19.53 -11.50 21.53
C ASN B 817 -19.47 -10.16 22.25
N ALA B 818 -18.29 -9.56 22.24
CA ALA B 818 -18.03 -8.30 22.95
C ALA B 818 -17.77 -7.16 21.97
N MET B 819 -18.05 -5.96 22.44
CA MET B 819 -17.64 -4.74 21.76
C MET B 819 -16.94 -3.86 22.79
N ILE B 820 -15.72 -3.40 22.47
CA ILE B 820 -14.97 -2.52 23.34
C ILE B 820 -15.04 -1.11 22.78
N VAL B 821 -15.37 -0.14 23.64
CA VAL B 821 -15.58 1.26 23.26
C VAL B 821 -14.67 2.11 24.15
N ASP B 822 -13.79 2.92 23.54
CA ASP B 822 -12.97 3.79 24.38
C ASP B 822 -13.48 5.22 24.32
N SER B 823 -12.76 6.12 25.00
CA SER B 823 -13.26 7.49 25.14
C SER B 823 -13.10 8.32 23.88
N SER B 824 -12.47 7.78 22.83
CA SER B 824 -12.37 8.52 21.59
C SER B 824 -13.53 8.25 20.64
N ALA B 825 -14.35 7.25 20.93
CA ALA B 825 -15.46 6.90 20.05
C ALA B 825 -16.53 7.99 20.07
N LEU B 826 -17.34 8.02 19.01
CA LEU B 826 -18.46 8.96 18.91
C LEU B 826 -19.70 8.27 19.45
N ALA B 827 -20.27 8.84 20.52
CA ALA B 827 -21.35 8.15 21.24
C ALA B 827 -22.51 7.79 20.30
N GLU B 828 -22.93 8.73 19.44
CA GLU B 828 -24.07 8.46 18.59
C GLU B 828 -23.83 7.25 17.67
N GLN B 829 -22.60 7.10 17.17
CA GLN B 829 -22.26 5.95 16.33
C GLN B 829 -22.28 4.66 17.13
N VAL B 830 -21.69 4.69 18.32
CA VAL B 830 -21.72 3.53 19.20
C VAL B 830 -23.15 3.10 19.46
N VAL B 831 -24.00 4.05 19.84
CA VAL B 831 -25.37 3.69 20.23
C VAL B 831 -26.11 3.05 19.06
N GLY B 832 -26.01 3.63 17.86
CA GLY B 832 -26.65 3.01 16.70
C GLY B 832 -26.14 1.60 16.43
N ASP B 833 -24.83 1.39 16.56
CA ASP B 833 -24.28 0.07 16.28
C ASP B 833 -24.60 -0.92 17.40
N VAL B 834 -24.79 -0.44 18.63
CA VAL B 834 -25.18 -1.34 19.72
C VAL B 834 -26.62 -1.77 19.55
N ILE B 835 -27.51 -0.84 19.22
CA ILE B 835 -28.91 -1.20 19.04
C ILE B 835 -29.05 -2.22 17.92
N THR B 836 -28.37 -1.99 16.81
CA THR B 836 -28.37 -2.95 15.71
C THR B 836 -27.81 -4.30 16.17
N SER B 837 -26.64 -4.29 16.79
CA SER B 837 -25.94 -5.54 17.06
C SER B 837 -26.61 -6.33 18.18
N ALA B 838 -27.11 -5.66 19.20
CA ALA B 838 -27.62 -6.35 20.38
C ALA B 838 -29.11 -6.67 20.29
N PHE B 839 -29.91 -5.82 19.65
CA PHE B 839 -31.36 -5.93 19.79
C PHE B 839 -32.11 -6.18 18.50
N ASP B 840 -31.49 -5.94 17.34
CA ASP B 840 -32.07 -6.37 16.08
CA ASP B 840 -32.10 -6.37 16.09
C ASP B 840 -32.35 -7.86 16.13
N SER B 841 -33.49 -8.27 15.57
CA SER B 841 -33.92 -9.67 15.60
C SER B 841 -34.03 -10.18 17.02
N ALA B 842 -34.34 -9.26 17.95
CA ALA B 842 -34.38 -9.56 19.38
C ALA B 842 -33.14 -10.31 19.84
N GLY B 843 -31.99 -9.92 19.30
CA GLY B 843 -30.73 -10.53 19.67
C GLY B 843 -30.58 -11.97 19.22
N GLN B 844 -31.43 -12.44 18.32
CA GLN B 844 -31.39 -13.85 17.92
C GLN B 844 -30.51 -14.03 16.69
N ARG B 845 -29.27 -13.55 16.82
CA ARG B 845 -28.19 -13.75 15.86
CA ARG B 845 -28.20 -13.76 15.86
C ARG B 845 -27.00 -14.36 16.58
N CYS B 846 -26.33 -15.33 15.95
CA CYS B 846 -25.12 -15.85 16.57
C CYS B 846 -24.08 -14.76 16.76
N SER B 847 -24.07 -13.77 15.87
CA SER B 847 -23.16 -12.63 15.86
C SER B 847 -23.55 -11.52 16.83
N ALA B 848 -24.69 -11.64 17.50
CA ALA B 848 -25.24 -10.51 18.26
C ALA B 848 -24.31 -10.07 19.37
N LEU B 849 -24.33 -8.76 19.65
CA LEU B 849 -23.55 -8.20 20.74
C LEU B 849 -24.11 -8.63 22.10
N ARG B 850 -23.28 -9.30 22.90
CA ARG B 850 -23.66 -9.78 24.23
C ARG B 850 -23.05 -8.98 25.37
N VAL B 851 -21.85 -8.43 25.18
CA VAL B 851 -21.13 -7.74 26.26
C VAL B 851 -20.60 -6.43 25.70
N LEU B 852 -21.14 -5.31 26.17
CA LEU B 852 -20.67 -3.97 25.80
C LEU B 852 -19.70 -3.47 26.87
N CYS B 853 -18.45 -3.23 26.48
CA CYS B 853 -17.38 -2.81 27.39
C CYS B 853 -17.08 -1.33 27.16
N LEU B 854 -17.39 -0.50 28.15
CA LEU B 854 -17.32 0.95 28.00
C LEU B 854 -16.21 1.51 28.87
N GLN B 855 -15.34 2.33 28.30
CA GLN B 855 -14.34 2.99 29.12
C GLN B 855 -15.04 3.83 30.19
N GLU B 856 -14.53 3.77 31.42
CA GLU B 856 -15.30 4.26 32.56
C GLU B 856 -15.67 5.74 32.42
N ASP B 857 -14.81 6.54 31.75
CA ASP B 857 -15.01 7.98 31.65
C ASP B 857 -16.23 8.36 30.82
N VAL B 858 -16.61 7.52 29.86
CA VAL B 858 -17.69 7.83 28.94
C VAL B 858 -18.88 6.92 29.13
N ALA B 859 -18.82 6.00 30.09
CA ALA B 859 -19.85 4.97 30.21
C ALA B 859 -21.22 5.56 30.52
N ASP B 860 -21.28 6.49 31.48
CA ASP B 860 -22.58 7.03 31.87
C ASP B 860 -23.25 7.76 30.72
N ARG B 861 -22.51 8.59 29.99
CA ARG B 861 -23.13 9.34 28.89
C ARG B 861 -23.59 8.40 27.77
N ILE B 862 -22.79 7.38 27.45
CA ILE B 862 -23.22 6.45 26.41
C ILE B 862 -24.45 5.67 26.86
N LEU B 863 -24.49 5.24 28.13
CA LEU B 863 -25.64 4.45 28.58
C LEU B 863 -26.91 5.30 28.62
N THR B 864 -26.79 6.57 29.00
CA THR B 864 -27.95 7.46 28.96
C THR B 864 -28.50 7.56 27.55
N MET B 865 -27.61 7.75 26.56
CA MET B 865 -28.03 7.86 25.18
C MET B 865 -28.63 6.55 24.67
N LEU B 866 -28.00 5.43 25.04
CA LEU B 866 -28.53 4.13 24.63
C LEU B 866 -29.94 3.92 25.15
N LYS B 867 -30.16 4.24 26.44
CA LYS B 867 -31.48 4.03 27.03
C LYS B 867 -32.51 4.94 26.37
N GLY B 868 -32.13 6.17 26.03
CA GLY B 868 -33.08 7.05 25.36
C GLY B 868 -33.42 6.54 23.97
N ALA B 869 -32.42 6.01 23.25
CA ALA B 869 -32.70 5.45 21.94
C ALA B 869 -33.56 4.19 22.03
N LEU B 870 -33.35 3.37 23.07
CA LEU B 870 -34.18 2.18 23.20
C LEU B 870 -35.64 2.53 23.45
N HIS B 871 -35.91 3.65 24.11
CA HIS B 871 -37.30 4.01 24.35
C HIS B 871 -38.04 4.37 23.06
N GLU B 872 -37.34 4.58 21.96
CA GLU B 872 -37.95 4.91 20.68
C GLU B 872 -38.22 3.70 19.81
N LEU B 873 -37.92 2.49 20.28
CA LEU B 873 -38.10 1.28 19.48
C LEU B 873 -39.52 0.76 19.61
N HIS B 874 -40.04 0.22 18.50
CA HIS B 874 -41.38 -0.36 18.45
C HIS B 874 -41.24 -1.88 18.46
N ILE B 875 -41.77 -2.54 19.50
CA ILE B 875 -41.71 -3.99 19.66
C ILE B 875 -43.09 -4.56 19.34
N GLY B 876 -43.15 -5.54 18.44
CA GLY B 876 -44.43 -6.14 18.15
C GLY B 876 -44.38 -7.14 17.03
N ARG B 877 -45.57 -7.55 16.59
CA ARG B 877 -45.67 -8.44 15.44
C ARG B 877 -45.10 -7.78 14.19
N THR B 878 -44.27 -8.50 13.43
CA THR B 878 -43.37 -7.87 12.47
C THR B 878 -43.98 -7.60 11.09
N ASP B 879 -45.29 -7.79 10.92
CA ASP B 879 -45.90 -7.51 9.62
C ASP B 879 -46.32 -6.05 9.48
N ARG B 880 -45.60 -5.15 10.14
CA ARG B 880 -45.76 -3.71 10.00
C ARG B 880 -44.37 -3.13 9.82
N LEU B 881 -44.21 -2.22 8.83
CA LEU B 881 -42.93 -1.58 8.59
C LEU B 881 -42.40 -0.84 9.82
N SER B 882 -43.31 -0.32 10.66
CA SER B 882 -42.91 0.46 11.83
C SER B 882 -42.35 -0.38 12.97
N VAL B 883 -42.35 -1.72 12.88
CA VAL B 883 -41.86 -2.55 13.97
C VAL B 883 -40.35 -2.70 13.86
N ASP B 884 -39.65 -2.45 14.96
CA ASP B 884 -38.19 -2.53 15.04
C ASP B 884 -37.69 -3.85 15.62
N VAL B 885 -38.36 -4.36 16.64
CA VAL B 885 -37.93 -5.55 17.37
C VAL B 885 -39.10 -6.52 17.39
N GLY B 886 -38.86 -7.72 16.89
CA GLY B 886 -39.86 -8.77 16.86
C GLY B 886 -39.82 -9.70 18.06
N PRO B 887 -40.53 -10.82 17.95
CA PRO B 887 -40.65 -11.75 19.08
C PRO B 887 -39.43 -12.66 19.20
N VAL B 888 -39.36 -13.35 20.34
CA VAL B 888 -38.48 -14.51 20.43
C VAL B 888 -39.22 -15.73 19.89
N ILE B 889 -38.45 -16.74 19.47
CA ILE B 889 -39.02 -17.74 18.55
C ILE B 889 -40.06 -18.63 19.24
N THR B 890 -39.86 -18.96 20.52
CA THR B 890 -40.75 -19.90 21.20
C THR B 890 -40.92 -19.51 22.67
N SER B 891 -41.94 -20.08 23.31
CA SER B 891 -42.12 -19.91 24.75
CA SER B 891 -42.10 -19.88 24.75
CA SER B 891 -42.11 -19.90 24.74
C SER B 891 -40.94 -20.51 25.51
N GLU B 892 -40.40 -21.63 25.03
CA GLU B 892 -39.25 -22.24 25.68
C GLU B 892 -38.04 -21.30 25.64
N ALA B 893 -37.80 -20.68 24.49
CA ALA B 893 -36.71 -19.71 24.39
C ALA B 893 -36.94 -18.54 25.33
N LYS B 894 -38.18 -18.01 25.36
CA LYS B 894 -38.49 -16.92 26.28
C LYS B 894 -38.23 -17.32 27.73
N ASP B 895 -38.63 -18.53 28.14
CA ASP B 895 -38.37 -18.98 29.50
C ASP B 895 -36.88 -19.06 29.80
N ASN B 896 -36.09 -19.54 28.83
CA ASN B 896 -34.65 -19.66 29.02
CA ASN B 896 -34.65 -19.66 29.00
C ASN B 896 -34.02 -18.29 29.21
N ILE B 897 -34.41 -17.33 28.38
CA ILE B 897 -33.87 -15.97 28.49
C ILE B 897 -34.26 -15.36 29.84
N GLU B 898 -35.55 -15.48 30.20
CA GLU B 898 -36.02 -14.88 31.45
C GLU B 898 -35.39 -15.54 32.67
N LYS B 899 -35.08 -16.83 32.59
CA LYS B 899 -34.38 -17.49 33.70
C LYS B 899 -33.01 -16.85 33.93
N HIS B 900 -32.31 -16.51 32.85
CA HIS B 900 -31.02 -15.84 33.00
C HIS B 900 -31.20 -14.45 33.61
N ILE B 901 -32.16 -13.68 33.10
CA ILE B 901 -32.41 -12.34 33.62
C ILE B 901 -32.72 -12.41 35.11
N GLU B 902 -33.55 -13.36 35.51
CA GLU B 902 -33.89 -13.45 36.92
C GLU B 902 -32.71 -13.98 37.75
N ARG B 903 -31.85 -14.80 37.15
CA ARG B 903 -30.64 -15.20 37.87
C ARG B 903 -29.74 -14.00 38.12
N MET B 904 -29.58 -13.12 37.13
CA MET B 904 -28.77 -11.92 37.33
C MET B 904 -29.41 -10.98 38.34
N ARG B 905 -30.73 -10.85 38.30
CA ARG B 905 -31.41 -10.00 39.26
C ARG B 905 -31.23 -10.52 40.67
N GLY B 906 -31.36 -11.84 40.86
CA GLY B 906 -31.20 -12.42 42.18
C GLY B 906 -29.80 -12.28 42.75
N LEU B 907 -28.78 -12.21 41.89
CA LEU B 907 -27.42 -11.94 42.34
C LEU B 907 -27.19 -10.48 42.69
N GLY B 908 -28.17 -9.60 42.47
CA GLY B 908 -28.05 -8.20 42.80
C GLY B 908 -27.57 -7.31 41.68
N ARG B 909 -27.39 -7.84 40.47
CA ARG B 909 -26.96 -7.01 39.37
C ARG B 909 -28.09 -6.06 38.95
N LYS B 910 -27.70 -4.89 38.48
CA LYS B 910 -28.67 -3.93 37.96
C LYS B 910 -29.22 -4.43 36.63
N VAL B 911 -30.54 -4.57 36.56
CA VAL B 911 -31.27 -5.03 35.38
C VAL B 911 -32.29 -3.96 35.01
N GLU B 912 -32.28 -3.53 33.75
CA GLU B 912 -33.25 -2.57 33.23
C GLU B 912 -33.86 -3.11 31.95
N GLN B 913 -35.18 -2.97 31.84
CA GLN B 913 -35.89 -3.37 30.64
C GLN B 913 -36.74 -2.23 30.13
N ILE B 914 -36.95 -2.18 28.82
CA ILE B 914 -37.98 -1.28 28.32
C ILE B 914 -39.34 -1.97 28.32
N GLY B 915 -40.39 -1.22 27.97
CA GLY B 915 -41.74 -1.75 28.05
C GLY B 915 -42.17 -2.49 26.79
N LEU B 916 -43.27 -3.23 26.92
CA LEU B 916 -43.87 -3.96 25.82
C LEU B 916 -45.33 -3.56 25.70
N ALA B 917 -45.81 -3.48 24.46
CA ALA B 917 -47.23 -3.22 24.21
C ALA B 917 -48.08 -4.38 24.71
N SER B 918 -49.31 -4.08 25.13
CA SER B 918 -50.21 -5.15 25.58
C SER B 918 -50.50 -6.13 24.45
N GLU B 919 -50.41 -5.67 23.20
CA GLU B 919 -50.61 -6.53 22.03
C GLU B 919 -49.55 -7.62 21.92
N THR B 920 -48.48 -7.55 22.70
CA THR B 920 -47.48 -8.61 22.65
C THR B 920 -47.97 -9.88 23.34
N GLY B 921 -48.99 -9.78 24.20
CA GLY B 921 -49.46 -10.92 24.99
C GLY B 921 -49.91 -12.12 24.19
N VAL B 922 -50.21 -11.94 22.89
CA VAL B 922 -50.62 -13.07 22.06
C VAL B 922 -49.43 -13.78 21.44
N GLY B 923 -48.22 -13.26 21.59
CA GLY B 923 -47.02 -13.92 21.09
C GLY B 923 -45.99 -14.06 22.19
N THR B 924 -44.75 -14.41 21.85
CA THR B 924 -43.69 -14.60 22.85
C THR B 924 -42.65 -13.51 22.64
N PHE B 925 -42.67 -12.49 23.50
CA PHE B 925 -41.74 -11.37 23.41
C PHE B 925 -40.92 -11.23 24.69
N VAL B 926 -39.68 -10.78 24.53
CA VAL B 926 -38.82 -10.30 25.61
C VAL B 926 -38.33 -8.91 25.24
N PRO B 927 -38.49 -7.91 26.09
CA PRO B 927 -38.04 -6.56 25.74
C PRO B 927 -36.53 -6.44 25.82
N PRO B 928 -35.94 -5.51 25.06
CA PRO B 928 -34.52 -5.19 25.25
C PRO B 928 -34.16 -4.98 26.71
N THR B 929 -33.12 -5.69 27.13
CA THR B 929 -32.72 -5.77 28.53
C THR B 929 -31.25 -5.39 28.63
N ILE B 930 -30.91 -4.59 29.63
CA ILE B 930 -29.52 -4.20 29.88
C ILE B 930 -29.17 -4.65 31.29
N ILE B 931 -28.06 -5.37 31.44
CA ILE B 931 -27.64 -5.90 32.73
C ILE B 931 -26.20 -5.48 32.99
N GLU B 932 -25.96 -4.89 34.17
CA GLU B 932 -24.61 -4.42 34.48
C GLU B 932 -23.85 -5.54 35.19
N LEU B 933 -22.69 -5.90 34.64
CA LEU B 933 -21.87 -6.96 35.22
C LEU B 933 -20.73 -6.36 36.03
N GLU B 934 -20.30 -7.13 37.03
CA GLU B 934 -19.08 -6.79 37.76
C GLU B 934 -17.85 -7.33 37.03
N LYS B 935 -17.97 -8.53 36.45
CA LYS B 935 -16.88 -9.17 35.75
C LYS B 935 -17.47 -9.97 34.60
N LEU B 936 -16.69 -10.14 33.53
CA LEU B 936 -17.20 -10.92 32.41
C LEU B 936 -17.47 -12.36 32.83
N SER B 937 -16.75 -12.86 33.83
CA SER B 937 -16.97 -14.22 34.31
C SER B 937 -18.33 -14.39 34.99
N ASP B 938 -19.08 -13.31 35.21
CA ASP B 938 -20.47 -13.44 35.65
C ASP B 938 -21.31 -14.22 34.65
N LEU B 939 -20.91 -14.23 33.38
CA LEU B 939 -21.65 -14.92 32.33
C LEU B 939 -21.13 -16.33 32.17
N GLN B 940 -22.05 -17.31 32.16
CA GLN B 940 -21.69 -18.72 32.07
C GLN B 940 -22.00 -19.34 30.72
N ARG B 941 -22.87 -18.71 29.93
CA ARG B 941 -23.46 -19.38 28.78
C ARG B 941 -23.96 -18.33 27.81
N GLU B 942 -24.02 -18.70 26.53
CA GLU B 942 -24.64 -17.85 25.53
C GLU B 942 -26.12 -17.74 25.81
N VAL B 943 -26.62 -16.51 25.95
CA VAL B 943 -28.04 -16.25 26.19
C VAL B 943 -28.62 -15.66 24.92
N PHE B 944 -29.43 -16.44 24.21
CA PHE B 944 -29.78 -16.15 22.81
C PHE B 944 -31.06 -15.33 22.79
N GLY B 945 -30.93 -14.05 23.12
CA GLY B 945 -32.08 -13.18 23.23
C GLY B 945 -31.63 -11.74 23.36
N PRO B 946 -32.56 -10.84 23.61
CA PRO B 946 -32.24 -9.40 23.56
C PRO B 946 -31.69 -8.90 24.90
N VAL B 947 -30.58 -9.48 25.33
CA VAL B 947 -30.02 -9.20 26.65
C VAL B 947 -28.59 -8.72 26.48
N LEU B 948 -28.36 -7.43 26.73
CA LEU B 948 -27.04 -6.81 26.62
C LEU B 948 -26.42 -6.69 28.00
N HIS B 949 -25.19 -7.16 28.15
CA HIS B 949 -24.49 -7.04 29.41
C HIS B 949 -23.47 -5.91 29.29
N VAL B 950 -23.28 -5.14 30.35
CA VAL B 950 -22.41 -3.96 30.31
C VAL B 950 -21.30 -4.10 31.33
N ILE B 951 -20.07 -3.84 30.88
CA ILE B 951 -18.87 -3.83 31.72
C ILE B 951 -18.22 -2.46 31.59
N ARG B 952 -17.79 -1.88 32.72
CA ARG B 952 -16.99 -0.65 32.69
C ARG B 952 -15.53 -0.98 32.94
N TYR B 953 -14.62 -0.33 32.22
CA TYR B 953 -13.21 -0.63 32.42
C TYR B 953 -12.36 0.63 32.44
N ARG B 954 -11.22 0.55 33.12
CA ARG B 954 -10.21 1.61 33.11
C ARG B 954 -9.26 1.35 31.96
N ARG B 955 -8.80 2.43 31.31
CA ARG B 955 -7.98 2.27 30.11
C ARG B 955 -6.72 1.47 30.40
N ASP B 956 -6.14 1.65 31.60
CA ASP B 956 -4.96 0.88 31.97
C ASP B 956 -5.21 -0.62 31.97
N ASP B 957 -6.46 -1.04 32.12
CA ASP B 957 -6.81 -2.45 32.21
C ASP B 957 -7.25 -3.05 30.88
N LEU B 958 -6.99 -2.36 29.77
CA LEU B 958 -7.50 -2.83 28.48
C LEU B 958 -6.95 -4.21 28.13
N ASP B 959 -5.66 -4.44 28.35
CA ASP B 959 -5.11 -5.74 27.98
C ASP B 959 -5.76 -6.85 28.78
N ARG B 960 -5.99 -6.62 30.08
CA ARG B 960 -6.69 -7.61 30.90
C ARG B 960 -8.13 -7.80 30.45
N LEU B 961 -8.79 -6.73 30.01
CA LEU B 961 -10.15 -6.85 29.49
C LEU B 961 -10.18 -7.76 28.26
N VAL B 962 -9.21 -7.60 27.36
CA VAL B 962 -9.14 -8.49 26.20
C VAL B 962 -8.99 -9.93 26.66
N ASP B 963 -8.13 -10.18 27.66
CA ASP B 963 -8.01 -11.53 28.24
C ASP B 963 -9.35 -12.03 28.73
N ASP B 964 -10.12 -11.18 29.41
CA ASP B 964 -11.42 -11.57 29.93
C ASP B 964 -12.37 -11.94 28.79
N VAL B 965 -12.32 -11.19 27.68
CA VAL B 965 -13.19 -11.55 26.56
C VAL B 965 -12.80 -12.91 26.00
N ASN B 966 -11.49 -13.14 25.83
CA ASN B 966 -11.01 -14.42 25.29
C ASN B 966 -11.30 -15.57 26.25
N ALA B 967 -11.37 -15.31 27.56
CA ALA B 967 -11.47 -16.35 28.56
C ALA B 967 -12.80 -17.09 28.55
N THR B 968 -13.82 -16.57 27.87
CA THR B 968 -15.07 -17.31 27.76
C THR B 968 -14.91 -18.60 26.98
N GLY B 969 -13.87 -18.69 26.13
CA GLY B 969 -13.69 -19.83 25.28
C GLY B 969 -14.33 -19.69 23.92
N TYR B 970 -15.21 -18.71 23.75
CA TYR B 970 -15.82 -18.36 22.47
C TYR B 970 -14.90 -17.46 21.65
N GLY B 971 -15.26 -17.25 20.39
CA GLY B 971 -14.43 -16.46 19.49
C GLY B 971 -15.11 -16.26 18.15
N LEU B 972 -16.32 -15.70 18.17
CA LEU B 972 -17.09 -15.53 16.94
C LEU B 972 -16.96 -14.08 16.46
N THR B 973 -17.81 -13.16 16.90
CA THR B 973 -17.66 -11.77 16.49
C THR B 973 -17.10 -10.88 17.60
N PHE B 974 -16.50 -9.76 17.19
CA PHE B 974 -15.91 -8.83 18.14
C PHE B 974 -15.87 -7.45 17.49
N GLY B 975 -16.24 -6.42 18.26
CA GLY B 975 -16.21 -5.06 17.79
C GLY B 975 -15.34 -4.14 18.63
N LEU B 976 -14.81 -3.11 17.98
CA LEU B 976 -13.96 -2.11 18.62
C LEU B 976 -14.35 -0.75 18.05
N HIS B 977 -14.75 0.18 18.92
CA HIS B 977 -15.00 1.57 18.54
C HIS B 977 -13.91 2.44 19.14
N THR B 978 -13.07 2.99 18.28
CA THR B 978 -11.98 3.87 18.70
C THR B 978 -11.51 4.62 17.47
N ARG B 979 -10.97 5.81 17.69
CA ARG B 979 -10.33 6.50 16.59
C ARG B 979 -8.82 6.38 16.62
N LEU B 980 -8.27 5.59 17.53
CA LEU B 980 -6.83 5.63 17.82
C LEU B 980 -6.13 4.40 17.26
N ASP B 981 -5.16 4.62 16.36
CA ASP B 981 -4.47 3.50 15.71
C ASP B 981 -3.77 2.60 16.71
N GLU B 982 -3.15 3.17 17.75
CA GLU B 982 -2.44 2.33 18.72
C GLU B 982 -3.40 1.37 19.39
N THR B 983 -4.61 1.85 19.75
CA THR B 983 -5.61 0.98 20.36
C THR B 983 -6.08 -0.10 19.38
N ILE B 984 -6.29 0.25 18.12
CA ILE B 984 -6.70 -0.73 17.12
C ILE B 984 -5.65 -1.83 16.98
N ALA B 985 -4.37 -1.44 16.87
CA ALA B 985 -3.32 -2.44 16.71
C ALA B 985 -3.20 -3.33 17.95
N HIS B 986 -3.29 -2.72 19.14
CA HIS B 986 -3.20 -3.50 20.37
C HIS B 986 -4.34 -4.51 20.45
N VAL B 987 -5.57 -4.03 20.30
CA VAL B 987 -6.71 -4.90 20.55
C VAL B 987 -6.83 -5.99 19.48
N THR B 988 -6.66 -5.64 18.20
CA THR B 988 -6.78 -6.64 17.15
C THR B 988 -5.62 -7.65 17.18
N SER B 989 -4.48 -7.28 17.74
CA SER B 989 -3.40 -8.26 17.88
C SER B 989 -3.63 -9.24 19.02
N ARG B 990 -4.49 -8.92 19.99
CA ARG B 990 -4.64 -9.76 21.18
C ARG B 990 -5.97 -10.50 21.24
N ILE B 991 -7.02 -9.97 20.60
CA ILE B 991 -8.32 -10.64 20.61
C ILE B 991 -8.25 -11.90 19.76
N LYS B 992 -8.99 -12.93 20.15
CA LYS B 992 -9.01 -14.20 19.43
C LYS B 992 -10.43 -14.48 18.95
N ALA B 993 -10.81 -13.85 17.85
CA ALA B 993 -12.14 -14.05 17.30
C ALA B 993 -12.04 -14.12 15.78
N GLY B 994 -13.00 -14.80 15.16
CA GLY B 994 -12.93 -15.01 13.72
C GLY B 994 -13.42 -13.87 12.86
N ASN B 995 -14.28 -13.00 13.39
CA ASN B 995 -14.83 -11.87 12.66
C ASN B 995 -14.69 -10.62 13.53
N LEU B 996 -13.86 -9.68 13.07
CA LEU B 996 -13.60 -8.42 13.77
C LEU B 996 -14.26 -7.29 13.00
N TYR B 997 -14.71 -6.27 13.74
CA TYR B 997 -15.40 -5.12 13.13
C TYR B 997 -14.92 -3.85 13.82
N ILE B 998 -14.46 -2.86 13.05
CA ILE B 998 -13.92 -1.62 13.61
C ILE B 998 -14.85 -0.47 13.24
N ASN B 999 -15.40 0.20 14.26
CA ASN B 999 -16.22 1.41 14.07
C ASN B 999 -17.49 1.14 13.24
N ARG B 1000 -18.09 -0.03 13.44
CA ARG B 1000 -19.33 -0.42 12.78
C ARG B 1000 -20.04 -1.46 13.66
N ASN B 1001 -21.19 -1.94 13.19
CA ASN B 1001 -21.85 -3.01 13.93
C ASN B 1001 -21.06 -4.32 13.77
N ILE B 1002 -21.44 -5.33 14.56
CA ILE B 1002 -20.68 -6.59 14.57
C ILE B 1002 -21.48 -7.75 13.99
N ILE B 1003 -22.48 -7.48 13.15
CA ILE B 1003 -23.31 -8.54 12.62
C ILE B 1003 -23.09 -8.76 11.12
N GLY B 1004 -22.04 -8.19 10.55
CA GLY B 1004 -21.78 -8.32 9.12
C GLY B 1004 -21.32 -9.72 8.75
N ALA B 1005 -21.99 -10.32 7.76
CA ALA B 1005 -21.58 -11.62 7.26
C ALA B 1005 -21.74 -11.67 5.74
N VAL B 1006 -21.41 -10.55 5.08
CA VAL B 1006 -21.57 -10.49 3.62
C VAL B 1006 -20.69 -11.57 2.96
N VAL B 1007 -21.32 -12.41 2.14
CA VAL B 1007 -20.63 -13.57 1.58
C VAL B 1007 -19.45 -13.12 0.73
N GLY B 1008 -18.28 -13.73 0.96
CA GLY B 1008 -17.09 -13.37 0.21
C GLY B 1008 -16.54 -11.99 0.50
N VAL B 1009 -17.08 -11.29 1.48
CA VAL B 1009 -16.59 -9.98 1.90
C VAL B 1009 -16.22 -9.98 3.38
N GLN B 1010 -17.13 -10.45 4.24
CA GLN B 1010 -16.80 -10.95 5.58
C GLN B 1010 -17.07 -12.46 5.66
N PRO B 1011 -16.22 -13.30 5.09
CA PRO B 1011 -16.31 -14.75 5.35
C PRO B 1011 -16.51 -14.94 6.84
N PHE B 1012 -17.49 -15.77 7.21
CA PHE B 1012 -18.02 -15.73 8.56
C PHE B 1012 -17.77 -17.04 9.30
N GLY B 1013 -17.25 -16.96 10.50
CA GLY B 1013 -17.09 -18.13 11.35
C GLY B 1013 -15.95 -17.89 12.32
N GLY B 1014 -16.04 -18.58 13.46
CA GLY B 1014 -15.08 -18.36 14.51
C GLY B 1014 -14.37 -19.61 14.98
N ARG B 1015 -13.72 -19.50 16.13
CA ARG B 1015 -12.79 -20.48 16.67
C ARG B 1015 -13.19 -20.81 18.10
N GLY B 1016 -12.45 -21.73 18.72
CA GLY B 1016 -12.81 -22.09 20.09
C GLY B 1016 -14.17 -22.76 20.13
N LEU B 1017 -14.98 -22.35 21.11
CA LEU B 1017 -16.34 -22.86 21.24
C LEU B 1017 -17.26 -22.38 20.14
N SER B 1018 -16.78 -21.51 19.25
CA SER B 1018 -17.59 -20.93 18.20
C SER B 1018 -17.49 -21.65 16.87
N GLY B 1019 -16.52 -22.53 16.69
CA GLY B 1019 -16.52 -23.21 15.41
C GLY B 1019 -15.32 -24.12 15.19
N THR B 1020 -15.50 -25.08 14.28
CA THR B 1020 -14.39 -25.83 13.71
C THR B 1020 -13.75 -25.15 12.51
N GLY B 1021 -14.49 -24.30 11.81
CA GLY B 1021 -14.12 -23.90 10.48
C GLY B 1021 -14.25 -25.06 9.50
N PRO B 1022 -13.98 -24.81 8.21
CA PRO B 1022 -13.63 -23.51 7.65
C PRO B 1022 -14.84 -22.56 7.60
N LYS B 1023 -14.57 -21.29 7.32
CA LYS B 1023 -15.61 -20.27 7.32
C LYS B 1023 -16.60 -20.47 6.16
N ALA B 1024 -17.89 -20.44 6.50
CA ALA B 1024 -18.91 -20.26 5.47
C ALA B 1024 -18.70 -18.93 4.74
N GLY B 1025 -19.02 -18.92 3.45
CA GLY B 1025 -18.85 -17.70 2.68
C GLY B 1025 -17.40 -17.32 2.44
N GLY B 1026 -16.48 -18.27 2.57
CA GLY B 1026 -15.07 -18.03 2.33
C GLY B 1026 -14.48 -19.12 1.47
N PRO B 1027 -13.21 -18.96 1.10
CA PRO B 1027 -12.63 -19.74 0.00
C PRO B 1027 -12.13 -21.12 0.40
N LEU B 1028 -12.11 -21.45 1.69
CA LEU B 1028 -11.68 -22.78 2.13
C LEU B 1028 -12.85 -23.75 2.26
N TYR B 1029 -14.08 -23.25 2.16
CA TYR B 1029 -15.26 -24.02 2.56
C TYR B 1029 -15.47 -25.25 1.68
N LEU B 1030 -15.53 -25.05 0.35
CA LEU B 1030 -15.83 -26.16 -0.54
C LEU B 1030 -14.81 -27.28 -0.41
N GLY B 1031 -13.56 -26.93 -0.11
CA GLY B 1031 -12.52 -27.94 -0.03
C GLY B 1031 -12.72 -28.96 1.08
N ARG B 1032 -13.54 -28.63 2.08
CA ARG B 1032 -13.85 -29.58 3.14
C ARG B 1032 -14.85 -30.64 2.70
N LEU B 1033 -15.52 -30.43 1.57
CA LEU B 1033 -16.63 -31.26 1.11
C LEU B 1033 -16.24 -32.16 -0.03
N VAL B 1034 -14.94 -32.29 -0.32
CA VAL B 1034 -14.42 -33.20 -1.32
C VAL B 1034 -13.29 -33.99 -0.66
N THR B 1035 -12.91 -35.11 -1.29
CA THR B 1035 -11.92 -35.97 -0.65
C THR B 1035 -10.50 -35.45 -0.81
N THR B 1036 -10.25 -34.64 -1.84
CA THR B 1036 -8.97 -33.98 -2.06
C THR B 1036 -9.25 -32.49 -2.25
N ALA B 1037 -8.74 -31.67 -1.34
CA ALA B 1037 -9.06 -30.25 -1.39
C ALA B 1037 -8.34 -29.56 -2.55
N PRO B 1038 -9.00 -28.66 -3.26
CA PRO B 1038 -8.32 -27.86 -4.29
C PRO B 1038 -7.54 -26.71 -3.66
N VAL B 1039 -6.79 -26.03 -4.53
CA VAL B 1039 -6.11 -24.79 -4.16
C VAL B 1039 -7.08 -23.64 -4.38
N PRO B 1040 -7.55 -22.96 -3.35
CA PRO B 1040 -8.51 -21.87 -3.55
C PRO B 1040 -7.90 -20.70 -4.29
N PRO B 1041 -8.72 -19.86 -4.93
CA PRO B 1041 -8.23 -18.61 -5.50
C PRO B 1041 -7.46 -17.80 -4.46
N GLN B 1042 -6.33 -17.23 -4.91
CA GLN B 1042 -5.51 -16.31 -4.13
C GLN B 1042 -4.86 -16.94 -2.91
N HIS B 1043 -4.90 -18.28 -2.79
CA HIS B 1043 -4.47 -18.96 -1.56
C HIS B 1043 -3.00 -19.34 -1.67
N SER B 1044 -2.13 -18.45 -1.20
CA SER B 1044 -0.69 -18.68 -1.16
C SER B 1044 -0.08 -17.66 -0.22
N SER B 1045 1.19 -17.86 0.11
CA SER B 1045 1.92 -16.91 0.93
C SER B 1045 3.40 -16.98 0.60
N VAL B 1046 4.04 -15.82 0.55
CA VAL B 1046 5.49 -15.81 0.30
C VAL B 1046 6.29 -16.01 1.57
N HIS B 1047 5.63 -16.07 2.72
CA HIS B 1047 6.35 -16.21 3.96
CA HIS B 1047 6.28 -16.21 4.02
C HIS B 1047 6.55 -17.68 4.32
N THR B 1048 7.72 -17.96 4.89
CA THR B 1048 8.06 -19.30 5.35
C THR B 1048 8.29 -19.26 6.85
N ASP B 1049 7.61 -20.15 7.58
CA ASP B 1049 7.74 -20.16 9.02
C ASP B 1049 9.20 -20.44 9.40
N PRO B 1050 9.81 -19.61 10.27
CA PRO B 1050 11.24 -19.78 10.56
C PRO B 1050 11.53 -21.01 11.38
N VAL B 1051 10.59 -21.46 12.22
CA VAL B 1051 10.81 -22.68 12.99
C VAL B 1051 10.76 -23.89 12.06
N LEU B 1052 9.83 -23.88 11.11
CA LEU B 1052 9.82 -24.91 10.07
C LEU B 1052 11.18 -25.01 9.40
N LEU B 1053 11.79 -23.86 9.06
CA LEU B 1053 13.09 -23.87 8.40
C LEU B 1053 14.16 -24.52 9.28
N ASP B 1054 14.19 -24.17 10.57
CA ASP B 1054 15.16 -24.79 11.47
C ASP B 1054 14.92 -26.28 11.59
N PHE B 1055 13.65 -26.71 11.57
CA PHE B 1055 13.32 -28.13 11.62
C PHE B 1055 13.87 -28.86 10.40
N ALA B 1056 13.70 -28.29 9.21
CA ALA B 1056 14.23 -28.94 8.02
C ALA B 1056 15.76 -29.06 8.07
N LYS B 1057 16.44 -28.01 8.56
CA LYS B 1057 17.90 -28.10 8.70
C LYS B 1057 18.29 -29.22 9.65
N TRP B 1058 17.58 -29.33 10.78
CA TRP B 1058 17.85 -30.40 11.73
C TRP B 1058 17.66 -31.77 11.07
N LEU B 1059 16.57 -31.94 10.31
CA LEU B 1059 16.32 -33.21 9.64
C LEU B 1059 17.42 -33.56 8.66
N ASP B 1060 17.85 -32.59 7.85
CA ASP B 1060 19.00 -32.83 6.97
C ASP B 1060 20.23 -33.24 7.77
N GLY B 1061 20.47 -32.57 8.91
CA GLY B 1061 21.64 -32.87 9.71
C GLY B 1061 21.71 -34.31 10.15
N LYS B 1062 20.56 -34.93 10.44
CA LYS B 1062 20.52 -36.33 10.85
C LYS B 1062 20.21 -37.27 9.70
N GLY B 1063 20.24 -36.79 8.46
CA GLY B 1063 20.12 -37.66 7.31
C GLY B 1063 18.73 -38.14 7.00
N ALA B 1064 17.70 -37.43 7.45
CA ALA B 1064 16.33 -37.79 7.10
C ALA B 1064 15.92 -37.01 5.86
N ARG B 1065 16.46 -37.46 4.71
CA ARG B 1065 16.36 -36.69 3.48
C ARG B 1065 14.93 -36.59 2.98
N ALA B 1066 14.21 -37.71 2.99
CA ALA B 1066 12.80 -37.68 2.58
C ALA B 1066 12.00 -36.73 3.46
N GLU B 1067 12.26 -36.74 4.77
CA GLU B 1067 11.47 -35.92 5.67
C GLU B 1067 11.85 -34.45 5.57
N ALA B 1068 13.15 -34.16 5.44
CA ALA B 1068 13.56 -32.78 5.26
C ALA B 1068 12.94 -32.19 3.99
N GLU B 1069 12.87 -33.00 2.94
CA GLU B 1069 12.21 -32.58 1.69
C GLU B 1069 10.73 -32.33 1.91
N ALA B 1070 10.05 -33.23 2.64
CA ALA B 1070 8.65 -33.00 2.95
C ALA B 1070 8.47 -31.72 3.77
N ALA B 1071 9.41 -31.45 4.69
CA ALA B 1071 9.30 -30.24 5.52
C ALA B 1071 9.42 -28.99 4.66
N ARG B 1072 10.40 -28.96 3.75
CA ARG B 1072 10.57 -27.80 2.88
CA ARG B 1072 10.56 -27.79 2.88
C ARG B 1072 9.35 -27.61 2.00
N ASN B 1073 8.79 -28.71 1.48
CA ASN B 1073 7.58 -28.60 0.66
C ASN B 1073 6.42 -28.05 1.46
N ALA B 1074 6.27 -28.47 2.72
CA ALA B 1074 5.20 -27.93 3.54
C ALA B 1074 5.40 -26.44 3.80
N GLY B 1075 6.63 -26.03 4.07
CA GLY B 1075 6.88 -24.61 4.30
C GLY B 1075 6.46 -23.76 3.11
N SER B 1076 6.63 -24.28 1.90
CA SER B 1076 6.27 -23.52 0.71
C SER B 1076 4.77 -23.52 0.46
N SER B 1077 4.13 -24.68 0.58
CA SER B 1077 2.71 -24.76 0.26
C SER B 1077 1.81 -24.18 1.36
N SER B 1078 2.35 -23.97 2.56
CA SER B 1078 1.56 -23.33 3.61
C SER B 1078 1.15 -21.94 3.16
N ALA B 1079 -0.10 -21.57 3.46
CA ALA B 1079 -0.58 -20.23 3.17
C ALA B 1079 -0.59 -19.34 4.41
N LEU B 1080 0.10 -19.77 5.47
CA LEU B 1080 0.27 -18.93 6.65
C LEU B 1080 0.84 -17.58 6.26
N GLY B 1081 0.18 -16.50 6.69
CA GLY B 1081 0.63 -15.17 6.40
C GLY B 1081 -0.09 -14.51 5.23
N LEU B 1082 -0.98 -15.26 4.55
CA LEU B 1082 -1.84 -14.64 3.55
CA LEU B 1082 -1.84 -14.64 3.55
C LEU B 1082 -2.56 -13.44 4.15
N ASP B 1083 -2.65 -12.36 3.37
CA ASP B 1083 -3.20 -11.10 3.88
C ASP B 1083 -3.81 -10.37 2.68
N LEU B 1084 -5.13 -10.41 2.55
CA LEU B 1084 -5.83 -9.95 1.36
C LEU B 1084 -6.84 -8.89 1.73
N GLU B 1085 -7.09 -7.97 0.80
CA GLU B 1085 -8.26 -7.11 0.87
C GLU B 1085 -9.29 -7.62 -0.13
N LEU B 1086 -10.50 -7.89 0.35
CA LEU B 1086 -11.58 -8.42 -0.48
C LEU B 1086 -12.44 -7.30 -1.06
N PRO B 1087 -12.85 -7.44 -2.31
CA PRO B 1087 -13.69 -6.40 -2.94
C PRO B 1087 -15.01 -6.24 -2.22
N GLY B 1088 -15.44 -5.00 -2.06
CA GLY B 1088 -16.67 -4.72 -1.37
C GLY B 1088 -17.12 -3.29 -1.60
N PRO B 1089 -17.98 -2.79 -0.73
CA PRO B 1089 -18.50 -1.42 -0.92
C PRO B 1089 -17.46 -0.37 -0.59
N VAL B 1090 -17.65 0.81 -1.17
CA VAL B 1090 -16.80 1.95 -0.79
C VAL B 1090 -17.01 2.27 0.69
N GLY B 1091 -16.02 2.93 1.28
CA GLY B 1091 -16.16 3.34 2.66
C GLY B 1091 -15.97 2.24 3.67
N GLU B 1092 -15.43 1.10 3.23
CA GLU B 1092 -15.14 -0.05 4.06
C GLU B 1092 -13.86 -0.69 3.54
N ARG B 1093 -13.07 -1.24 4.45
CA ARG B 1093 -11.97 -2.11 4.07
C ARG B 1093 -12.24 -3.47 4.69
N ASN B 1094 -12.31 -4.49 3.84
CA ASN B 1094 -12.65 -5.83 4.30
C ASN B 1094 -11.44 -6.73 4.06
N LEU B 1095 -10.85 -7.21 5.15
CA LEU B 1095 -9.56 -7.89 5.13
C LEU B 1095 -9.73 -9.36 5.49
N TYR B 1096 -8.86 -10.19 4.93
CA TYR B 1096 -8.93 -11.63 5.17
C TYR B 1096 -7.50 -12.15 5.34
N THR B 1097 -7.24 -12.84 6.45
CA THR B 1097 -5.87 -13.18 6.81
C THR B 1097 -5.83 -14.59 7.35
N LEU B 1098 -4.72 -15.29 7.09
CA LEU B 1098 -4.52 -16.65 7.60
C LEU B 1098 -3.44 -16.65 8.67
N HIS B 1099 -3.79 -17.14 9.85
CA HIS B 1099 -2.93 -17.20 11.02
C HIS B 1099 -2.73 -18.65 11.43
N ALA B 1100 -1.81 -18.87 12.38
CA ALA B 1100 -1.70 -20.20 12.98
C ALA B 1100 -2.97 -20.53 13.74
N ARG B 1101 -3.30 -21.84 13.79
CA ARG B 1101 -4.45 -22.27 14.58
C ARG B 1101 -4.18 -22.18 16.08
N GLY B 1102 -2.96 -22.49 16.51
CA GLY B 1102 -2.62 -22.55 17.92
C GLY B 1102 -1.76 -23.75 18.26
N ARG B 1103 -2.20 -24.57 19.20
CA ARG B 1103 -1.46 -25.77 19.59
C ARG B 1103 -2.19 -26.99 19.05
N ILE B 1104 -1.48 -27.81 18.26
CA ILE B 1104 -2.07 -28.94 17.57
C ILE B 1104 -1.69 -30.20 18.33
N LEU B 1105 -2.67 -31.06 18.60
CA LEU B 1105 -2.39 -32.36 19.22
C LEU B 1105 -1.87 -33.33 18.15
N LEU B 1106 -0.68 -33.88 18.38
CA LEU B 1106 -0.06 -34.83 17.48
C LEU B 1106 -0.14 -36.22 18.11
N VAL B 1107 -0.74 -37.16 17.38
CA VAL B 1107 -0.84 -38.53 17.83
C VAL B 1107 -0.11 -39.40 16.82
N PRO B 1108 1.23 -39.48 16.87
CA PRO B 1108 1.97 -40.29 15.91
C PRO B 1108 2.01 -41.76 16.29
N ALA B 1109 2.36 -42.58 15.32
CA ALA B 1109 2.66 -43.99 15.53
C ALA B 1109 4.11 -44.32 15.26
N THR B 1110 4.73 -43.69 14.27
CA THR B 1110 6.10 -43.97 13.87
C THR B 1110 6.92 -42.69 13.88
N GLU B 1111 8.24 -42.86 13.88
CA GLU B 1111 9.15 -41.73 13.87
C GLU B 1111 8.96 -40.87 12.62
N SER B 1112 8.92 -41.51 11.45
CA SER B 1112 8.68 -40.78 10.21
C SER B 1112 7.34 -40.06 10.23
N GLY B 1113 6.28 -40.74 10.74
CA GLY B 1113 4.99 -40.09 10.86
C GLY B 1113 5.03 -38.85 11.73
N LEU B 1114 5.75 -38.93 12.86
CA LEU B 1114 5.91 -37.77 13.74
C LEU B 1114 6.62 -36.63 13.00
N TYR B 1115 7.69 -36.93 12.26
CA TYR B 1115 8.39 -35.88 11.51
C TYR B 1115 7.47 -35.21 10.50
N HIS B 1116 6.65 -36.00 9.80
CA HIS B 1116 5.71 -35.43 8.84
C HIS B 1116 4.63 -34.60 9.53
N GLN B 1117 4.11 -35.07 10.68
CA GLN B 1117 3.12 -34.29 11.41
C GLN B 1117 3.72 -32.98 11.92
N LEU B 1118 4.94 -33.04 12.44
CA LEU B 1118 5.62 -31.83 12.91
CA LEU B 1118 5.58 -31.82 12.92
C LEU B 1118 5.80 -30.83 11.78
N ALA B 1119 6.22 -31.31 10.62
CA ALA B 1119 6.45 -30.42 9.48
C ALA B 1119 5.16 -29.71 9.08
N ALA B 1120 4.04 -30.45 8.99
CA ALA B 1120 2.77 -29.82 8.66
C ALA B 1120 2.37 -28.78 9.70
N ALA B 1121 2.56 -29.10 10.99
CA ALA B 1121 2.11 -28.18 12.04
C ALA B 1121 3.03 -26.95 12.12
N LEU B 1122 4.34 -27.15 12.02
CA LEU B 1122 5.27 -26.03 12.11
C LEU B 1122 5.15 -25.12 10.90
N ALA B 1123 4.94 -25.71 9.72
CA ALA B 1123 4.83 -24.91 8.50
C ALA B 1123 3.66 -23.94 8.55
N THR B 1124 2.63 -24.28 9.31
CA THR B 1124 1.45 -23.44 9.43
C THR B 1124 1.46 -22.62 10.72
N GLY B 1125 2.63 -22.51 11.35
CA GLY B 1125 2.85 -21.60 12.47
C GLY B 1125 2.46 -22.10 13.84
N ASN B 1126 2.10 -23.37 13.97
CA ASN B 1126 1.53 -23.88 15.21
C ASN B 1126 2.61 -24.42 16.15
N SER B 1127 2.25 -24.46 17.43
CA SER B 1127 2.96 -25.28 18.39
C SER B 1127 2.28 -26.65 18.43
N VAL B 1128 2.90 -27.61 19.11
CA VAL B 1128 2.38 -28.97 19.13
C VAL B 1128 2.44 -29.52 20.54
N ALA B 1129 1.51 -30.44 20.84
CA ALA B 1129 1.59 -31.31 21.99
C ALA B 1129 1.59 -32.74 21.46
N ILE B 1130 2.68 -33.48 21.71
CA ILE B 1130 2.84 -34.81 21.14
C ILE B 1130 2.42 -35.84 22.19
N ASP B 1131 1.62 -36.81 21.76
CA ASP B 1131 1.18 -37.89 22.65
C ASP B 1131 2.37 -38.65 23.19
N ALA B 1132 2.56 -38.60 24.51
CA ALA B 1132 3.70 -39.29 25.11
C ALA B 1132 3.57 -40.80 25.02
N ALA B 1133 2.35 -41.31 24.91
CA ALA B 1133 2.16 -42.75 24.83
C ALA B 1133 2.68 -43.34 23.52
N SER B 1134 3.03 -42.49 22.54
CA SER B 1134 3.67 -42.98 21.32
C SER B 1134 5.05 -43.55 21.58
N GLY B 1135 5.70 -43.18 22.69
CA GLY B 1135 7.02 -43.69 22.96
C GLY B 1135 8.10 -43.17 22.03
N LEU B 1136 7.86 -42.04 21.34
CA LEU B 1136 8.80 -41.58 20.32
C LEU B 1136 9.72 -40.46 20.82
N GLN B 1137 9.88 -40.32 22.15
CA GLN B 1137 10.63 -39.20 22.71
C GLN B 1137 12.06 -39.16 22.19
N ALA B 1138 12.69 -40.32 22.01
CA ALA B 1138 14.07 -40.36 21.56
C ALA B 1138 14.24 -39.88 20.13
N SER B 1139 13.15 -39.73 19.37
CA SER B 1139 13.25 -39.29 17.99
C SER B 1139 13.51 -37.80 17.87
N LEU B 1140 13.27 -37.03 18.93
CA LEU B 1140 13.53 -35.60 18.96
C LEU B 1140 14.77 -35.26 19.79
N LYS B 1141 15.70 -36.21 19.90
CA LYS B 1141 16.96 -35.94 20.58
C LYS B 1141 17.74 -34.88 19.82
N ASN B 1142 18.27 -33.90 20.56
CA ASN B 1142 19.13 -32.83 20.03
C ASN B 1142 18.37 -31.85 19.14
N LEU B 1143 17.07 -31.70 19.33
CA LEU B 1143 16.31 -30.71 18.59
C LEU B 1143 16.88 -29.31 18.82
N PRO B 1144 16.89 -28.46 17.79
CA PRO B 1144 17.20 -27.04 18.04
C PRO B 1144 16.22 -26.43 19.04
N GLN B 1145 16.76 -25.54 19.89
CA GLN B 1145 15.93 -24.81 20.85
C GLN B 1145 14.82 -24.04 20.13
N THR B 1146 15.11 -23.50 18.94
CA THR B 1146 14.07 -22.83 18.17
C THR B 1146 12.88 -23.74 17.95
N VAL B 1147 13.13 -25.01 17.65
CA VAL B 1147 12.03 -25.93 17.41
C VAL B 1147 11.48 -26.45 18.73
N GLY B 1148 12.36 -26.75 19.69
CA GLY B 1148 11.91 -27.25 20.98
C GLY B 1148 10.93 -26.34 21.69
N LEU B 1149 11.04 -25.02 21.47
CA LEU B 1149 10.12 -24.08 22.11
C LEU B 1149 8.68 -24.25 21.65
N ARG B 1150 8.47 -24.84 20.47
CA ARG B 1150 7.12 -25.10 19.96
C ARG B 1150 6.62 -26.50 20.30
N VAL B 1151 7.41 -27.31 21.00
CA VAL B 1151 7.12 -28.73 21.18
C VAL B 1151 6.91 -29.02 22.65
N SER B 1152 5.81 -29.68 22.97
CA SER B 1152 5.63 -30.27 24.29
C SER B 1152 5.14 -31.70 24.12
N TRP B 1153 5.30 -32.49 25.19
CA TRP B 1153 4.81 -33.85 25.22
C TRP B 1153 3.69 -33.94 26.25
N SER B 1154 2.61 -34.64 25.90
CA SER B 1154 1.43 -34.71 26.76
C SER B 1154 1.16 -36.14 27.17
N LYS B 1155 1.07 -36.38 28.48
CA LYS B 1155 0.61 -37.63 29.03
C LYS B 1155 -0.84 -37.53 29.50
N ASP B 1156 -1.52 -36.43 29.17
CA ASP B 1156 -2.86 -36.16 29.67
C ASP B 1156 -3.48 -35.12 28.72
N TRP B 1157 -4.12 -35.62 27.65
CA TRP B 1157 -4.59 -34.70 26.61
C TRP B 1157 -5.62 -33.72 27.15
N ALA B 1158 -6.55 -34.19 28.00
CA ALA B 1158 -7.62 -33.32 28.45
C ALA B 1158 -7.11 -32.24 29.39
N ALA B 1159 -6.07 -32.52 30.15
CA ALA B 1159 -5.52 -31.51 31.04
C ALA B 1159 -4.64 -30.50 30.32
N ASP B 1160 -4.10 -30.87 29.16
CA ASP B 1160 -3.08 -30.08 28.49
C ASP B 1160 -3.63 -29.24 27.34
N GLY B 1161 -4.91 -29.37 27.02
CA GLY B 1161 -5.57 -28.50 26.08
C GLY B 1161 -5.98 -27.17 26.68
N PRO B 1162 -6.80 -26.39 25.97
CA PRO B 1162 -7.42 -26.80 24.69
C PRO B 1162 -6.47 -26.77 23.50
N PHE B 1163 -6.70 -27.67 22.57
CA PHE B 1163 -5.96 -27.69 21.33
C PHE B 1163 -6.80 -27.01 20.25
N ALA B 1164 -6.21 -26.83 19.08
CA ALA B 1164 -6.92 -26.19 17.98
C ALA B 1164 -7.03 -27.09 16.76
N GLY B 1165 -6.73 -28.37 16.93
CA GLY B 1165 -6.75 -29.35 15.85
C GLY B 1165 -5.93 -30.54 16.25
N ALA B 1166 -5.95 -31.57 15.42
CA ALA B 1166 -5.23 -32.79 15.77
C ALA B 1166 -4.80 -33.51 14.51
N LEU B 1167 -3.61 -34.10 14.55
CA LEU B 1167 -3.10 -34.97 13.48
C LEU B 1167 -2.88 -36.34 14.07
N VAL B 1168 -3.43 -37.37 13.40
CA VAL B 1168 -3.40 -38.74 13.90
C VAL B 1168 -2.79 -39.66 12.86
N GLU B 1169 -1.94 -40.58 13.32
CA GLU B 1169 -1.35 -41.62 12.48
C GLU B 1169 -1.73 -42.98 13.06
N GLY B 1170 -2.25 -43.87 12.22
CA GLY B 1170 -2.55 -45.22 12.68
C GLY B 1170 -3.40 -45.98 11.69
N ASP B 1171 -3.60 -47.26 11.99
CA ASP B 1171 -4.55 -48.04 11.20
C ASP B 1171 -5.97 -47.69 11.61
N ALA B 1172 -6.95 -48.28 10.91
CA ALA B 1172 -8.35 -47.89 11.08
C ALA B 1172 -8.79 -47.96 12.53
N GLU B 1173 -8.48 -49.06 13.23
CA GLU B 1173 -8.99 -49.15 14.59
C GLU B 1173 -8.27 -48.17 15.52
N ARG B 1174 -6.99 -47.89 15.27
CA ARG B 1174 -6.29 -46.86 16.02
C ARG B 1174 -6.93 -45.50 15.80
N ILE B 1175 -7.25 -45.19 14.55
CA ILE B 1175 -7.89 -43.92 14.22
C ILE B 1175 -9.22 -43.78 14.95
N ARG B 1176 -10.05 -44.83 14.94
CA ARG B 1176 -11.35 -44.76 15.60
C ARG B 1176 -11.20 -44.53 17.11
N ALA B 1177 -10.26 -45.24 17.75
CA ALA B 1177 -10.11 -45.09 19.20
C ALA B 1177 -9.61 -43.69 19.55
N VAL B 1178 -8.68 -43.15 18.77
CA VAL B 1178 -8.19 -41.80 19.02
C VAL B 1178 -9.31 -40.79 18.77
N ASN B 1179 -10.06 -40.98 17.68
CA ASN B 1179 -11.14 -40.04 17.37
C ASN B 1179 -12.18 -40.02 18.48
N LYS B 1180 -12.53 -41.17 19.04
CA LYS B 1180 -13.45 -41.20 20.17
C LYS B 1180 -12.88 -40.46 21.38
N ALA B 1181 -11.57 -40.64 21.65
CA ALA B 1181 -10.97 -39.97 22.80
C ALA B 1181 -10.96 -38.45 22.61
N ILE B 1182 -10.73 -38.01 21.36
CA ILE B 1182 -10.72 -36.57 21.07
C ILE B 1182 -12.12 -35.98 21.23
N ALA B 1183 -13.15 -36.71 20.76
CA ALA B 1183 -14.51 -36.23 20.93
C ALA B 1183 -14.89 -36.05 22.39
N ALA B 1184 -14.23 -36.77 23.30
CA ALA B 1184 -14.52 -36.62 24.71
C ALA B 1184 -13.67 -35.57 25.41
N LEU B 1185 -12.83 -34.85 24.68
CA LEU B 1185 -12.04 -33.80 25.32
C LEU B 1185 -12.92 -32.62 25.66
N PRO B 1186 -12.70 -31.97 26.80
CA PRO B 1186 -13.48 -30.77 27.12
C PRO B 1186 -13.08 -29.62 26.22
N GLY B 1187 -14.00 -28.66 26.09
CA GLY B 1187 -13.71 -27.44 25.36
C GLY B 1187 -14.12 -27.50 23.90
N PRO B 1188 -13.28 -26.95 23.02
CA PRO B 1188 -13.67 -26.85 21.60
C PRO B 1188 -13.70 -28.19 20.90
N LEU B 1189 -14.49 -28.25 19.84
CA LEU B 1189 -14.51 -29.42 18.96
C LEU B 1189 -13.29 -29.36 18.05
N LEU B 1190 -12.46 -30.39 18.07
CA LEU B 1190 -11.23 -30.37 17.29
C LEU B 1190 -11.42 -30.88 15.86
N LEU B 1191 -10.83 -30.15 14.91
CA LEU B 1191 -10.76 -30.61 13.53
C LEU B 1191 -9.63 -31.64 13.43
N VAL B 1192 -10.01 -32.90 13.25
CA VAL B 1192 -9.08 -34.03 13.27
C VAL B 1192 -8.76 -34.45 11.83
N GLN B 1193 -7.46 -34.67 11.56
CA GLN B 1193 -7.00 -35.27 10.31
C GLN B 1193 -6.25 -36.56 10.64
N ALA B 1194 -6.56 -37.64 9.92
CA ALA B 1194 -5.94 -38.93 10.18
C ALA B 1194 -5.38 -39.53 8.90
N ALA B 1195 -4.35 -40.36 9.06
CA ALA B 1195 -3.69 -41.02 7.93
C ALA B 1195 -2.97 -42.25 8.45
N SER B 1196 -2.86 -43.26 7.58
CA SER B 1196 -2.03 -44.42 7.88
C SER B 1196 -0.57 -44.09 7.64
N SER B 1197 0.32 -44.90 8.25
CA SER B 1197 1.75 -44.78 7.96
C SER B 1197 2.01 -44.92 6.48
N GLY B 1198 1.34 -45.87 5.82
CA GLY B 1198 1.53 -46.03 4.40
C GLY B 1198 1.07 -44.82 3.61
N GLU B 1199 -0.05 -44.23 4.01
CA GLU B 1199 -0.56 -43.04 3.32
C GLU B 1199 0.42 -41.87 3.47
N ILE B 1200 1.01 -41.73 4.65
CA ILE B 1200 1.99 -40.66 4.86
C ILE B 1200 3.19 -40.83 3.94
N ALA B 1201 3.64 -42.07 3.75
CA ALA B 1201 4.79 -42.30 2.89
C ALA B 1201 4.45 -42.09 1.42
N ARG B 1202 3.22 -42.39 1.01
CA ARG B 1202 2.84 -42.36 -0.40
C ARG B 1202 2.27 -41.01 -0.83
N ASN B 1203 1.61 -40.30 0.06
CA ASN B 1203 0.84 -39.11 -0.30
C ASN B 1203 1.43 -37.88 0.36
N PRO B 1204 2.10 -36.99 -0.39
CA PRO B 1204 2.60 -35.75 0.21
C PRO B 1204 1.53 -34.87 0.82
N ASP B 1205 0.26 -35.06 0.45
CA ASP B 1205 -0.84 -34.28 1.00
C ASP B 1205 -1.72 -35.12 1.93
N ALA B 1206 -1.15 -36.15 2.57
CA ALA B 1206 -1.91 -36.93 3.55
C ALA B 1206 -2.53 -36.03 4.61
N TYR B 1207 -1.82 -35.00 5.04
CA TYR B 1207 -2.37 -33.99 5.92
C TYR B 1207 -2.53 -32.68 5.14
N CYS B 1208 -3.70 -32.08 5.23
CA CYS B 1208 -4.03 -30.89 4.46
C CYS B 1208 -3.72 -29.64 5.29
N LEU B 1209 -2.90 -28.75 4.74
CA LEU B 1209 -2.51 -27.55 5.48
C LEU B 1209 -3.63 -26.52 5.53
N ASN B 1210 -4.65 -26.66 4.68
CA ASN B 1210 -5.81 -25.76 4.75
C ASN B 1210 -6.41 -25.75 6.15
N TRP B 1211 -6.39 -26.89 6.84
CA TRP B 1211 -7.12 -27.00 8.09
C TRP B 1211 -6.25 -26.71 9.31
N LEU B 1212 -4.98 -26.38 9.09
CA LEU B 1212 -4.02 -26.08 10.15
C LEU B 1212 -3.76 -24.59 10.29
N VAL B 1213 -4.45 -23.75 9.53
CA VAL B 1213 -4.45 -22.31 9.72
C VAL B 1213 -5.84 -21.87 10.15
N GLU B 1214 -5.91 -20.68 10.75
CA GLU B 1214 -7.16 -20.08 11.19
C GLU B 1214 -7.44 -18.84 10.33
N GLU B 1215 -8.66 -18.77 9.81
CA GLU B 1215 -9.08 -17.61 9.04
C GLU B 1215 -9.56 -16.49 9.96
N VAL B 1216 -9.14 -15.26 9.68
CA VAL B 1216 -9.65 -14.09 10.40
C VAL B 1216 -10.13 -13.07 9.39
N SER B 1217 -11.36 -12.60 9.57
CA SER B 1217 -11.96 -11.55 8.75
C SER B 1217 -12.04 -10.27 9.58
N ALA B 1218 -11.69 -9.13 8.98
CA ALA B 1218 -11.80 -7.84 9.65
C ALA B 1218 -12.48 -6.84 8.73
N SER B 1219 -13.53 -6.19 9.23
CA SER B 1219 -14.26 -5.20 8.46
C SER B 1219 -14.10 -3.86 9.15
N ILE B 1220 -13.48 -2.90 8.44
CA ILE B 1220 -13.20 -1.56 9.00
C ILE B 1220 -14.07 -0.54 8.27
N ASN B 1221 -14.86 0.20 9.03
CA ASN B 1221 -15.65 1.31 8.47
C ASN B 1221 -14.73 2.52 8.32
N THR B 1222 -14.27 2.78 7.08
CA THR B 1222 -13.34 3.86 6.82
C THR B 1222 -14.03 5.20 6.59
N ALA B 1223 -15.36 5.23 6.66
CA ALA B 1223 -16.09 6.49 6.60
C ALA B 1223 -16.52 6.97 7.98
N ALA B 1224 -16.03 6.34 9.05
CA ALA B 1224 -16.52 6.66 10.39
C ALA B 1224 -16.19 8.10 10.81
N ALA B 1225 -15.16 8.71 10.22
CA ALA B 1225 -14.82 10.09 10.58
C ALA B 1225 -15.72 11.11 9.90
N GLY B 1226 -16.70 10.67 9.12
CA GLY B 1226 -17.70 11.55 8.55
C GLY B 1226 -17.61 11.73 7.06
N GLY B 1227 -16.70 11.04 6.39
CA GLY B 1227 -16.64 11.08 4.94
C GLY B 1227 -15.69 10.03 4.44
N ASN B 1228 -15.46 10.07 3.12
CA ASN B 1228 -14.73 9.02 2.41
C ASN B 1228 -13.54 9.64 1.71
N ALA B 1229 -12.33 9.32 2.20
CA ALA B 1229 -11.10 9.86 1.62
C ALA B 1229 -10.95 9.46 0.16
N SER B 1230 -11.16 8.17 -0.15
CA SER B 1230 -10.96 7.69 -1.52
C SER B 1230 -11.86 8.43 -2.50
N LEU B 1231 -13.15 8.60 -2.17
CA LEU B 1231 -14.05 9.26 -3.09
C LEU B 1231 -13.82 10.77 -3.18
N MET B 1232 -13.08 11.37 -2.24
CA MET B 1232 -12.66 12.76 -2.41
C MET B 1232 -11.87 12.95 -3.70
N ALA B 1233 -11.18 11.91 -4.15
CA ALA B 1233 -10.37 11.96 -5.36
C ALA B 1233 -11.08 11.46 -6.60
N ILE B 1234 -12.37 11.11 -6.51
CA ILE B 1234 -13.15 10.62 -7.63
C ILE B 1234 -14.19 11.67 -8.00
N GLY B 1235 -14.15 12.14 -9.24
CA GLY B 1235 -15.10 13.12 -9.73
C GLY B 1235 -15.39 12.97 -11.22
#